data_8TD3
#
_entry.id   8TD3
#
_cell.length_a   111.623
_cell.length_b   179.957
_cell.length_c   87.721
_cell.angle_alpha   90.00
_cell.angle_beta   106.86
_cell.angle_gamma   90.00
#
_symmetry.space_group_name_H-M   'C 1 2 1'
#
loop_
_entity.id
_entity.type
_entity.pdbx_description
1 polymer 'Pyrroline-5-carboxylate reductase 1, mitochondrial'
2 non-polymer '1,4-DIHYDRONICOTINAMIDE ADENINE DINUCLEOTIDE'
3 non-polymer '(2S)-oxane-2-carboxylic acid'
4 non-polymer DI(HYDROXYETHYL)ETHER
5 non-polymer 'TRIETHYLENE GLYCOL'
6 water water
#
_entity_poly.entity_id   1
_entity_poly.type   'polypeptide(L)'
_entity_poly.pdbx_seq_one_letter_code
;MHHHHHHSSGVDLGTENLYFQSMSVGFIGAGQLAFALAKGFTAAGVLAAHKIMASSPDMDLATVSALRKMGVKLTPHNKE
TVQHSDVLFLAVKPHIIPFILDEIGADIEDRHIVVSCAAGVTISSIEKKLSAFRPAPRVIRCMTNTPVVVREGATVYATG
THAQVEDGRLMEQLLSSVGFCTEVEEDLIDAVTGLSGSGPAYAFTALDALADGGVKMGLPRRLAVRLGAQALLGAAKMLL
HSEQHPGQLKDNVSSPGGATIHALHVLESGGFRSLLINAVEASCIRTRELQSMADQEQVSPAAIKKTILDKVKLDS
;
_entity_poly.pdbx_strand_id   A,B,C,D,E
#
loop_
_chem_comp.id
_chem_comp.type
_chem_comp.name
_chem_comp.formula
GJM non-polymer '(2S)-oxane-2-carboxylic acid' 'C6 H10 O3'
NAI non-polymer '1,4-DIHYDRONICOTINAMIDE ADENINE DINUCLEOTIDE' 'C21 H29 N7 O14 P2'
PEG non-polymer DI(HYDROXYETHYL)ETHER 'C4 H10 O3'
PGE non-polymer 'TRIETHYLENE GLYCOL' 'C6 H14 O4'
#
# COMPACT_ATOMS: atom_id res chain seq x y z
N ASN A 17 -3.36 10.61 36.95
CA ASN A 17 -3.28 11.98 37.44
C ASN A 17 -3.88 12.93 36.40
N LEU A 18 -3.67 12.61 35.13
CA LEU A 18 -4.37 13.32 34.07
C LEU A 18 -5.88 13.05 34.15
N TYR A 19 -6.24 11.82 34.54
CA TYR A 19 -7.65 11.50 34.78
C TYR A 19 -8.21 12.33 35.93
N PHE A 20 -7.44 12.48 37.01
CA PHE A 20 -7.86 13.31 38.15
C PHE A 20 -7.80 14.80 37.83
N GLN A 21 -7.24 15.18 36.68
CA GLN A 21 -7.32 16.56 36.23
C GLN A 21 -8.72 16.92 35.73
N SER A 22 -9.53 15.91 35.39
CA SER A 22 -10.92 16.14 34.96
C SER A 22 -10.97 17.09 33.78
N MET A 23 -10.14 16.80 32.78
CA MET A 23 -9.99 17.68 31.64
C MET A 23 -11.18 17.54 30.71
N SER A 24 -11.71 18.66 30.23
CA SER A 24 -12.71 18.64 29.19
C SER A 24 -12.02 18.80 27.85
N VAL A 25 -12.36 17.96 26.89
CA VAL A 25 -11.72 17.95 25.57
C VAL A 25 -12.79 18.15 24.52
N GLY A 26 -12.45 18.91 23.48
CA GLY A 26 -13.37 19.11 22.38
C GLY A 26 -12.69 18.82 21.07
N PHE A 27 -13.49 18.33 20.12
CA PHE A 27 -13.05 18.13 18.74
C PHE A 27 -13.94 18.97 17.85
N ILE A 28 -13.34 19.89 17.09
CA ILE A 28 -14.06 20.51 15.99
CA ILE A 28 -14.03 20.53 15.97
C ILE A 28 -13.86 19.60 14.78
N GLY A 29 -14.93 18.96 14.37
CA GLY A 29 -14.85 17.89 13.38
C GLY A 29 -15.12 16.61 14.16
N ALA A 30 -15.91 15.74 13.56
CA ALA A 30 -16.28 14.47 14.20
C ALA A 30 -16.08 13.33 13.22
N GLY A 31 -14.92 13.31 12.58
CA GLY A 31 -14.61 12.32 11.58
C GLY A 31 -13.64 11.25 12.02
N GLN A 32 -12.80 10.77 11.09
CA GLN A 32 -11.92 9.64 11.36
C GLN A 32 -10.93 9.95 12.48
N LEU A 33 -10.32 11.14 12.44
CA LEU A 33 -9.30 11.43 13.43
C LEU A 33 -9.91 11.65 14.81
N ALA A 34 -11.03 12.37 14.87
CA ALA A 34 -11.70 12.59 16.14
C ALA A 34 -12.09 11.27 16.78
N PHE A 35 -12.63 10.35 15.97
CA PHE A 35 -12.98 9.05 16.51
C PHE A 35 -11.73 8.31 16.98
N ALA A 36 -10.68 8.29 16.18
CA ALA A 36 -9.47 7.57 16.55
C ALA A 36 -8.89 8.09 17.86
N LEU A 37 -8.80 9.42 17.99
CA LEU A 37 -8.24 10.00 19.20
C LEU A 37 -9.16 9.78 20.40
N ALA A 38 -10.47 9.99 20.21
CA ALA A 38 -11.39 9.79 21.33
C ALA A 38 -11.36 8.35 21.81
N LYS A 39 -11.30 7.40 20.88
CA LYS A 39 -11.23 5.99 21.26
C LYS A 39 -9.94 5.69 22.01
N GLY A 40 -8.82 6.22 21.52
CA GLY A 40 -7.55 5.99 22.19
C GLY A 40 -7.52 6.57 23.59
N PHE A 41 -7.93 7.83 23.73
CA PHE A 41 -7.92 8.49 25.04
C PHE A 41 -8.79 7.75 26.04
N THR A 42 -9.98 7.31 25.61
CA THR A 42 -10.87 6.66 26.56
C THR A 42 -10.41 5.25 26.90
N ALA A 43 -9.85 4.54 25.91
CA ALA A 43 -9.23 3.24 26.18
C ALA A 43 -8.04 3.38 27.11
N ALA A 44 -7.29 4.49 26.99
CA ALA A 44 -6.17 4.74 27.88
C ALA A 44 -6.62 5.11 29.29
N GLY A 45 -7.91 5.42 29.48
CA GLY A 45 -8.36 5.87 30.78
C GLY A 45 -7.93 7.27 31.16
N VAL A 46 -7.46 8.07 30.21
CA VAL A 46 -7.07 9.44 30.57
C VAL A 46 -8.26 10.38 30.52
N LEU A 47 -9.27 10.08 29.71
CA LEU A 47 -10.45 10.90 29.59
C LEU A 47 -11.67 10.03 29.75
N ALA A 48 -12.71 10.57 30.39
CA ALA A 48 -14.02 9.95 30.32
C ALA A 48 -14.67 10.32 28.99
N ALA A 49 -15.32 9.34 28.35
CA ALA A 49 -15.95 9.60 27.06
C ALA A 49 -16.90 10.80 27.13
N HIS A 50 -17.67 10.91 28.22
CA HIS A 50 -18.65 11.99 28.31
C HIS A 50 -18.04 13.35 28.63
N LYS A 51 -16.72 13.41 28.85
CA LYS A 51 -16.01 14.68 28.99
C LYS A 51 -15.46 15.16 27.65
N ILE A 52 -15.70 14.41 26.59
CA ILE A 52 -15.35 14.80 25.23
C ILE A 52 -16.61 15.29 24.53
N MET A 53 -16.49 16.39 23.79
CA MET A 53 -17.56 16.89 22.95
C MET A 53 -17.00 17.04 21.55
N ALA A 54 -17.79 16.64 20.55
CA ALA A 54 -17.36 16.76 19.16
C ALA A 54 -18.47 17.41 18.36
N SER A 55 -18.10 18.24 17.39
CA SER A 55 -19.09 18.93 16.59
C SER A 55 -18.86 18.65 15.12
N SER A 56 -19.97 18.62 14.38
CA SER A 56 -19.93 18.38 12.94
C SER A 56 -21.24 18.90 12.37
N PRO A 57 -21.22 19.48 11.18
CA PRO A 57 -22.48 19.87 10.55
C PRO A 57 -23.22 18.68 9.94
N ASP A 58 -22.71 17.47 10.17
CA ASP A 58 -23.21 16.26 9.52
C ASP A 58 -23.20 15.13 10.55
N MET A 59 -24.37 14.79 11.09
CA MET A 59 -24.50 13.70 12.03
C MET A 59 -24.77 12.35 11.38
N ASP A 60 -25.04 12.32 10.07
CA ASP A 60 -25.27 11.04 9.40
C ASP A 60 -24.00 10.25 9.17
N LEU A 61 -22.84 10.77 9.58
CA LEU A 61 -21.59 10.06 9.36
C LEU A 61 -21.48 8.87 10.30
N ALA A 62 -20.77 7.84 9.84
CA ALA A 62 -20.55 6.66 10.65
C ALA A 62 -19.62 6.94 11.82
N THR A 63 -18.69 7.88 11.65
CA THR A 63 -17.83 8.27 12.76
C THR A 63 -18.64 8.93 13.88
N VAL A 64 -19.68 9.68 13.52
CA VAL A 64 -20.51 10.32 14.53
C VAL A 64 -21.30 9.28 15.31
N SER A 65 -21.81 8.26 14.63
CA SER A 65 -22.57 7.21 15.32
C SER A 65 -21.68 6.39 16.24
N ALA A 66 -20.42 6.15 15.82
CA ALA A 66 -19.48 5.48 16.70
C ALA A 66 -19.14 6.36 17.91
N LEU A 67 -18.93 7.66 17.69
CA LEU A 67 -18.66 8.54 18.82
C LEU A 67 -19.83 8.55 19.79
N ARG A 68 -21.06 8.62 19.26
CA ARG A 68 -22.24 8.64 20.12
C ARG A 68 -22.35 7.35 20.93
N LYS A 69 -22.00 6.22 20.32
CA LYS A 69 -22.05 4.95 21.03
C LYS A 69 -21.02 4.90 22.17
N MET A 70 -19.88 5.57 22.00
CA MET A 70 -18.85 5.64 23.05
C MET A 70 -19.33 6.43 24.26
N GLY A 71 -20.26 7.36 24.07
CA GLY A 71 -20.65 8.29 25.11
C GLY A 71 -20.11 9.69 24.93
N VAL A 72 -19.41 9.96 23.83
CA VAL A 72 -18.98 11.32 23.52
C VAL A 72 -20.20 12.21 23.28
N LYS A 73 -20.14 13.44 23.78
CA LYS A 73 -21.18 14.44 23.51
C LYS A 73 -21.06 14.95 22.08
N LEU A 74 -22.18 15.03 21.37
CA LEU A 74 -22.19 15.49 19.99
C LEU A 74 -23.10 16.71 19.84
N THR A 75 -22.66 17.66 19.03
CA THR A 75 -23.46 18.86 18.78
C THR A 75 -23.15 19.36 17.38
N PRO A 76 -24.10 19.98 16.69
CA PRO A 76 -23.78 20.62 15.42
C PRO A 76 -23.11 21.99 15.58
N HIS A 77 -23.01 22.51 16.80
CA HIS A 77 -22.57 23.89 17.05
C HIS A 77 -21.12 23.92 17.51
N ASN A 78 -20.23 24.43 16.64
CA ASN A 78 -18.82 24.51 17.01
C ASN A 78 -18.61 25.40 18.25
N LYS A 79 -19.45 26.42 18.45
CA LYS A 79 -19.32 27.26 19.64
C LYS A 79 -19.54 26.45 20.91
N GLU A 80 -20.48 25.51 20.89
CA GLU A 80 -20.70 24.68 22.07
C GLU A 80 -19.46 23.84 22.39
N THR A 81 -18.80 23.30 21.37
CA THR A 81 -17.57 22.55 21.62
C THR A 81 -16.50 23.44 22.24
N VAL A 82 -16.37 24.68 21.75
CA VAL A 82 -15.35 25.58 22.28
C VAL A 82 -15.63 25.89 23.76
N GLN A 83 -16.88 26.22 24.07
CA GLN A 83 -17.23 26.59 25.44
C GLN A 83 -17.07 25.42 26.39
N HIS A 84 -17.27 24.20 25.90
CA HIS A 84 -17.11 23.02 26.75
C HIS A 84 -15.64 22.71 27.03
N SER A 85 -14.77 22.97 26.05
CA SER A 85 -13.43 22.39 26.04
CA SER A 85 -13.43 22.39 26.03
C SER A 85 -12.43 23.20 26.86
N ASP A 86 -11.44 22.49 27.40
CA ASP A 86 -10.21 23.05 27.94
C ASP A 86 -9.08 22.93 26.93
N VAL A 87 -8.93 21.72 26.38
CA VAL A 87 -8.07 21.43 25.24
C VAL A 87 -8.97 21.25 24.03
N LEU A 88 -8.70 21.99 22.96
CA LEU A 88 -9.59 21.99 21.80
C LEU A 88 -8.79 21.50 20.60
N PHE A 89 -9.13 20.32 20.08
CA PHE A 89 -8.49 19.77 18.90
C PHE A 89 -9.21 20.26 17.65
N LEU A 90 -8.44 20.74 16.67
CA LEU A 90 -8.99 21.07 15.37
C LEU A 90 -8.81 19.85 14.47
N ALA A 91 -9.91 19.18 14.14
CA ALA A 91 -9.90 17.92 13.42
C ALA A 91 -10.79 18.01 12.17
N VAL A 92 -10.70 19.12 11.46
CA VAL A 92 -11.37 19.29 10.18
C VAL A 92 -10.31 19.27 9.09
N LYS A 93 -10.77 19.17 7.84
CA LYS A 93 -9.88 19.22 6.69
C LYS A 93 -9.12 20.55 6.66
N PRO A 94 -7.88 20.53 6.16
CA PRO A 94 -7.05 21.75 6.18
C PRO A 94 -7.72 22.98 5.58
N HIS A 95 -8.45 22.83 4.48
CA HIS A 95 -9.07 24.00 3.86
C HIS A 95 -10.26 24.53 4.65
N ILE A 96 -10.75 23.77 5.63
CA ILE A 96 -11.82 24.23 6.51
C ILE A 96 -11.28 24.96 7.74
N ILE A 97 -9.99 24.83 8.05
CA ILE A 97 -9.44 25.47 9.25
C ILE A 97 -9.68 26.98 9.25
N PRO A 98 -9.33 27.74 8.21
CA PRO A 98 -9.57 29.20 8.29
C PRO A 98 -11.03 29.55 8.48
N PHE A 99 -11.95 28.77 7.93
CA PHE A 99 -13.36 29.07 8.11
C PHE A 99 -13.77 28.90 9.57
N ILE A 100 -13.35 27.81 10.22
CA ILE A 100 -13.79 27.64 11.60
C ILE A 100 -13.04 28.61 12.53
N LEU A 101 -11.80 29.00 12.20
CA LEU A 101 -11.14 30.00 13.02
C LEU A 101 -11.87 31.35 12.95
N ASP A 102 -12.39 31.72 11.77
CA ASP A 102 -13.26 32.90 11.68
C ASP A 102 -14.50 32.74 12.55
N GLU A 103 -15.05 31.52 12.58
CA GLU A 103 -16.35 31.29 13.22
C GLU A 103 -16.25 31.34 14.73
N ILE A 104 -15.27 30.66 15.32
CA ILE A 104 -15.19 30.56 16.76
C ILE A 104 -14.02 31.34 17.33
N GLY A 105 -13.32 32.12 16.51
CA GLY A 105 -12.17 32.86 17.01
C GLY A 105 -12.51 33.76 18.19
N ALA A 106 -13.69 34.38 18.15
CA ALA A 106 -14.11 35.22 19.26
C ALA A 106 -14.39 34.42 20.52
N ASP A 107 -14.61 33.11 20.40
CA ASP A 107 -14.94 32.27 21.55
C ASP A 107 -13.73 31.62 22.20
N ILE A 108 -12.53 31.75 21.62
CA ILE A 108 -11.34 31.20 22.25
C ILE A 108 -10.97 32.07 23.45
N GLU A 109 -10.84 31.46 24.61
CA GLU A 109 -10.53 32.18 25.84
C GLU A 109 -9.08 31.95 26.25
N ASP A 110 -8.63 32.76 27.21
CA ASP A 110 -7.24 32.63 27.66
C ASP A 110 -6.94 31.25 28.22
N ARG A 111 -7.95 30.56 28.77
CA ARG A 111 -7.74 29.23 29.35
C ARG A 111 -7.54 28.14 28.30
N HIS A 112 -7.87 28.39 27.03
CA HIS A 112 -7.84 27.32 26.02
C HIS A 112 -6.42 26.97 25.58
N ILE A 113 -6.21 25.69 25.31
CA ILE A 113 -5.08 25.23 24.48
C ILE A 113 -5.69 24.74 23.18
N VAL A 114 -5.29 25.35 22.06
CA VAL A 114 -5.83 25.02 20.75
C VAL A 114 -4.82 24.12 20.06
N VAL A 115 -5.22 22.89 19.77
CA VAL A 115 -4.33 21.90 19.17
C VAL A 115 -4.82 21.62 17.75
N SER A 116 -4.08 22.11 16.75
CA SER A 116 -4.43 21.83 15.36
C SER A 116 -3.80 20.51 14.94
N CYS A 117 -4.63 19.60 14.43
CA CYS A 117 -4.16 18.35 13.85
C CYS A 117 -4.13 18.37 12.33
N ALA A 118 -4.53 19.49 11.72
CA ALA A 118 -4.72 19.54 10.28
C ALA A 118 -3.40 19.44 9.54
N ALA A 119 -3.37 18.61 8.51
CA ALA A 119 -2.17 18.46 7.70
C ALA A 119 -1.79 19.80 7.06
N GLY A 120 -0.51 20.16 7.16
CA GLY A 120 0.03 21.30 6.44
C GLY A 120 -0.21 22.67 7.06
N VAL A 121 -1.25 22.84 7.88
CA VAL A 121 -1.64 24.17 8.34
C VAL A 121 -0.65 24.68 9.38
N THR A 122 -0.10 25.87 9.16
CA THR A 122 0.97 26.36 10.00
C THR A 122 0.44 27.05 11.25
N ILE A 123 1.24 26.97 12.33
CA ILE A 123 0.98 27.73 13.54
C ILE A 123 0.80 29.19 13.21
N SER A 124 1.64 29.72 12.32
CA SER A 124 1.56 31.15 11.99
C SER A 124 0.19 31.51 11.40
N SER A 125 -0.37 30.66 10.53
CA SER A 125 -1.67 30.96 9.96
C SER A 125 -2.76 30.93 11.01
N ILE A 126 -2.63 30.02 11.98
CA ILE A 126 -3.64 29.91 13.04
C ILE A 126 -3.54 31.09 14.00
N GLU A 127 -2.33 31.45 14.41
CA GLU A 127 -2.17 32.54 15.36
C GLU A 127 -2.61 33.87 14.75
N LYS A 128 -2.34 34.08 13.47
CA LYS A 128 -2.76 35.33 12.82
C LYS A 128 -4.28 35.51 12.90
N LYS A 129 -5.04 34.44 12.63
CA LYS A 129 -6.50 34.50 12.77
C LYS A 129 -6.91 34.75 14.21
N LEU A 130 -6.41 33.95 15.15
CA LEU A 130 -6.90 34.01 16.52
C LEU A 130 -6.43 35.27 17.24
N SER A 131 -5.25 35.78 16.90
CA SER A 131 -4.73 36.98 17.56
C SER A 131 -5.57 38.22 17.26
N ALA A 132 -6.40 38.20 16.21
CA ALA A 132 -7.32 39.31 16.00
C ALA A 132 -8.37 39.41 17.10
N PHE A 133 -8.55 38.34 17.89
CA PHE A 133 -9.51 38.33 18.97
C PHE A 133 -8.76 38.45 20.29
N ARG A 134 -8.34 37.37 20.90
CA ARG A 134 -7.52 37.57 22.09
C ARG A 134 -6.03 37.63 21.70
N PRO A 135 -5.21 38.40 22.41
CA PRO A 135 -3.84 38.66 21.93
C PRO A 135 -2.85 37.52 22.08
N ALA A 136 -3.08 36.54 22.94
CA ALA A 136 -2.06 35.53 23.22
C ALA A 136 -2.63 34.11 23.12
N PRO A 137 -3.17 33.73 21.95
CA PRO A 137 -3.76 32.40 21.83
C PRO A 137 -2.70 31.33 22.00
N ARG A 138 -3.02 30.30 22.78
CA ARG A 138 -2.12 29.18 23.08
C ARG A 138 -2.33 28.09 22.06
N VAL A 139 -1.42 27.98 21.09
CA VAL A 139 -1.57 27.09 19.94
C VAL A 139 -0.47 26.05 19.97
N ILE A 140 -0.84 24.80 19.70
CA ILE A 140 0.08 23.70 19.47
C ILE A 140 -0.33 23.06 18.15
N ARG A 141 0.64 22.73 17.31
CA ARG A 141 0.40 21.99 16.07
C ARG A 141 0.86 20.55 16.25
N CYS A 142 0.04 19.61 15.83
CA CYS A 142 0.50 18.23 15.89
C CYS A 142 0.22 17.50 14.59
N MET A 143 0.93 16.39 14.42
CA MET A 143 0.65 15.42 13.37
C MET A 143 0.64 14.06 14.07
N THR A 144 -0.38 13.26 13.80
CA THR A 144 -0.52 11.97 14.47
C THR A 144 -0.94 10.98 13.39
N ASN A 145 -1.55 9.86 13.78
CA ASN A 145 -2.03 8.94 12.76
C ASN A 145 -3.12 8.06 13.37
N THR A 146 -3.83 7.33 12.50
CA THR A 146 -5.01 6.60 12.98
C THR A 146 -4.67 5.51 14.00
N PRO A 147 -3.46 4.91 14.04
CA PRO A 147 -3.20 3.91 15.09
C PRO A 147 -3.28 4.39 16.53
N VAL A 148 -3.53 5.68 16.79
CA VAL A 148 -3.89 6.07 18.15
C VAL A 148 -5.12 5.31 18.61
N VAL A 149 -5.94 4.81 17.68
CA VAL A 149 -7.15 4.07 18.03
C VAL A 149 -6.82 2.79 18.78
N VAL A 150 -5.64 2.21 18.56
CA VAL A 150 -5.15 1.07 19.33
C VAL A 150 -3.99 1.48 20.24
N ARG A 151 -3.87 2.77 20.55
CA ARG A 151 -2.85 3.32 21.45
C ARG A 151 -1.42 3.01 20.99
N GLU A 152 -1.22 2.96 19.67
CA GLU A 152 0.10 2.81 19.06
C GLU A 152 0.33 3.86 17.98
N GLY A 153 -0.17 5.07 18.22
CA GLY A 153 0.04 6.14 17.29
C GLY A 153 1.48 6.61 17.29
N ALA A 154 1.80 7.42 16.29
CA ALA A 154 3.08 8.12 16.17
C ALA A 154 2.75 9.60 16.05
N THR A 155 3.11 10.38 17.08
CA THR A 155 2.67 11.77 17.19
C THR A 155 3.86 12.69 17.38
N VAL A 156 3.88 13.80 16.65
CA VAL A 156 4.83 14.88 16.93
C VAL A 156 4.02 16.14 17.17
N TYR A 157 4.64 17.09 17.87
CA TYR A 157 3.99 18.38 18.09
C TYR A 157 5.03 19.48 18.16
N ALA A 158 4.61 20.69 17.81
CA ALA A 158 5.40 21.91 17.95
C ALA A 158 4.56 22.95 18.68
N THR A 159 5.19 23.69 19.59
CA THR A 159 4.50 24.68 20.39
C THR A 159 4.49 26.04 19.70
N GLY A 160 3.39 26.76 19.83
CA GLY A 160 3.26 28.07 19.25
C GLY A 160 3.91 29.16 20.08
N THR A 161 3.72 30.40 19.61
CA THR A 161 4.37 31.58 20.20
C THR A 161 4.00 31.77 21.67
N HIS A 162 2.75 31.49 22.02
CA HIS A 162 2.24 31.80 23.36
C HIS A 162 1.97 30.56 24.20
N ALA A 163 2.22 29.38 23.65
CA ALA A 163 2.02 28.15 24.41
C ALA A 163 3.02 28.11 25.56
N GLN A 164 2.51 27.90 26.77
CA GLN A 164 3.38 27.86 27.93
C GLN A 164 4.14 26.53 27.99
N VAL A 165 5.24 26.52 28.76
CA VAL A 165 6.02 25.29 28.89
C VAL A 165 5.15 24.16 29.41
N GLU A 166 4.26 24.47 30.36
CA GLU A 166 3.34 23.46 30.86
C GLU A 166 2.36 22.97 29.78
N ASP A 167 2.07 23.81 28.78
CA ASP A 167 1.16 23.40 27.70
C ASP A 167 1.77 22.29 26.87
N GLY A 168 3.04 22.43 26.47
CA GLY A 168 3.71 21.37 25.73
C GLY A 168 3.87 20.11 26.55
N ARG A 169 4.14 20.26 27.85
CA ARG A 169 4.25 19.09 28.72
C ARG A 169 2.92 18.38 28.87
N LEU A 170 1.83 19.12 29.03
CA LEU A 170 0.51 18.49 29.11
C LEU A 170 0.17 17.79 27.81
N MET A 171 0.44 18.42 26.69
CA MET A 171 0.19 17.83 25.37
CA MET A 171 0.10 17.76 25.44
C MET A 171 0.96 16.54 25.21
N GLU A 172 2.24 16.53 25.64
CA GLU A 172 3.03 15.32 25.48
C GLU A 172 2.52 14.21 26.38
N GLN A 173 2.11 14.53 27.60
CA GLN A 173 1.53 13.51 28.48
C GLN A 173 0.25 12.93 27.87
N LEU A 174 -0.62 13.81 27.37
CA LEU A 174 -1.88 13.36 26.78
C LEU A 174 -1.65 12.48 25.56
N LEU A 175 -0.85 12.94 24.61
CA LEU A 175 -0.70 12.14 23.41
CA LEU A 175 -0.64 12.19 23.38
C LEU A 175 0.23 10.95 23.61
N SER A 176 1.05 10.94 24.67
CA SER A 176 1.82 9.73 24.97
C SER A 176 0.94 8.60 25.46
N SER A 177 -0.28 8.92 25.92
CA SER A 177 -1.15 7.84 26.37
C SER A 177 -1.68 7.01 25.21
N VAL A 178 -1.56 7.48 23.98
CA VAL A 178 -2.08 6.74 22.83
C VAL A 178 -0.99 6.41 21.82
N GLY A 179 0.29 6.48 22.23
CA GLY A 179 1.38 6.08 21.36
C GLY A 179 2.66 6.86 21.65
N PHE A 180 3.58 6.80 20.69
CA PHE A 180 4.80 7.59 20.75
C PHE A 180 4.50 9.06 20.54
N CYS A 181 5.17 9.93 21.30
CA CYS A 181 4.97 11.36 21.16
C CYS A 181 6.26 12.10 21.45
N THR A 182 6.63 13.03 20.57
CA THR A 182 7.81 13.84 20.86
C THR A 182 7.63 15.24 20.27
N GLU A 183 8.28 16.21 20.91
CA GLU A 183 8.28 17.57 20.40
C GLU A 183 9.26 17.69 19.23
N VAL A 184 8.87 18.49 18.22
CA VAL A 184 9.73 18.79 17.07
C VAL A 184 9.64 20.28 16.74
N GLU A 185 10.63 20.76 16.01
CA GLU A 185 10.49 22.06 15.34
C GLU A 185 9.42 21.95 14.25
N GLU A 186 8.65 23.04 14.08
CA GLU A 186 7.52 22.98 13.16
C GLU A 186 7.94 22.63 11.74
N ASP A 187 9.15 23.02 11.34
CA ASP A 187 9.51 22.78 9.94
C ASP A 187 9.73 21.31 9.62
N LEU A 188 9.64 20.41 10.59
CA LEU A 188 9.69 18.99 10.31
C LEU A 188 8.32 18.36 10.09
N ILE A 189 7.23 19.07 10.40
CA ILE A 189 5.95 18.38 10.52
C ILE A 189 5.41 17.93 9.16
N ASP A 190 5.65 18.68 8.08
CA ASP A 190 5.16 18.22 6.78
C ASP A 190 5.85 16.91 6.37
N ALA A 191 7.14 16.78 6.67
CA ALA A 191 7.85 15.52 6.38
C ALA A 191 7.34 14.38 7.25
N VAL A 192 7.09 14.67 8.54
CA VAL A 192 6.46 13.65 9.40
C VAL A 192 5.14 13.21 8.79
N THR A 193 4.38 14.16 8.24
CA THR A 193 3.10 13.81 7.65
C THR A 193 3.26 12.77 6.54
N GLY A 194 4.26 12.95 5.68
CA GLY A 194 4.48 12.00 4.61
C GLY A 194 5.01 10.67 5.07
N LEU A 195 5.62 10.60 6.26
CA LEU A 195 6.20 9.35 6.76
C LEU A 195 5.20 8.63 7.65
N SER A 196 4.92 9.17 8.84
CA SER A 196 4.08 8.44 9.77
C SER A 196 2.60 8.84 9.70
N GLY A 197 2.29 10.03 9.21
CA GLY A 197 0.88 10.38 9.00
C GLY A 197 0.25 9.51 7.93
N SER A 198 0.84 9.50 6.72
CA SER A 198 0.38 8.67 5.63
C SER A 198 0.80 7.21 5.78
N GLY A 199 1.82 6.96 6.61
CA GLY A 199 2.41 5.65 6.81
C GLY A 199 1.49 4.46 6.95
N PRO A 200 0.45 4.55 7.79
CA PRO A 200 -0.44 3.38 7.92
C PRO A 200 -1.04 2.94 6.60
N ALA A 201 -1.34 3.87 5.70
CA ALA A 201 -1.87 3.49 4.39
C ALA A 201 -0.85 2.69 3.56
N TYR A 202 0.43 3.07 3.63
CA TYR A 202 1.46 2.27 2.95
C TYR A 202 1.49 0.87 3.52
N ALA A 203 1.35 0.77 4.86
CA ALA A 203 1.35 -0.52 5.52
C ALA A 203 0.13 -1.35 5.16
N PHE A 204 -1.05 -0.72 5.11
CA PHE A 204 -2.25 -1.48 4.75
C PHE A 204 -2.15 -2.00 3.32
N THR A 205 -1.61 -1.18 2.41
CA THR A 205 -1.39 -1.64 1.04
C THR A 205 -0.41 -2.83 1.02
N ALA A 206 0.69 -2.72 1.77
CA ALA A 206 1.67 -3.79 1.84
C ALA A 206 1.07 -5.07 2.41
N LEU A 207 0.27 -4.94 3.47
CA LEU A 207 -0.34 -6.13 4.08
C LEU A 207 -1.35 -6.80 3.15
N ASP A 208 -2.13 -6.01 2.42
CA ASP A 208 -3.03 -6.58 1.43
C ASP A 208 -2.25 -7.38 0.39
N ALA A 209 -1.14 -6.82 -0.08
CA ALA A 209 -0.35 -7.47 -1.12
C ALA A 209 0.38 -8.70 -0.59
N LEU A 210 0.96 -8.59 0.63
CA LEU A 210 1.60 -9.75 1.23
C LEU A 210 0.62 -10.90 1.40
N ALA A 211 -0.61 -10.57 1.80
CA ALA A 211 -1.65 -11.60 1.92
C ALA A 211 -1.95 -12.23 0.56
N ASP A 212 -2.08 -11.41 -0.48
CA ASP A 212 -2.24 -11.94 -1.84
C ASP A 212 -1.11 -12.89 -2.19
N GLY A 213 0.12 -12.54 -1.80
CA GLY A 213 1.23 -13.44 -2.02
C GLY A 213 1.08 -14.75 -1.27
N GLY A 214 0.66 -14.68 -0.01
CA GLY A 214 0.38 -15.91 0.73
C GLY A 214 -0.69 -16.74 0.07
N VAL A 215 -1.76 -16.10 -0.40
CA VAL A 215 -2.83 -16.82 -1.09
C VAL A 215 -2.31 -17.47 -2.37
N LYS A 216 -1.49 -16.74 -3.13
CA LYS A 216 -0.96 -17.33 -4.37
C LYS A 216 -0.18 -18.60 -4.09
N MET A 217 0.51 -18.67 -2.95
CA MET A 217 1.33 -19.83 -2.64
C MET A 217 0.58 -20.90 -1.84
N GLY A 218 -0.73 -20.75 -1.65
CA GLY A 218 -1.55 -21.81 -1.12
C GLY A 218 -2.14 -21.60 0.26
N LEU A 219 -1.95 -20.42 0.87
CA LEU A 219 -2.52 -20.13 2.19
C LEU A 219 -3.95 -19.59 2.08
N PRO A 220 -4.83 -20.01 3.00
CA PRO A 220 -6.12 -19.34 3.13
C PRO A 220 -5.93 -17.87 3.45
N ARG A 221 -6.83 -17.05 2.89
CA ARG A 221 -6.68 -15.60 3.02
CA ARG A 221 -6.72 -15.60 3.02
C ARG A 221 -6.66 -15.17 4.48
N ARG A 222 -7.54 -15.72 5.32
CA ARG A 222 -7.58 -15.28 6.71
C ARG A 222 -6.25 -15.53 7.41
N LEU A 223 -5.66 -16.71 7.21
CA LEU A 223 -4.35 -17.02 7.79
C LEU A 223 -3.27 -16.12 7.22
N ALA A 224 -3.28 -15.89 5.90
CA ALA A 224 -2.25 -15.04 5.29
C ALA A 224 -2.30 -13.60 5.83
N VAL A 225 -3.50 -13.05 6.01
CA VAL A 225 -3.64 -11.71 6.61
C VAL A 225 -3.07 -11.70 8.02
N ARG A 226 -3.46 -12.67 8.85
CA ARG A 226 -2.99 -12.74 10.23
C ARG A 226 -1.47 -12.85 10.30
N LEU A 227 -0.89 -13.71 9.46
CA LEU A 227 0.55 -13.96 9.50
C LEU A 227 1.35 -12.76 9.01
N GLY A 228 0.89 -12.14 7.91
CA GLY A 228 1.57 -10.96 7.39
C GLY A 228 1.53 -9.80 8.38
N ALA A 229 0.37 -9.57 8.98
CA ALA A 229 0.25 -8.47 9.94
C ALA A 229 1.09 -8.73 11.18
N GLN A 230 1.10 -9.98 11.66
CA GLN A 230 1.96 -10.31 12.80
C GLN A 230 3.43 -10.16 12.46
N ALA A 231 3.82 -10.54 11.24
CA ALA A 231 5.22 -10.38 10.81
C ALA A 231 5.64 -8.91 10.83
N LEU A 232 4.79 -8.03 10.31
CA LEU A 232 5.11 -6.61 10.28
CA LEU A 232 5.14 -6.62 10.28
C LEU A 232 5.16 -6.02 11.69
N LEU A 233 4.19 -6.39 12.53
CA LEU A 233 4.19 -5.89 13.91
C LEU A 233 5.45 -6.33 14.64
N GLY A 234 5.79 -7.61 14.54
CA GLY A 234 6.95 -8.12 15.24
C GLY A 234 8.24 -7.49 14.73
N ALA A 235 8.35 -7.33 13.41
CA ALA A 235 9.57 -6.71 12.87
C ALA A 235 9.70 -5.25 13.31
N ALA A 236 8.60 -4.52 13.27
CA ALA A 236 8.63 -3.12 13.74
C ALA A 236 9.03 -3.06 15.21
N LYS A 237 8.43 -3.93 16.04
CA LYS A 237 8.79 -3.91 17.45
C LYS A 237 10.27 -4.27 17.66
N MET A 238 10.79 -5.24 16.91
CA MET A 238 12.21 -5.57 17.01
C MET A 238 13.08 -4.35 16.77
N LEU A 239 12.78 -3.58 15.72
CA LEU A 239 13.60 -2.44 15.39
C LEU A 239 13.52 -1.38 16.48
N LEU A 240 12.32 -1.16 17.05
CA LEU A 240 12.15 -0.16 18.08
C LEU A 240 12.88 -0.55 19.37
N HIS A 241 13.06 -1.84 19.61
CA HIS A 241 13.75 -2.31 20.81
C HIS A 241 15.20 -2.68 20.56
N SER A 242 15.69 -2.47 19.33
CA SER A 242 17.05 -2.79 18.95
C SER A 242 17.86 -1.51 18.83
N GLU A 243 19.16 -1.63 19.06
CA GLU A 243 20.09 -0.56 18.71
C GLU A 243 20.71 -0.76 17.34
N GLN A 244 20.41 -1.88 16.69
CA GLN A 244 21.05 -2.25 15.43
C GLN A 244 20.33 -1.60 14.25
N HIS A 245 21.10 -1.44 13.19
CA HIS A 245 20.58 -0.91 11.93
C HIS A 245 19.59 -1.91 11.31
N PRO A 246 18.52 -1.42 10.66
CA PRO A 246 17.61 -2.34 9.98
C PRO A 246 18.31 -3.27 9.01
N GLY A 247 19.40 -2.81 8.38
CA GLY A 247 20.14 -3.70 7.49
C GLY A 247 20.75 -4.87 8.23
N GLN A 248 21.20 -4.65 9.47
CA GLN A 248 21.73 -5.75 10.27
C GLN A 248 20.64 -6.73 10.67
N LEU A 249 19.48 -6.22 11.11
CA LEU A 249 18.39 -7.15 11.41
C LEU A 249 18.01 -7.94 10.16
N LYS A 250 17.99 -7.29 9.01
CA LYS A 250 17.72 -8.00 7.77
C LYS A 250 18.77 -9.08 7.52
N ASP A 251 20.04 -8.76 7.72
CA ASP A 251 21.11 -9.75 7.53
C ASP A 251 20.93 -10.98 8.43
N ASN A 252 20.34 -10.80 9.62
CA ASN A 252 20.14 -11.92 10.55
C ASN A 252 19.04 -12.88 10.09
N VAL A 253 18.17 -12.45 9.18
CA VAL A 253 17.10 -13.33 8.71
C VAL A 253 17.64 -14.32 7.67
N SER A 254 18.44 -13.83 6.73
CA SER A 254 18.66 -14.55 5.48
C SER A 254 19.91 -15.44 5.58
N SER A 255 19.71 -16.73 5.39
CA SER A 255 20.86 -17.62 5.31
CA SER A 255 20.84 -17.64 5.30
C SER A 255 21.45 -17.60 3.91
N PRO A 256 22.75 -17.86 3.79
CA PRO A 256 23.38 -17.91 2.46
C PRO A 256 22.67 -18.90 1.54
N GLY A 257 22.39 -18.44 0.31
CA GLY A 257 21.69 -19.22 -0.69
C GLY A 257 20.22 -19.44 -0.41
N GLY A 258 19.68 -18.86 0.66
CA GLY A 258 18.39 -19.27 1.18
C GLY A 258 17.17 -18.53 0.62
N ALA A 259 16.03 -18.82 1.25
CA ALA A 259 14.74 -18.33 0.77
C ALA A 259 14.65 -16.81 0.87
N THR A 260 15.06 -16.25 2.00
CA THR A 260 14.88 -14.81 2.22
C THR A 260 15.71 -13.98 1.25
N ILE A 261 16.97 -14.35 1.04
CA ILE A 261 17.82 -13.54 0.15
C ILE A 261 17.32 -13.64 -1.29
N HIS A 262 16.71 -14.76 -1.68
CA HIS A 262 16.08 -14.82 -3.00
C HIS A 262 14.90 -13.85 -3.10
N ALA A 263 14.08 -13.77 -2.04
CA ALA A 263 12.96 -12.83 -2.05
C ALA A 263 13.44 -11.38 -2.00
N LEU A 264 14.49 -11.09 -1.24
CA LEU A 264 15.00 -9.73 -1.19
C LEU A 264 15.50 -9.30 -2.56
N HIS A 265 16.08 -10.23 -3.32
CA HIS A 265 16.55 -9.87 -4.66
C HIS A 265 15.39 -9.40 -5.53
N VAL A 266 14.25 -10.10 -5.51
CA VAL A 266 13.16 -9.69 -6.40
C VAL A 266 12.57 -8.36 -5.95
N LEU A 267 12.61 -8.05 -4.65
CA LEU A 267 12.23 -6.70 -4.21
C LEU A 267 13.18 -5.67 -4.78
N GLU A 268 14.49 -5.90 -4.67
CA GLU A 268 15.46 -4.94 -5.20
C GLU A 268 15.27 -4.76 -6.71
N SER A 269 15.01 -5.85 -7.44
CA SER A 269 14.91 -5.72 -8.89
C SER A 269 13.73 -4.85 -9.31
N GLY A 270 12.69 -4.75 -8.48
CA GLY A 270 11.58 -3.86 -8.75
C GLY A 270 11.74 -2.45 -8.21
N GLY A 271 12.88 -2.12 -7.60
CA GLY A 271 13.03 -0.80 -7.02
C GLY A 271 12.16 -0.53 -5.81
N PHE A 272 11.90 -1.57 -5.02
CA PHE A 272 11.01 -1.52 -3.87
C PHE A 272 11.34 -0.34 -2.95
N ARG A 273 12.63 -0.20 -2.62
CA ARG A 273 13.05 0.91 -1.75
C ARG A 273 12.68 2.25 -2.36
N SER A 274 12.96 2.42 -3.65
CA SER A 274 12.68 3.71 -4.27
C SER A 274 11.19 4.04 -4.24
N LEU A 275 10.32 3.04 -4.26
CA LEU A 275 8.88 3.30 -4.26
C LEU A 275 8.44 3.89 -2.93
N LEU A 276 9.02 3.39 -1.84
CA LEU A 276 8.67 3.92 -0.51
C LEU A 276 9.22 5.32 -0.32
N ILE A 277 10.42 5.58 -0.84
CA ILE A 277 10.94 6.95 -0.83
C ILE A 277 10.01 7.86 -1.64
N ASN A 278 9.63 7.40 -2.84
CA ASN A 278 8.67 8.14 -3.68
C ASN A 278 7.42 8.50 -2.91
N ALA A 279 6.90 7.54 -2.13
CA ALA A 279 5.64 7.74 -1.40
C ALA A 279 5.79 8.83 -0.35
N VAL A 280 6.83 8.73 0.49
CA VAL A 280 7.02 9.74 1.53
C VAL A 280 7.16 11.12 0.89
N GLU A 281 7.96 11.21 -0.17
CA GLU A 281 8.14 12.47 -0.89
C GLU A 281 6.83 13.01 -1.44
N ALA A 282 6.04 12.14 -2.08
CA ALA A 282 4.80 12.59 -2.71
C ALA A 282 3.83 13.11 -1.66
N SER A 283 3.73 12.42 -0.53
CA SER A 283 2.82 12.88 0.53
C SER A 283 3.29 14.20 1.13
N CYS A 284 4.60 14.32 1.40
CA CYS A 284 5.14 15.57 1.93
C CYS A 284 4.96 16.73 0.95
N ILE A 285 5.28 16.51 -0.33
CA ILE A 285 5.18 17.60 -1.30
C ILE A 285 3.72 18.03 -1.48
N ARG A 286 2.79 17.07 -1.51
CA ARG A 286 1.38 17.44 -1.64
C ARG A 286 0.92 18.23 -0.42
N THR A 287 1.40 17.85 0.77
CA THR A 287 1.09 18.61 1.98
C THR A 287 1.57 20.05 1.85
N ARG A 288 2.82 20.23 1.39
CA ARG A 288 3.39 21.57 1.25
C ARG A 288 2.68 22.38 0.17
N GLU A 289 2.36 21.75 -0.97
CA GLU A 289 1.76 22.51 -2.07
CA GLU A 289 1.77 22.51 -2.06
C GLU A 289 0.32 22.91 -1.76
N LEU A 290 -0.40 22.09 -0.99
CA LEU A 290 -1.74 22.48 -0.58
C LEU A 290 -1.69 23.69 0.33
N GLN A 291 -0.74 23.69 1.27
CA GLN A 291 -0.64 24.83 2.19
C GLN A 291 -0.17 26.08 1.47
N SER A 292 0.69 25.93 0.46
CA SER A 292 1.10 27.08 -0.34
C SER A 292 -0.11 27.70 -1.03
N MET A 293 -1.00 26.86 -1.58
CA MET A 293 -2.23 27.37 -2.17
C MET A 293 -3.07 28.10 -1.12
N ALA A 294 -3.17 27.52 0.09
CA ALA A 294 -3.96 28.14 1.15
C ALA A 294 -3.35 29.48 1.56
N ASP A 295 -2.02 29.53 1.68
CA ASP A 295 -1.34 30.78 2.00
C ASP A 295 -1.55 31.83 0.91
N GLN A 296 -1.68 31.38 -0.35
CA GLN A 296 -1.96 32.32 -1.43
C GLN A 296 -3.40 32.83 -1.43
N GLU A 297 -4.33 32.07 -0.84
CA GLU A 297 -5.74 32.44 -0.84
C GLU A 297 -6.12 33.36 0.33
N TYR B 19 3.99 -21.67 33.47
CA TYR B 19 5.29 -22.25 33.81
C TYR B 19 5.28 -23.78 33.70
N PHE B 20 6.20 -24.32 32.91
CA PHE B 20 6.38 -25.76 32.75
C PHE B 20 7.51 -26.18 33.70
N GLN B 21 7.14 -26.54 34.92
CA GLN B 21 8.13 -26.76 35.97
C GLN B 21 9.07 -27.92 35.60
N SER B 22 8.51 -29.04 35.15
CA SER B 22 9.28 -30.25 34.91
C SER B 22 9.79 -30.37 33.48
N MET B 23 9.91 -29.26 32.76
CA MET B 23 10.30 -29.29 31.35
C MET B 23 11.72 -28.76 31.17
N SER B 24 12.57 -29.57 30.55
CA SER B 24 13.90 -29.15 30.12
C SER B 24 13.87 -28.99 28.60
N VAL B 25 14.36 -27.86 28.12
CA VAL B 25 14.36 -27.55 26.69
C VAL B 25 15.82 -27.51 26.22
N GLY B 26 16.06 -28.03 25.03
CA GLY B 26 17.38 -27.98 24.44
C GLY B 26 17.32 -27.48 23.02
N PHE B 27 18.42 -26.85 22.60
CA PHE B 27 18.57 -26.36 21.23
C PHE B 27 19.80 -27.02 20.62
N ILE B 28 19.62 -27.74 19.51
CA ILE B 28 20.75 -28.12 18.67
C ILE B 28 20.99 -26.96 17.72
N GLY B 29 22.13 -26.30 17.87
CA GLY B 29 22.36 -25.03 17.20
C GLY B 29 22.25 -23.91 18.23
N ALA B 30 23.10 -22.91 18.15
CA ALA B 30 23.05 -21.80 19.09
C ALA B 30 23.25 -20.48 18.35
N GLY B 31 22.51 -20.31 17.25
CA GLY B 31 22.58 -19.15 16.39
C GLY B 31 21.44 -18.18 16.61
N GLN B 32 21.01 -17.54 15.52
CA GLN B 32 20.03 -16.46 15.61
C GLN B 32 18.70 -16.96 16.16
N LEU B 33 18.22 -18.09 15.65
CA LEU B 33 16.91 -18.56 16.06
C LEU B 33 16.94 -19.11 17.50
N ALA B 34 17.96 -19.89 17.85
CA ALA B 34 18.06 -20.38 19.22
C ALA B 34 18.10 -19.23 20.21
N PHE B 35 18.89 -18.19 19.92
CA PHE B 35 18.89 -17.03 20.80
C PHE B 35 17.51 -16.38 20.86
N ALA B 36 16.89 -16.17 19.68
CA ALA B 36 15.61 -15.47 19.65
C ALA B 36 14.57 -16.19 20.49
N LEU B 37 14.50 -17.52 20.36
CA LEU B 37 13.50 -18.30 21.10
C LEU B 37 13.85 -18.36 22.59
N ALA B 38 15.13 -18.59 22.92
CA ALA B 38 15.51 -18.64 24.33
C ALA B 38 15.25 -17.31 25.03
N LYS B 39 15.58 -16.21 24.35
CA LYS B 39 15.30 -14.89 24.91
C LYS B 39 13.82 -14.66 25.08
N GLY B 40 13.03 -15.05 24.07
CA GLY B 40 11.57 -14.93 24.19
C GLY B 40 11.00 -15.76 25.31
N PHE B 41 11.39 -17.05 25.39
CA PHE B 41 10.88 -17.92 26.45
C PHE B 41 11.24 -17.40 27.84
N THR B 42 12.50 -16.96 28.02
CA THR B 42 12.89 -16.51 29.35
C THR B 42 12.21 -15.21 29.71
N ALA B 43 12.09 -14.28 28.74
CA ALA B 43 11.36 -13.04 29.00
C ALA B 43 9.90 -13.31 29.32
N ALA B 44 9.31 -14.32 28.69
CA ALA B 44 7.92 -14.69 28.97
C ALA B 44 7.77 -15.29 30.36
N GLY B 45 8.85 -15.74 30.98
CA GLY B 45 8.78 -16.41 32.26
C GLY B 45 8.33 -17.85 32.21
N VAL B 46 8.17 -18.42 31.01
CA VAL B 46 7.71 -19.80 30.94
C VAL B 46 8.86 -20.80 31.16
N LEU B 47 10.10 -20.39 30.92
CA LEU B 47 11.27 -21.20 31.19
C LEU B 47 12.30 -20.39 31.95
N ALA B 48 12.94 -21.04 32.92
CA ALA B 48 14.14 -20.47 33.52
C ALA B 48 15.33 -20.78 32.62
N ALA B 49 16.24 -19.81 32.49
CA ALA B 49 17.36 -19.96 31.57
C ALA B 49 18.21 -21.19 31.89
N HIS B 50 18.33 -21.55 33.17
CA HIS B 50 19.18 -22.69 33.50
C HIS B 50 18.54 -24.03 33.13
N LYS B 51 17.24 -24.05 32.85
CA LYS B 51 16.58 -25.24 32.34
C LYS B 51 16.68 -25.35 30.82
N ILE B 52 17.46 -24.47 30.19
CA ILE B 52 17.68 -24.48 28.75
C ILE B 52 19.14 -24.80 28.50
N MET B 53 19.39 -25.71 27.56
CA MET B 53 20.74 -26.04 27.11
C MET B 53 20.80 -25.83 25.61
N ALA B 54 21.94 -25.34 25.12
CA ALA B 54 22.16 -25.15 23.70
C ALA B 54 23.55 -25.66 23.33
N SER B 55 23.67 -26.29 22.17
CA SER B 55 24.96 -26.81 21.72
C SER B 55 25.33 -26.24 20.35
N SER B 56 26.64 -26.12 20.13
CA SER B 56 27.16 -25.54 18.91
C SER B 56 28.62 -25.94 18.78
N PRO B 57 29.10 -26.26 17.57
CA PRO B 57 30.53 -26.53 17.36
C PRO B 57 31.38 -25.27 17.34
N ASP B 58 30.79 -24.08 17.50
CA ASP B 58 31.52 -22.83 17.51
C ASP B 58 31.00 -21.96 18.65
N MET B 59 31.79 -21.85 19.71
CA MET B 59 31.44 -21.03 20.86
C MET B 59 31.89 -19.59 20.72
N ASP B 60 32.28 -19.16 19.53
CA ASP B 60 32.80 -17.81 19.30
C ASP B 60 31.76 -16.90 18.67
N LEU B 61 30.49 -17.28 18.73
CA LEU B 61 29.41 -16.50 18.16
C LEU B 61 28.87 -15.51 19.19
N ALA B 62 28.45 -14.35 18.71
CA ALA B 62 27.78 -13.40 19.58
C ALA B 62 26.51 -13.99 20.18
N THR B 63 25.81 -14.83 19.42
CA THR B 63 24.63 -15.51 19.94
C THR B 63 24.99 -16.44 21.09
N VAL B 64 26.13 -17.13 20.99
CA VAL B 64 26.57 -17.98 22.10
C VAL B 64 26.88 -17.12 23.32
N SER B 65 27.57 -16.00 23.12
CA SER B 65 27.90 -15.12 24.25
C SER B 65 26.63 -14.58 24.91
N ALA B 66 25.65 -14.19 24.09
CA ALA B 66 24.39 -13.68 24.62
C ALA B 66 23.65 -14.75 25.41
N LEU B 67 23.61 -15.98 24.89
CA LEU B 67 22.98 -17.08 25.62
C LEU B 67 23.69 -17.32 26.96
N ARG B 68 25.02 -17.28 26.97
CA ARG B 68 25.75 -17.48 28.22
C ARG B 68 25.38 -16.42 29.25
N LYS B 69 25.28 -15.16 28.83
CA LYS B 69 24.90 -14.08 29.73
C LYS B 69 23.48 -14.25 30.28
N MET B 70 22.58 -14.85 29.49
CA MET B 70 21.23 -15.11 29.98
C MET B 70 21.19 -16.17 31.07
N GLY B 71 22.22 -17.02 31.16
CA GLY B 71 22.21 -18.15 32.05
C GLY B 71 21.94 -19.49 31.38
N VAL B 72 21.82 -19.53 30.05
CA VAL B 72 21.58 -20.77 29.33
C VAL B 72 22.83 -21.65 29.40
N LYS B 73 22.63 -22.95 29.65
CA LYS B 73 23.75 -23.88 29.69
C LYS B 73 24.24 -24.15 28.28
N LEU B 74 25.56 -24.10 28.09
CA LEU B 74 26.16 -24.26 26.77
C LEU B 74 27.09 -25.46 26.78
N THR B 75 27.08 -26.22 25.68
CA THR B 75 27.98 -27.35 25.51
C THR B 75 28.32 -27.49 24.05
N PRO B 76 29.52 -27.97 23.72
CA PRO B 76 29.81 -28.28 22.30
C PRO B 76 29.17 -29.56 21.81
N HIS B 77 28.65 -30.40 22.70
CA HIS B 77 28.27 -31.77 22.36
C HIS B 77 26.76 -31.89 22.27
N ASN B 78 26.29 -32.21 21.05
CA ASN B 78 24.85 -32.37 20.80
C ASN B 78 24.26 -33.49 21.65
N LYS B 79 25.03 -34.54 21.94
CA LYS B 79 24.50 -35.63 22.74
C LYS B 79 24.17 -35.18 24.17
N GLU B 80 24.91 -34.21 24.70
CA GLU B 80 24.58 -33.70 26.03
C GLU B 80 23.27 -32.92 26.01
N THR B 81 23.05 -32.11 24.97
CA THR B 81 21.76 -31.43 24.82
C THR B 81 20.61 -32.42 24.81
N VAL B 82 20.76 -33.52 24.06
CA VAL B 82 19.72 -34.55 23.99
C VAL B 82 19.49 -35.16 25.37
N GLN B 83 20.56 -35.56 26.05
CA GLN B 83 20.42 -36.21 27.35
C GLN B 83 19.83 -35.26 28.39
N HIS B 84 20.04 -33.95 28.25
CA HIS B 84 19.48 -32.98 29.18
C HIS B 84 18.01 -32.69 28.91
N SER B 85 17.58 -32.79 27.67
CA SER B 85 16.34 -32.14 27.24
C SER B 85 15.17 -33.09 27.22
N ASP B 86 13.97 -32.52 27.39
CA ASP B 86 12.70 -33.16 27.09
C ASP B 86 12.18 -32.71 25.72
N VAL B 87 12.12 -31.39 25.51
CA VAL B 87 11.75 -30.81 24.23
C VAL B 87 13.05 -30.39 23.55
N LEU B 88 13.28 -30.87 22.33
CA LEU B 88 14.55 -30.65 21.64
C LEU B 88 14.27 -29.86 20.37
N PHE B 89 14.67 -28.59 20.35
CA PHE B 89 14.54 -27.77 19.15
C PHE B 89 15.74 -28.00 18.22
N LEU B 90 15.46 -28.27 16.95
CA LEU B 90 16.52 -28.34 15.94
C LEU B 90 16.62 -26.96 15.28
N ALA B 91 17.70 -26.26 15.58
CA ALA B 91 17.90 -24.86 15.20
C ALA B 91 19.21 -24.71 14.41
N VAL B 92 19.47 -25.68 13.54
CA VAL B 92 20.58 -25.64 12.62
C VAL B 92 20.03 -25.38 11.23
N LYS B 93 20.94 -25.00 10.32
CA LYS B 93 20.55 -24.81 8.92
C LYS B 93 20.00 -26.11 8.34
N PRO B 94 19.11 -26.01 7.34
CA PRO B 94 18.41 -27.22 6.86
C PRO B 94 19.34 -28.33 6.37
N HIS B 95 20.42 -27.99 5.68
CA HIS B 95 21.31 -29.04 5.18
C HIS B 95 22.11 -29.72 6.29
N ILE B 96 22.12 -29.17 7.50
CA ILE B 96 22.77 -29.80 8.64
C ILE B 96 21.84 -30.80 9.34
N ILE B 97 20.52 -30.65 9.17
CA ILE B 97 19.56 -31.53 9.86
C ILE B 97 19.88 -33.00 9.68
N PRO B 98 20.07 -33.54 8.45
CA PRO B 98 20.31 -34.99 8.35
C PRO B 98 21.56 -35.46 9.07
N PHE B 99 22.61 -34.63 9.14
CA PHE B 99 23.79 -35.00 9.90
C PHE B 99 23.49 -35.03 11.41
N ILE B 100 22.75 -34.03 11.89
CA ILE B 100 22.34 -33.98 13.29
C ILE B 100 21.54 -35.23 13.66
N LEU B 101 20.60 -35.62 12.79
CA LEU B 101 19.73 -36.75 13.12
C LEU B 101 20.51 -38.05 13.16
N ASP B 102 21.49 -38.20 12.27
CA ASP B 102 22.35 -39.38 12.33
C ASP B 102 23.23 -39.37 13.57
N GLU B 103 23.62 -38.17 14.04
CA GLU B 103 24.52 -38.09 15.18
C GLU B 103 23.82 -38.49 16.47
N ILE B 104 22.61 -37.96 16.72
CA ILE B 104 21.96 -38.19 18.01
C ILE B 104 20.74 -39.09 17.90
N GLY B 105 20.50 -39.69 16.73
CA GLY B 105 19.34 -40.55 16.57
C GLY B 105 19.29 -41.69 17.58
N ALA B 106 20.44 -42.30 17.87
CA ALA B 106 20.49 -43.38 18.85
C ALA B 106 20.23 -42.89 20.28
N ASP B 107 20.24 -41.59 20.51
CA ASP B 107 20.05 -41.04 21.84
C ASP B 107 18.62 -40.55 22.08
N ILE B 108 17.78 -40.52 21.04
CA ILE B 108 16.39 -40.14 21.25
C ILE B 108 15.71 -41.17 22.13
N GLU B 109 14.98 -40.70 23.13
CA GLU B 109 14.26 -41.55 24.05
C GLU B 109 12.75 -41.38 23.85
N ASP B 110 11.98 -42.23 24.52
CA ASP B 110 10.53 -42.13 24.44
C ASP B 110 10.03 -40.77 24.89
N ARG B 111 10.73 -40.14 25.85
CA ARG B 111 10.26 -38.90 26.44
C ARG B 111 10.44 -37.69 25.52
N HIS B 112 11.25 -37.80 24.47
CA HIS B 112 11.61 -36.63 23.68
C HIS B 112 10.49 -36.21 22.74
N ILE B 113 10.30 -34.90 22.64
CA ILE B 113 9.59 -34.28 21.52
C ILE B 113 10.63 -33.53 20.72
N VAL B 114 10.79 -33.92 19.45
CA VAL B 114 11.74 -33.27 18.56
C VAL B 114 10.98 -32.21 17.77
N VAL B 115 11.38 -30.94 17.91
CA VAL B 115 10.73 -29.83 17.23
C VAL B 115 11.70 -29.29 16.20
N SER B 116 11.45 -29.55 14.93
CA SER B 116 12.32 -29.03 13.88
C SER B 116 11.85 -27.64 13.47
N CYS B 117 12.77 -26.67 13.54
CA CYS B 117 12.50 -25.31 13.10
C CYS B 117 13.07 -25.03 11.72
N ALA B 118 13.72 -26.02 11.10
CA ALA B 118 14.50 -25.79 9.89
C ALA B 118 13.58 -25.54 8.71
N ALA B 119 13.89 -24.51 7.93
CA ALA B 119 13.09 -24.19 6.75
C ALA B 119 13.10 -25.36 5.77
N GLY B 120 11.91 -25.69 5.25
CA GLY B 120 11.77 -26.68 4.20
C GLY B 120 11.79 -28.14 4.63
N VAL B 121 12.40 -28.48 5.76
CA VAL B 121 12.68 -29.88 6.06
C VAL B 121 11.39 -30.59 6.48
N THR B 122 11.07 -31.69 5.81
CA THR B 122 9.78 -32.31 6.02
C THR B 122 9.77 -33.22 7.24
N ILE B 123 8.59 -33.34 7.85
CA ILE B 123 8.39 -34.30 8.93
C ILE B 123 8.77 -35.71 8.46
N SER B 124 8.36 -36.06 7.24
CA SER B 124 8.68 -37.37 6.68
C SER B 124 10.18 -37.65 6.72
N SER B 125 11.00 -36.69 6.28
CA SER B 125 12.45 -36.92 6.23
C SER B 125 13.02 -37.10 7.63
N ILE B 126 12.53 -36.33 8.60
CA ILE B 126 13.01 -36.45 9.98
C ILE B 126 12.62 -37.79 10.56
N GLU B 127 11.35 -38.18 10.40
CA GLU B 127 10.89 -39.45 10.96
C GLU B 127 11.62 -40.63 10.32
N LYS B 128 11.94 -40.54 9.03
CA LYS B 128 12.64 -41.64 8.38
C LYS B 128 14.03 -41.85 8.99
N LYS B 129 14.75 -40.76 9.25
CA LYS B 129 16.07 -40.84 9.88
C LYS B 129 15.97 -41.40 11.30
N LEU B 130 15.07 -40.84 12.12
CA LEU B 130 15.05 -41.23 13.53
C LEU B 130 14.47 -42.62 13.72
N SER B 131 13.54 -43.03 12.84
CA SER B 131 12.91 -44.34 13.00
C SER B 131 13.90 -45.47 12.77
N ALA B 132 15.00 -45.22 12.08
CA ALA B 132 16.01 -46.27 11.92
C ALA B 132 16.65 -46.66 13.25
N PHE B 133 16.58 -45.78 14.26
CA PHE B 133 17.16 -46.04 15.57
C PHE B 133 16.15 -46.51 16.59
N ARG B 134 14.95 -45.93 16.58
CA ARG B 134 13.96 -46.21 17.59
C ARG B 134 12.64 -45.90 16.91
N PRO B 135 11.70 -46.83 16.88
CA PRO B 135 10.41 -46.55 16.26
C PRO B 135 9.65 -45.46 17.02
N ALA B 136 8.70 -44.87 16.34
CA ALA B 136 7.77 -43.88 16.88
C ALA B 136 8.41 -42.62 17.47
N PRO B 137 9.35 -41.95 16.78
CA PRO B 137 9.80 -40.65 17.29
C PRO B 137 8.67 -39.62 17.25
N ARG B 138 8.60 -38.80 18.30
CA ARG B 138 7.59 -37.75 18.42
C ARG B 138 8.14 -36.48 17.78
N VAL B 139 7.63 -36.12 16.61
CA VAL B 139 8.21 -35.05 15.80
C VAL B 139 7.15 -33.97 15.58
N ILE B 140 7.56 -32.71 15.73
CA ILE B 140 6.73 -31.57 15.38
C ILE B 140 7.57 -30.67 14.50
N ARG B 141 6.98 -30.15 13.43
CA ARG B 141 7.66 -29.20 12.56
C ARG B 141 7.08 -27.81 12.78
N CYS B 142 7.94 -26.81 12.94
CA CYS B 142 7.40 -25.47 13.05
C CYS B 142 8.12 -24.54 12.09
N MET B 143 7.46 -23.41 11.82
CA MET B 143 8.09 -22.26 11.19
C MET B 143 7.74 -21.07 12.06
N THR B 144 8.75 -20.28 12.41
CA THR B 144 8.52 -19.12 13.28
C THR B 144 9.29 -17.96 12.65
N ASN B 145 9.64 -16.96 13.45
CA ASN B 145 10.44 -15.86 12.91
C ASN B 145 11.17 -15.16 14.06
N THR B 146 12.10 -14.28 13.68
CA THR B 146 12.96 -13.68 14.71
C THR B 146 12.21 -12.82 15.73
N PRO B 147 11.05 -12.18 15.43
CA PRO B 147 10.39 -11.38 16.46
C PRO B 147 9.89 -12.15 17.66
N VAL B 148 10.07 -13.47 17.73
CA VAL B 148 9.87 -14.13 19.02
C VAL B 148 10.78 -13.52 20.08
N VAL B 149 11.91 -12.92 19.67
CA VAL B 149 12.83 -12.29 20.62
C VAL B 149 12.17 -11.13 21.38
N VAL B 150 11.14 -10.51 20.81
CA VAL B 150 10.33 -9.50 21.51
C VAL B 150 8.92 -10.02 21.77
N ARG B 151 8.76 -11.35 21.79
CA ARG B 151 7.50 -12.02 22.09
C ARG B 151 6.37 -11.55 21.16
N GLU B 152 6.69 -11.25 19.91
CA GLU B 152 5.70 -10.96 18.88
C GLU B 152 5.97 -11.78 17.63
N GLY B 153 6.36 -13.04 17.81
CA GLY B 153 6.58 -13.92 16.69
C GLY B 153 5.29 -14.33 16.01
N ALA B 154 5.45 -14.94 14.84
CA ALA B 154 4.35 -15.55 14.10
C ALA B 154 4.78 -16.99 13.84
N THR B 155 4.10 -17.95 14.48
CA THR B 155 4.54 -19.33 14.44
C THR B 155 3.41 -20.23 13.98
N VAL B 156 3.72 -21.21 13.13
CA VAL B 156 2.80 -22.29 12.80
C VAL B 156 3.52 -23.60 13.09
N TYR B 157 2.74 -24.65 13.34
CA TYR B 157 3.36 -25.95 13.57
C TYR B 157 2.46 -27.05 13.02
N ALA B 158 3.09 -28.17 12.68
CA ALA B 158 2.37 -29.37 12.25
C ALA B 158 2.87 -30.56 13.06
N THR B 159 1.95 -31.44 13.42
CA THR B 159 2.29 -32.59 14.25
C THR B 159 2.65 -33.79 13.37
N GLY B 160 3.65 -34.56 13.81
CA GLY B 160 4.09 -35.72 13.08
C GLY B 160 3.24 -36.95 13.35
N THR B 161 3.68 -38.05 12.75
CA THR B 161 2.91 -39.30 12.77
C THR B 161 2.68 -39.82 14.18
N HIS B 162 3.69 -39.71 15.05
CA HIS B 162 3.66 -40.32 16.37
C HIS B 162 3.53 -39.30 17.49
N ALA B 163 3.32 -38.03 17.15
CA ALA B 163 3.10 -37.02 18.17
C ALA B 163 1.76 -37.26 18.85
N GLN B 164 1.76 -37.30 20.18
CA GLN B 164 0.51 -37.44 20.90
C GLN B 164 -0.24 -36.11 20.89
N VAL B 165 -1.55 -36.18 21.16
CA VAL B 165 -2.39 -34.97 21.16
C VAL B 165 -1.85 -33.96 22.16
N GLU B 166 -1.39 -34.43 23.32
CA GLU B 166 -0.83 -33.52 24.32
C GLU B 166 0.43 -32.85 23.83
N ASP B 167 1.19 -33.51 22.94
CA ASP B 167 2.41 -32.91 22.40
C ASP B 167 2.12 -31.63 21.64
N GLY B 168 1.10 -31.64 20.78
CA GLY B 168 0.77 -30.44 20.03
C GLY B 168 0.24 -29.33 20.93
N ARG B 169 -0.57 -29.70 21.92
CA ARG B 169 -1.08 -28.70 22.86
C ARG B 169 0.06 -28.09 23.67
N LEU B 170 1.02 -28.92 24.09
CA LEU B 170 2.15 -28.42 24.85
C LEU B 170 2.99 -27.47 24.01
N MET B 171 3.23 -27.84 22.75
CA MET B 171 4.02 -26.96 21.91
CA MET B 171 3.98 -27.00 21.82
C MET B 171 3.28 -25.66 21.60
N GLU B 172 1.96 -25.70 21.45
CA GLU B 172 1.25 -24.46 21.20
C GLU B 172 1.26 -23.55 22.43
N GLN B 173 1.16 -24.13 23.63
CA GLN B 173 1.26 -23.33 24.84
C GLN B 173 2.61 -22.64 24.93
N LEU B 174 3.68 -23.37 24.59
CA LEU B 174 5.02 -22.81 24.71
C LEU B 174 5.27 -21.73 23.68
N LEU B 175 4.93 -22.00 22.41
CA LEU B 175 5.20 -21.01 21.37
CA LEU B 175 5.19 -21.02 21.37
C LEU B 175 4.21 -19.85 21.42
N SER B 176 3.02 -20.03 21.99
CA SER B 176 2.12 -18.91 22.17
C SER B 176 2.64 -17.90 23.17
N SER B 177 3.61 -18.30 24.01
CA SER B 177 4.17 -17.34 24.96
C SER B 177 5.07 -16.31 24.30
N VAL B 178 5.47 -16.53 23.04
CA VAL B 178 6.38 -15.62 22.36
C VAL B 178 5.77 -15.05 21.07
N GLY B 179 4.46 -15.20 20.88
CA GLY B 179 3.77 -14.59 19.76
C GLY B 179 2.55 -15.40 19.35
N PHE B 180 2.05 -15.10 18.15
CA PHE B 180 0.94 -15.85 17.58
C PHE B 180 1.40 -17.27 17.28
N CYS B 181 0.56 -18.25 17.59
CA CYS B 181 0.87 -19.65 17.25
C CYS B 181 -0.41 -20.38 16.88
N THR B 182 -0.36 -21.15 15.79
CA THR B 182 -1.50 -21.98 15.42
C THR B 182 -1.03 -23.23 14.70
N GLU B 183 -1.78 -24.30 14.83
CA GLU B 183 -1.52 -25.53 14.08
C GLU B 183 -1.96 -25.38 12.63
N VAL B 184 -1.17 -25.94 11.70
CA VAL B 184 -1.52 -26.02 10.29
C VAL B 184 -1.23 -27.43 9.78
N GLU B 185 -1.83 -27.76 8.64
CA GLU B 185 -1.37 -28.90 7.86
C GLU B 185 0.04 -28.61 7.33
N GLU B 186 0.87 -29.66 7.27
CA GLU B 186 2.27 -29.42 6.93
C GLU B 186 2.42 -28.85 5.52
N ASP B 187 1.49 -29.14 4.62
CA ASP B 187 1.69 -28.64 3.26
C ASP B 187 1.51 -27.12 3.15
N LEU B 188 1.11 -26.42 4.22
CA LEU B 188 1.12 -24.96 4.20
C LEU B 188 2.45 -24.35 4.65
N ILE B 189 3.36 -25.13 5.22
CA ILE B 189 4.45 -24.48 5.96
C ILE B 189 5.45 -23.77 5.03
N ASP B 190 5.72 -24.32 3.83
CA ASP B 190 6.67 -23.63 2.95
C ASP B 190 6.12 -22.27 2.51
N ALA B 191 4.81 -22.17 2.31
CA ALA B 191 4.21 -20.86 2.01
C ALA B 191 4.28 -19.93 3.22
N VAL B 192 4.01 -20.45 4.43
CA VAL B 192 4.17 -19.63 5.62
C VAL B 192 5.61 -19.12 5.70
N THR B 193 6.57 -19.99 5.36
CA THR B 193 7.98 -19.56 5.35
C THR B 193 8.18 -18.33 4.48
N GLY B 194 7.57 -18.31 3.30
CA GLY B 194 7.75 -17.18 2.40
C GLY B 194 7.07 -15.92 2.86
N LEU B 195 6.08 -16.04 3.74
CA LEU B 195 5.29 -14.89 4.17
C LEU B 195 5.78 -14.37 5.50
N SER B 196 5.59 -15.13 6.59
CA SER B 196 6.00 -14.63 7.90
C SER B 196 7.40 -15.05 8.33
N GLY B 197 7.95 -16.13 7.78
CA GLY B 197 9.33 -16.45 8.09
C GLY B 197 10.29 -15.42 7.51
N SER B 198 10.22 -15.20 6.20
CA SER B 198 11.00 -14.15 5.54
C SER B 198 10.44 -12.74 5.77
N GLY B 199 9.16 -12.63 6.13
CA GLY B 199 8.50 -11.35 6.32
C GLY B 199 9.26 -10.24 7.05
N PRO B 200 9.86 -10.54 8.20
CA PRO B 200 10.61 -9.47 8.90
C PRO B 200 11.64 -8.78 8.01
N ALA B 201 12.31 -9.54 7.13
CA ALA B 201 13.30 -8.95 6.24
C ALA B 201 12.66 -7.99 5.23
N TYR B 202 11.47 -8.32 4.73
CA TYR B 202 10.73 -7.37 3.90
C TYR B 202 10.45 -6.10 4.68
N ALA B 203 10.03 -6.26 5.94
CA ALA B 203 9.73 -5.11 6.80
C ALA B 203 10.97 -4.27 7.06
N PHE B 204 12.12 -4.92 7.35
CA PHE B 204 13.33 -4.16 7.62
C PHE B 204 13.77 -3.38 6.39
N THR B 205 13.66 -3.99 5.21
CA THR B 205 13.93 -3.30 3.95
C THR B 205 13.02 -2.09 3.79
N ALA B 206 11.73 -2.29 4.04
CA ALA B 206 10.75 -1.21 3.90
C ALA B 206 11.03 -0.10 4.89
N LEU B 207 11.42 -0.46 6.12
CA LEU B 207 11.66 0.57 7.14
C LEU B 207 12.92 1.37 6.81
N ASP B 208 13.97 0.70 6.31
CA ASP B 208 15.16 1.42 5.86
C ASP B 208 14.81 2.44 4.78
N ALA B 209 14.01 2.01 3.79
CA ALA B 209 13.63 2.89 2.69
C ALA B 209 12.71 4.01 3.13
N LEU B 210 11.72 3.70 3.98
CA LEU B 210 10.86 4.76 4.50
C LEU B 210 11.66 5.81 5.27
N ALA B 211 12.65 5.35 6.06
CA ALA B 211 13.50 6.31 6.78
C ALA B 211 14.30 7.17 5.80
N ASP B 212 14.83 6.56 4.74
CA ASP B 212 15.49 7.32 3.68
C ASP B 212 14.56 8.38 3.10
N GLY B 213 13.28 8.03 2.91
CA GLY B 213 12.30 9.01 2.45
C GLY B 213 12.12 10.16 3.43
N GLY B 214 12.03 9.84 4.73
CA GLY B 214 11.96 10.90 5.73
C GLY B 214 13.17 11.80 5.70
N VAL B 215 14.37 11.20 5.59
CA VAL B 215 15.61 11.97 5.52
C VAL B 215 15.62 12.87 4.29
N LYS B 216 15.17 12.34 3.14
CA LYS B 216 15.13 13.17 1.93
C LYS B 216 14.25 14.40 2.15
N MET B 217 13.16 14.24 2.90
CA MET B 217 12.25 15.34 3.11
C MET B 217 12.61 16.19 4.33
N GLY B 218 13.74 15.94 4.98
CA GLY B 218 14.25 16.85 6.00
C GLY B 218 14.30 16.30 7.42
N LEU B 219 13.91 15.05 7.65
CA LEU B 219 13.94 14.51 9.02
C LEU B 219 15.32 13.97 9.36
N PRO B 220 15.75 14.12 10.61
CA PRO B 220 16.92 13.38 11.09
C PRO B 220 16.67 11.89 11.00
N ARG B 221 17.75 11.14 10.71
CA ARG B 221 17.60 9.71 10.49
CA ARG B 221 17.64 9.70 10.50
C ARG B 221 17.02 9.00 11.71
N ARG B 222 17.49 9.34 12.92
CA ARG B 222 17.00 8.66 14.12
C ARG B 222 15.49 8.84 14.27
N LEU B 223 15.01 10.06 14.08
CA LEU B 223 13.56 10.30 14.19
C LEU B 223 12.80 9.57 13.08
N ALA B 224 13.35 9.58 11.85
CA ALA B 224 12.65 8.94 10.75
C ALA B 224 12.51 7.45 10.99
N VAL B 225 13.56 6.81 11.51
CA VAL B 225 13.49 5.39 11.81
C VAL B 225 12.43 5.11 12.88
N ARG B 226 12.41 5.93 13.92
CA ARG B 226 11.46 5.74 15.02
C ARG B 226 10.03 5.90 14.52
N LEU B 227 9.77 6.94 13.72
CA LEU B 227 8.41 7.20 13.25
C LEU B 227 7.95 6.15 12.26
N GLY B 228 8.83 5.77 11.32
CA GLY B 228 8.48 4.73 10.37
C GLY B 228 8.15 3.42 11.04
N ALA B 229 8.98 3.01 12.00
CA ALA B 229 8.73 1.75 12.69
C ALA B 229 7.45 1.82 13.53
N GLN B 230 7.21 2.95 14.19
CA GLN B 230 5.98 3.10 14.96
C GLN B 230 4.76 3.09 14.04
N ALA B 231 4.87 3.69 12.85
CA ALA B 231 3.74 3.71 11.92
C ALA B 231 3.40 2.29 11.48
N LEU B 232 4.42 1.50 11.16
CA LEU B 232 4.14 0.14 10.71
CA LEU B 232 4.18 0.13 10.72
C LEU B 232 3.61 -0.71 11.84
N LEU B 233 4.19 -0.59 13.04
CA LEU B 233 3.68 -1.33 14.20
C LEU B 233 2.22 -0.99 14.45
N GLY B 234 1.90 0.30 14.50
CA GLY B 234 0.54 0.69 14.77
C GLY B 234 -0.44 0.19 13.73
N ALA B 235 -0.06 0.28 12.46
CA ALA B 235 -0.95 -0.16 11.39
C ALA B 235 -1.20 -1.66 11.46
N ALA B 236 -0.14 -2.42 11.69
CA ALA B 236 -0.29 -3.87 11.86
C ALA B 236 -1.20 -4.21 13.03
N LYS B 237 -1.04 -3.52 14.16
CA LYS B 237 -1.92 -3.75 15.30
C LYS B 237 -3.37 -3.40 14.97
N MET B 238 -3.58 -2.28 14.26
CA MET B 238 -4.94 -1.92 13.84
C MET B 238 -5.58 -3.04 13.05
N LEU B 239 -4.86 -3.60 12.09
CA LEU B 239 -5.42 -4.67 11.28
C LEU B 239 -5.70 -5.90 12.12
N LEU B 240 -4.78 -6.26 13.01
CA LEU B 240 -4.98 -7.44 13.85
C LEU B 240 -6.20 -7.29 14.76
N HIS B 241 -6.50 -6.08 15.21
CA HIS B 241 -7.61 -5.86 16.14
C HIS B 241 -8.87 -5.40 15.45
N SER B 242 -8.88 -5.30 14.13
CA SER B 242 -10.04 -4.88 13.37
C SER B 242 -10.66 -6.06 12.64
N GLU B 243 -11.98 -6.04 12.52
CA GLU B 243 -12.69 -6.99 11.67
C GLU B 243 -12.84 -6.47 10.24
N GLN B 244 -12.06 -5.46 9.87
CA GLN B 244 -12.20 -4.79 8.59
C GLN B 244 -11.07 -5.16 7.64
N HIS B 245 -11.36 -5.03 6.36
CA HIS B 245 -10.40 -5.33 5.32
C HIS B 245 -9.30 -4.27 5.30
N PRO B 246 -8.04 -4.66 5.03
CA PRO B 246 -6.98 -3.65 4.93
C PRO B 246 -7.30 -2.50 3.97
N GLY B 247 -8.06 -2.77 2.90
CA GLY B 247 -8.47 -1.70 2.01
C GLY B 247 -9.37 -0.68 2.69
N GLN B 248 -10.25 -1.13 3.59
CA GLN B 248 -11.11 -0.19 4.29
C GLN B 248 -10.30 0.67 5.25
N LEU B 249 -9.38 0.06 5.98
CA LEU B 249 -8.51 0.85 6.85
C LEU B 249 -7.72 1.84 6.02
N LYS B 250 -7.26 1.43 4.84
CA LYS B 250 -6.57 2.32 3.92
C LYS B 250 -7.47 3.49 3.52
N ASP B 251 -8.73 3.20 3.17
CA ASP B 251 -9.66 4.25 2.78
C ASP B 251 -9.85 5.30 3.87
N ASN B 252 -9.76 4.91 5.15
CA ASN B 252 -9.95 5.85 6.27
C ASN B 252 -8.81 6.86 6.41
N VAL B 253 -7.62 6.55 5.89
CA VAL B 253 -6.50 7.47 6.04
C VAL B 253 -6.59 8.61 5.02
N SER B 254 -6.91 8.29 3.77
CA SER B 254 -6.80 9.26 2.70
C SER B 254 -7.99 10.21 2.67
N SER B 255 -7.72 11.51 2.77
CA SER B 255 -8.73 12.49 2.44
C SER B 255 -8.77 12.69 0.92
N PRO B 256 -9.95 12.98 0.37
CA PRO B 256 -10.03 13.30 -1.06
C PRO B 256 -9.06 14.40 -1.44
N GLY B 257 -8.33 14.18 -2.53
CA GLY B 257 -7.35 15.10 -3.02
C GLY B 257 -6.11 15.23 -2.17
N GLY B 258 -5.97 14.44 -1.11
CA GLY B 258 -5.00 14.70 -0.06
C GLY B 258 -3.63 14.08 -0.28
N ALA B 259 -2.80 14.23 0.77
CA ALA B 259 -1.41 13.78 0.71
C ALA B 259 -1.31 12.27 0.56
N THR B 260 -2.11 11.53 1.32
CA THR B 260 -1.97 10.07 1.34
C THR B 260 -2.34 9.45 -0.01
N ILE B 261 -3.44 9.90 -0.61
CA ILE B 261 -3.87 9.32 -1.89
C ILE B 261 -2.86 9.65 -2.98
N HIS B 262 -2.20 10.82 -2.90
CA HIS B 262 -1.12 11.10 -3.84
C HIS B 262 0.04 10.12 -3.67
N ALA B 263 0.40 9.79 -2.43
CA ALA B 263 1.48 8.84 -2.19
C ALA B 263 1.08 7.44 -2.64
N LEU B 264 -0.17 7.04 -2.36
CA LEU B 264 -0.61 5.71 -2.77
C LEU B 264 -0.53 5.56 -4.29
N HIS B 265 -0.85 6.62 -5.02
CA HIS B 265 -0.76 6.55 -6.47
C HIS B 265 0.66 6.23 -6.92
N VAL B 266 1.68 6.89 -6.34
CA VAL B 266 3.04 6.59 -6.79
C VAL B 266 3.46 5.19 -6.40
N LEU B 267 2.97 4.64 -5.28
CA LEU B 267 3.20 3.22 -5.01
C LEU B 267 2.57 2.34 -6.10
N GLU B 268 1.32 2.62 -6.47
CA GLU B 268 0.66 1.81 -7.49
C GLU B 268 1.41 1.89 -8.81
N SER B 269 1.90 3.09 -9.16
CA SER B 269 2.54 3.26 -10.47
C SER B 269 3.82 2.44 -10.58
N GLY B 270 4.47 2.15 -9.45
CA GLY B 270 5.63 1.30 -9.45
C GLY B 270 5.34 -0.18 -9.27
N GLY B 271 4.07 -0.57 -9.23
CA GLY B 271 3.73 -1.97 -9.02
C GLY B 271 4.08 -2.49 -7.64
N PHE B 272 3.99 -1.63 -6.63
CA PHE B 272 4.39 -1.96 -5.26
C PHE B 272 3.78 -3.27 -4.79
N ARG B 273 2.46 -3.45 -5.02
CA ARG B 273 1.80 -4.68 -4.61
C ARG B 273 2.44 -5.90 -5.24
N SER B 274 2.71 -5.82 -6.55
CA SER B 274 3.25 -7.00 -7.24
C SER B 274 4.62 -7.39 -6.69
N LEU B 275 5.40 -6.41 -6.21
CA LEU B 275 6.74 -6.74 -5.70
C LEU B 275 6.64 -7.59 -4.44
N LEU B 276 5.68 -7.27 -3.57
CA LEU B 276 5.51 -8.06 -2.35
C LEU B 276 4.98 -9.45 -2.66
N ILE B 277 4.09 -9.58 -3.64
CA ILE B 277 3.66 -10.89 -4.12
C ILE B 277 4.88 -11.66 -4.66
N ASN B 278 5.68 -10.99 -5.49
CA ASN B 278 6.91 -11.59 -6.01
C ASN B 278 7.78 -12.13 -4.89
N ALA B 279 7.91 -11.38 -3.79
CA ALA B 279 8.79 -11.77 -2.69
C ALA B 279 8.32 -13.05 -2.02
N VAL B 280 7.04 -13.08 -1.61
CA VAL B 280 6.50 -14.26 -0.96
C VAL B 280 6.65 -15.48 -1.87
N GLU B 281 6.32 -15.32 -3.15
CA GLU B 281 6.47 -16.39 -4.12
C GLU B 281 7.92 -16.84 -4.21
N ALA B 282 8.86 -15.88 -4.29
CA ALA B 282 10.26 -16.28 -4.48
C ALA B 282 10.79 -17.02 -3.27
N SER B 283 10.43 -16.58 -2.07
CA SER B 283 10.89 -17.25 -0.86
C SER B 283 10.29 -18.65 -0.75
N CYS B 284 8.98 -18.78 -1.01
CA CYS B 284 8.31 -20.08 -0.98
C CYS B 284 8.91 -21.03 -2.02
N ILE B 285 9.06 -20.57 -3.26
CA ILE B 285 9.57 -21.46 -4.31
C ILE B 285 11.01 -21.90 -3.99
N ARG B 286 11.84 -20.98 -3.51
CA ARG B 286 13.21 -21.35 -3.16
C ARG B 286 13.22 -22.39 -2.05
N THR B 287 12.35 -22.22 -1.04
CA THR B 287 12.22 -23.20 0.02
C THR B 287 11.87 -24.58 -0.53
N ARG B 288 10.88 -24.63 -1.43
CA ARG B 288 10.50 -25.91 -2.04
C ARG B 288 11.63 -26.48 -2.88
N GLU B 289 12.31 -25.62 -3.65
CA GLU B 289 13.41 -26.04 -4.51
CA GLU B 289 13.37 -26.12 -4.51
C GLU B 289 14.53 -26.67 -3.69
N LEU B 290 14.88 -26.03 -2.58
CA LEU B 290 15.98 -26.51 -1.75
C LEU B 290 15.65 -27.86 -1.13
N GLN B 291 14.41 -28.04 -0.68
CA GLN B 291 14.06 -29.34 -0.09
C GLN B 291 13.98 -30.43 -1.14
N SER B 292 13.56 -30.08 -2.36
CA SER B 292 13.54 -31.07 -3.43
C SER B 292 14.94 -31.57 -3.73
N MET B 293 15.94 -30.68 -3.67
CA MET B 293 17.33 -31.11 -3.83
C MET B 293 17.78 -31.96 -2.66
N ALA B 294 17.38 -31.59 -1.43
CA ALA B 294 17.69 -32.41 -0.27
C ALA B 294 17.12 -33.80 -0.41
N ASP B 295 15.87 -33.90 -0.88
CA ASP B 295 15.25 -35.21 -1.08
C ASP B 295 15.94 -36.01 -2.18
N GLN B 296 16.47 -35.34 -3.22
CA GLN B 296 17.21 -36.05 -4.24
C GLN B 296 18.52 -36.61 -3.70
N GLU B 297 19.18 -35.86 -2.80
CA GLU B 297 20.46 -36.31 -2.25
C GLU B 297 20.29 -37.55 -1.37
N GLN B 298 19.15 -37.70 -0.71
CA GLN B 298 18.90 -38.84 0.18
C GLN B 298 18.77 -40.14 -0.63
N SER C 22 -47.51 15.31 -17.11
CA SER C 22 -47.64 16.31 -18.17
C SER C 22 -46.59 17.42 -18.04
N MET C 23 -45.42 17.18 -18.64
CA MET C 23 -44.32 18.13 -18.60
C MET C 23 -43.65 18.18 -19.97
N SER C 24 -43.23 19.38 -20.37
CA SER C 24 -42.56 19.59 -21.65
C SER C 24 -41.05 19.67 -21.44
N VAL C 25 -40.30 18.85 -22.17
CA VAL C 25 -38.86 18.79 -22.08
C VAL C 25 -38.26 19.12 -23.44
N GLY C 26 -37.18 19.88 -23.45
CA GLY C 26 -36.48 20.20 -24.68
C GLY C 26 -35.00 19.90 -24.57
N PHE C 27 -34.39 19.59 -25.71
CA PHE C 27 -32.96 19.42 -25.83
C PHE C 27 -32.43 20.39 -26.87
N ILE C 28 -31.52 21.28 -26.46
CA ILE C 28 -30.68 22.02 -27.40
C ILE C 28 -29.49 21.13 -27.73
N GLY C 29 -29.40 20.67 -28.97
CA GLY C 29 -28.45 19.63 -29.34
C GLY C 29 -29.23 18.36 -29.55
N ALA C 30 -28.94 17.62 -30.63
CA ALA C 30 -29.67 16.39 -30.92
C ALA C 30 -28.68 15.27 -31.25
N GLY C 31 -27.70 15.10 -30.38
CA GLY C 31 -26.63 14.14 -30.57
C GLY C 31 -26.71 12.95 -29.63
N GLN C 32 -25.53 12.41 -29.29
CA GLN C 32 -25.46 11.18 -28.50
C GLN C 32 -26.19 11.31 -27.18
N LEU C 33 -25.94 12.39 -26.44
CA LEU C 33 -26.54 12.50 -25.11
C LEU C 33 -28.05 12.74 -25.18
N ALA C 34 -28.49 13.64 -26.06
CA ALA C 34 -29.92 13.91 -26.18
C ALA C 34 -30.70 12.64 -26.52
N PHE C 35 -30.18 11.83 -27.45
CA PHE C 35 -30.81 10.54 -27.74
C PHE C 35 -30.81 9.63 -26.51
N ALA C 36 -29.66 9.49 -25.86
CA ALA C 36 -29.57 8.59 -24.71
C ALA C 36 -30.56 8.98 -23.63
N LEU C 37 -30.67 10.28 -23.33
CA LEU C 37 -31.60 10.74 -22.31
C LEU C 37 -33.05 10.57 -22.74
N ALA C 38 -33.37 10.96 -23.99
CA ALA C 38 -34.74 10.83 -24.46
C ALA C 38 -35.18 9.38 -24.50
N LYS C 39 -34.30 8.49 -25.00
CA LYS C 39 -34.63 7.07 -25.03
C LYS C 39 -34.85 6.55 -23.63
N GLY C 40 -33.98 6.93 -22.69
CA GLY C 40 -34.13 6.47 -21.32
C GLY C 40 -35.40 6.98 -20.67
N PHE C 41 -35.67 8.29 -20.82
CA PHE C 41 -36.88 8.87 -20.25
C PHE C 41 -38.13 8.19 -20.79
N THR C 42 -38.19 7.97 -22.10
CA THR C 42 -39.41 7.39 -22.66
C THR C 42 -39.52 5.91 -22.31
N ALA C 43 -38.38 5.19 -22.26
CA ALA C 43 -38.40 3.80 -21.83
C ALA C 43 -38.81 3.68 -20.37
N ALA C 44 -38.40 4.64 -19.53
CA ALA C 44 -38.86 4.70 -18.15
C ALA C 44 -40.34 4.98 -18.03
N GLY C 45 -40.96 5.50 -19.10
CA GLY C 45 -42.34 5.93 -19.04
C GLY C 45 -42.57 7.23 -18.30
N VAL C 46 -41.52 7.96 -17.94
CA VAL C 46 -41.71 9.20 -17.20
C VAL C 46 -42.00 10.38 -18.12
N LEU C 47 -41.62 10.29 -19.39
CA LEU C 47 -41.95 11.30 -20.39
C LEU C 47 -42.59 10.63 -21.58
N ALA C 48 -43.51 11.34 -22.23
CA ALA C 48 -44.06 10.92 -23.52
C ALA C 48 -43.18 11.50 -24.61
N ALA C 49 -42.85 10.67 -25.60
CA ALA C 49 -41.98 11.10 -26.69
C ALA C 49 -42.50 12.38 -27.35
N HIS C 50 -43.81 12.48 -27.55
CA HIS C 50 -44.35 13.63 -28.25
C HIS C 50 -44.25 14.91 -27.44
N LYS C 51 -43.94 14.81 -26.14
CA LYS C 51 -43.72 15.98 -25.29
C LYS C 51 -42.26 16.39 -25.23
N ILE C 52 -41.42 15.80 -26.08
CA ILE C 52 -39.99 16.10 -26.13
C ILE C 52 -39.72 16.77 -27.48
N MET C 53 -38.97 17.86 -27.45
CA MET C 53 -38.48 18.52 -28.66
C MET C 53 -36.97 18.62 -28.59
N ALA C 54 -36.31 18.43 -29.73
CA ALA C 54 -34.86 18.58 -29.80
C ALA C 54 -34.50 19.38 -31.04
N SER C 55 -33.43 20.17 -30.94
CA SER C 55 -33.04 21.00 -32.06
C SER C 55 -31.58 20.78 -32.40
N SER C 56 -31.29 20.85 -33.70
CA SER C 56 -29.94 20.72 -34.21
C SER C 56 -29.88 21.47 -35.53
N PRO C 57 -28.76 22.13 -35.83
CA PRO C 57 -28.56 22.69 -37.18
C PRO C 57 -28.23 21.63 -38.22
N ASP C 58 -28.15 20.37 -37.82
CA ASP C 58 -27.82 19.25 -38.71
C ASP C 58 -28.93 18.22 -38.54
N MET C 59 -29.91 18.22 -39.46
CA MET C 59 -31.03 17.31 -39.39
C MET C 59 -30.76 16.00 -40.14
N ASP C 60 -29.49 15.62 -40.30
CA ASP C 60 -29.09 14.45 -41.06
C ASP C 60 -28.06 13.62 -40.31
N LEU C 61 -28.07 13.70 -38.99
CA LEU C 61 -27.28 12.80 -38.16
C LEU C 61 -28.09 11.56 -37.86
N ALA C 62 -27.39 10.46 -37.60
CA ALA C 62 -28.07 9.25 -37.18
C ALA C 62 -28.83 9.48 -35.87
N THR C 63 -28.25 10.25 -34.96
CA THR C 63 -28.95 10.58 -33.71
C THR C 63 -30.27 11.30 -33.99
N VAL C 64 -30.28 12.24 -34.93
CA VAL C 64 -31.52 12.92 -35.28
C VAL C 64 -32.53 11.93 -35.84
N SER C 65 -32.09 11.05 -36.74
CA SER C 65 -32.99 10.05 -37.32
C SER C 65 -33.51 9.12 -36.23
N ALA C 66 -32.65 8.72 -35.30
CA ALA C 66 -33.07 7.87 -34.20
C ALA C 66 -34.10 8.59 -33.32
N LEU C 67 -33.86 9.86 -32.99
CA LEU C 67 -34.84 10.63 -32.24
C LEU C 67 -36.18 10.70 -32.98
N ARG C 68 -36.15 10.91 -34.30
CA ARG C 68 -37.39 11.00 -35.06
C ARG C 68 -38.15 9.68 -35.04
N LYS C 69 -37.44 8.56 -35.21
CA LYS C 69 -38.10 7.26 -35.18
C LYS C 69 -38.76 6.99 -33.83
N MET C 70 -38.23 7.59 -32.77
CA MET C 70 -38.76 7.45 -31.42
C MET C 70 -40.03 8.26 -31.17
N GLY C 71 -40.34 9.23 -32.03
CA GLY C 71 -41.50 10.08 -31.84
C GLY C 71 -41.20 11.44 -31.27
N VAL C 72 -39.94 11.82 -31.14
CA VAL C 72 -39.55 13.13 -30.60
C VAL C 72 -39.72 14.19 -31.67
N LYS C 73 -40.17 15.38 -31.28
CA LYS C 73 -40.33 16.47 -32.23
C LYS C 73 -38.96 17.11 -32.50
N LEU C 74 -38.65 17.35 -33.78
CA LEU C 74 -37.35 17.86 -34.19
C LEU C 74 -37.53 19.20 -34.91
N THR C 75 -36.56 20.09 -34.73
CA THR C 75 -36.60 21.40 -35.38
C THR C 75 -35.19 21.93 -35.51
N PRO C 76 -34.88 22.72 -36.55
CA PRO C 76 -33.56 23.35 -36.62
C PRO C 76 -33.40 24.58 -35.75
N HIS C 77 -34.49 25.11 -35.16
CA HIS C 77 -34.50 26.41 -34.51
C HIS C 77 -34.48 26.23 -33.00
N ASN C 78 -33.39 26.66 -32.36
CA ASN C 78 -33.28 26.55 -30.90
C ASN C 78 -34.38 27.35 -30.20
N LYS C 79 -34.83 28.45 -30.80
CA LYS C 79 -35.91 29.23 -30.19
C LYS C 79 -37.20 28.43 -30.09
N GLU C 80 -37.48 27.57 -31.07
CA GLU C 80 -38.68 26.72 -30.99
C GLU C 80 -38.60 25.78 -29.79
N THR C 81 -37.45 25.13 -29.60
CA THR C 81 -37.27 24.25 -28.44
C THR C 81 -37.54 24.99 -27.12
N VAL C 82 -36.99 26.21 -26.99
CA VAL C 82 -37.19 26.99 -25.76
C VAL C 82 -38.66 27.30 -25.56
N GLN C 83 -39.35 27.77 -26.60
CA GLN C 83 -40.77 28.09 -26.46
C GLN C 83 -41.60 26.85 -26.14
N HIS C 84 -41.14 25.67 -26.59
CA HIS C 84 -41.85 24.42 -26.31
C HIS C 84 -41.67 23.96 -24.87
N SER C 85 -40.51 24.21 -24.28
CA SER C 85 -40.05 23.43 -23.13
C SER C 85 -40.31 24.11 -21.79
N ASP C 86 -40.53 23.28 -20.77
CA ASP C 86 -40.45 23.71 -19.38
C ASP C 86 -39.05 23.44 -18.83
N VAL C 87 -38.61 22.19 -18.94
CA VAL C 87 -37.26 21.79 -18.59
C VAL C 87 -36.44 21.77 -19.88
N LEU C 88 -35.32 22.48 -19.87
CA LEU C 88 -34.49 22.68 -21.07
C LEU C 88 -33.10 22.12 -20.82
N PHE C 89 -32.76 21.03 -21.50
CA PHE C 89 -31.43 20.44 -21.41
C PHE C 89 -30.52 21.05 -22.46
N LEU C 90 -29.33 21.49 -22.04
CA LEU C 90 -28.31 21.93 -22.96
C LEU C 90 -27.41 20.72 -23.23
N ALA C 91 -27.49 20.19 -24.44
CA ALA C 91 -26.79 18.96 -24.85
C ALA C 91 -25.90 19.23 -26.06
N VAL C 92 -25.26 20.39 -26.08
CA VAL C 92 -24.28 20.72 -27.09
C VAL C 92 -22.89 20.58 -26.47
N LYS C 93 -21.87 20.57 -27.33
CA LYS C 93 -20.49 20.51 -26.86
C LYS C 93 -20.15 21.75 -26.02
N PRO C 94 -19.22 21.63 -25.07
CA PRO C 94 -19.00 22.74 -24.11
C PRO C 94 -18.68 24.06 -24.78
N HIS C 95 -17.85 24.07 -25.83
CA HIS C 95 -17.53 25.36 -26.45
C HIS C 95 -18.72 25.98 -27.19
N ILE C 96 -19.81 25.23 -27.39
CA ILE C 96 -20.99 25.79 -28.04
C ILE C 96 -21.97 26.41 -27.04
N ILE C 97 -21.85 26.07 -25.74
CA ILE C 97 -22.76 26.62 -24.73
C ILE C 97 -22.85 28.15 -24.78
N PRO C 98 -21.74 28.90 -24.77
CA PRO C 98 -21.88 30.37 -24.73
C PRO C 98 -22.63 30.93 -25.91
N PHE C 99 -22.44 30.35 -27.09
CA PHE C 99 -23.17 30.81 -28.27
C PHE C 99 -24.66 30.52 -28.12
N ILE C 100 -25.01 29.36 -27.58
CA ILE C 100 -26.40 28.99 -27.37
C ILE C 100 -27.07 29.96 -26.40
N LEU C 101 -26.39 30.28 -25.30
CA LEU C 101 -26.97 31.15 -24.29
C LEU C 101 -27.18 32.56 -24.81
N ASP C 102 -26.28 33.04 -25.67
CA ASP C 102 -26.53 34.33 -26.31
C ASP C 102 -27.73 34.25 -27.25
N GLU C 103 -27.88 33.13 -27.97
CA GLU C 103 -28.95 33.03 -28.96
C GLU C 103 -30.34 32.99 -28.32
N ILE C 104 -30.50 32.25 -27.21
CA ILE C 104 -31.82 32.05 -26.63
C ILE C 104 -32.00 32.75 -25.29
N GLY C 105 -31.00 33.51 -24.83
CA GLY C 105 -31.12 34.18 -23.54
C GLY C 105 -32.37 35.03 -23.41
N ALA C 106 -32.72 35.76 -24.47
CA ALA C 106 -33.89 36.63 -24.41
C ALA C 106 -35.21 35.86 -24.39
N ASP C 107 -35.19 34.57 -24.72
CA ASP C 107 -36.39 33.76 -24.74
C ASP C 107 -36.61 32.98 -23.45
N ILE C 108 -35.63 32.96 -22.54
CA ILE C 108 -35.81 32.26 -21.27
C ILE C 108 -36.87 33.00 -20.45
N GLU C 109 -37.72 32.25 -19.76
CA GLU C 109 -38.82 32.81 -19.00
C GLU C 109 -38.76 32.31 -17.56
N ASP C 110 -39.69 32.82 -16.74
CA ASP C 110 -39.75 32.43 -15.34
C ASP C 110 -39.93 30.93 -15.20
N ARG C 111 -40.70 30.32 -16.10
CA ARG C 111 -41.07 28.92 -15.98
C ARG C 111 -39.90 27.97 -16.23
N HIS C 112 -38.85 28.41 -16.91
CA HIS C 112 -37.82 27.49 -17.38
C HIS C 112 -36.90 27.04 -16.28
N ILE C 113 -36.55 25.76 -16.31
CA ILE C 113 -35.39 25.23 -15.60
C ILE C 113 -34.38 24.87 -16.67
N VAL C 114 -33.21 25.51 -16.63
CA VAL C 114 -32.15 25.27 -17.60
C VAL C 114 -31.16 24.27 -17.01
N VAL C 115 -31.02 23.12 -17.65
CA VAL C 115 -30.20 22.03 -17.16
C VAL C 115 -29.02 21.85 -18.12
N SER C 116 -27.85 22.30 -17.72
CA SER C 116 -26.67 22.11 -18.54
C SER C 116 -26.08 20.74 -18.28
N CYS C 117 -25.88 19.98 -19.36
CA CYS C 117 -25.17 18.71 -19.28
C CYS C 117 -23.73 18.81 -19.75
N ALA C 118 -23.28 20.00 -20.14
CA ALA C 118 -21.99 20.13 -20.80
C ALA C 118 -20.84 19.91 -19.83
N ALA C 119 -19.87 19.09 -20.24
CA ALA C 119 -18.70 18.85 -19.41
C ALA C 119 -17.99 20.16 -19.09
N GLY C 120 -17.60 20.33 -17.82
CA GLY C 120 -16.77 21.43 -17.43
C GLY C 120 -17.47 22.76 -17.20
N VAL C 121 -18.59 23.02 -17.88
CA VAL C 121 -19.14 24.38 -17.91
C VAL C 121 -19.78 24.71 -16.57
N THR C 122 -19.37 25.83 -15.99
CA THR C 122 -19.78 26.16 -14.63
C THR C 122 -21.15 26.84 -14.60
N ILE C 123 -21.85 26.64 -13.49
CA ILE C 123 -23.10 27.35 -13.23
C ILE C 123 -22.87 28.85 -13.31
N SER C 124 -21.75 29.32 -12.77
CA SER C 124 -21.46 30.75 -12.79
C SER C 124 -21.44 31.30 -14.21
N SER C 125 -20.78 30.57 -15.13
CA SER C 125 -20.69 31.05 -16.51
C SER C 125 -22.07 31.07 -17.16
N ILE C 126 -22.92 30.08 -16.86
CA ILE C 126 -24.26 30.04 -17.45
C ILE C 126 -25.13 31.15 -16.89
N GLU C 127 -25.14 31.31 -15.57
CA GLU C 127 -25.94 32.36 -14.95
C GLU C 127 -25.51 33.75 -15.41
N LYS C 128 -24.20 33.96 -15.61
CA LYS C 128 -23.73 35.28 -16.06
C LYS C 128 -24.32 35.63 -17.42
N LYS C 129 -24.23 34.69 -18.39
CA LYS C 129 -24.82 34.91 -19.71
C LYS C 129 -26.30 35.20 -19.63
N LEU C 130 -27.05 34.34 -18.93
CA LEU C 130 -28.51 34.45 -18.94
C LEU C 130 -28.99 35.65 -18.12
N SER C 131 -28.26 36.03 -17.08
CA SER C 131 -28.67 37.15 -16.25
C SER C 131 -28.61 38.48 -16.98
N ALA C 132 -27.86 38.56 -18.08
CA ALA C 132 -27.85 39.80 -18.84
C ALA C 132 -29.19 40.08 -19.51
N PHE C 133 -30.00 39.04 -19.72
CA PHE C 133 -31.32 39.19 -20.34
C PHE C 133 -32.45 39.26 -19.34
N ARG C 134 -32.34 38.54 -18.24
CA ARG C 134 -33.42 38.38 -17.29
C ARG C 134 -32.84 37.92 -15.97
N PRO C 135 -33.11 38.60 -14.87
CA PRO C 135 -32.53 38.17 -13.59
C PRO C 135 -33.12 36.85 -13.12
N ALA C 136 -32.39 36.21 -12.23
CA ALA C 136 -32.75 34.96 -11.56
C ALA C 136 -33.04 33.78 -12.49
N PRO C 137 -32.19 33.48 -13.47
CA PRO C 137 -32.37 32.24 -14.24
C PRO C 137 -32.20 31.03 -13.33
N ARG C 138 -33.08 30.04 -13.52
CA ARG C 138 -33.06 28.80 -12.75
C ARG C 138 -32.18 27.80 -13.47
N VAL C 139 -31.00 27.52 -12.91
CA VAL C 139 -29.97 26.74 -13.57
C VAL C 139 -29.61 25.54 -12.71
N ILE C 140 -29.53 24.38 -13.33
CA ILE C 140 -29.02 23.17 -12.72
C ILE C 140 -27.92 22.65 -13.63
N ARG C 141 -26.81 22.23 -13.03
CA ARG C 141 -25.71 21.62 -13.75
C ARG C 141 -25.68 20.13 -13.45
N CYS C 142 -25.58 19.29 -14.46
CA CYS C 142 -25.48 17.87 -14.19
C CYS C 142 -24.31 17.27 -14.96
N MET C 143 -23.89 16.10 -14.50
CA MET C 143 -23.00 15.23 -15.26
C MET C 143 -23.63 13.85 -15.24
N THR C 144 -23.72 13.23 -16.40
CA THR C 144 -24.38 11.94 -16.52
C THR C 144 -23.49 11.07 -17.39
N ASN C 145 -24.06 10.04 -18.01
CA ASN C 145 -23.27 9.23 -18.94
C ASN C 145 -24.22 8.50 -19.88
N THR C 146 -23.64 7.91 -20.92
CA THR C 146 -24.47 7.31 -21.96
C THR C 146 -25.35 6.15 -21.48
N PRO C 147 -25.00 5.37 -20.43
CA PRO C 147 -25.89 4.27 -20.02
C PRO C 147 -27.27 4.68 -19.52
N VAL C 148 -27.58 5.99 -19.44
CA VAL C 148 -28.98 6.35 -19.25
C VAL C 148 -29.86 5.76 -20.35
N VAL C 149 -29.26 5.44 -21.51
CA VAL C 149 -30.02 4.86 -22.62
C VAL C 149 -30.60 3.50 -22.27
N VAL C 150 -29.99 2.80 -21.31
CA VAL C 150 -30.53 1.56 -20.77
C VAL C 150 -30.97 1.71 -19.33
N ARG C 151 -31.27 2.95 -18.91
CA ARG C 151 -31.74 3.25 -17.56
C ARG C 151 -30.76 2.79 -16.48
N GLU C 152 -29.46 2.80 -16.76
CA GLU C 152 -28.46 2.50 -15.74
C GLU C 152 -27.39 3.57 -15.72
N GLY C 153 -27.82 4.82 -15.89
CA GLY C 153 -26.89 5.93 -15.85
C GLY C 153 -26.39 6.21 -14.44
N ALA C 154 -25.34 7.03 -14.39
CA ALA C 154 -24.77 7.55 -13.15
C ALA C 154 -24.77 9.06 -13.29
N THR C 155 -25.60 9.74 -12.50
CA THR C 155 -25.85 11.16 -12.67
C THR C 155 -25.64 11.89 -11.36
N VAL C 156 -24.98 13.06 -11.42
CA VAL C 156 -24.95 13.97 -10.29
C VAL C 156 -25.44 15.32 -10.79
N TYR C 157 -25.92 16.14 -9.88
CA TYR C 157 -26.37 17.48 -10.24
C TYR C 157 -26.05 18.45 -9.12
N ALA C 158 -25.80 19.70 -9.50
CA ALA C 158 -25.69 20.81 -8.56
C ALA C 158 -26.72 21.87 -8.92
N THR C 159 -27.36 22.45 -7.90
CA THR C 159 -28.36 23.49 -8.11
C THR C 159 -27.70 24.88 -8.15
N GLY C 160 -28.20 25.73 -9.05
CA GLY C 160 -27.68 27.07 -9.20
C GLY C 160 -28.19 28.01 -8.14
N THR C 161 -27.78 29.28 -8.28
CA THR C 161 -28.08 30.32 -7.29
C THR C 161 -29.58 30.54 -7.14
N HIS C 162 -30.32 30.54 -8.24
CA HIS C 162 -31.74 30.89 -8.23
C HIS C 162 -32.64 29.68 -8.42
N ALA C 163 -32.09 28.48 -8.39
CA ALA C 163 -32.93 27.28 -8.47
C ALA C 163 -33.76 27.15 -7.21
N GLN C 164 -35.04 26.85 -7.38
CA GLN C 164 -35.90 26.60 -6.23
C GLN C 164 -35.64 25.21 -5.68
N VAL C 165 -36.09 24.97 -4.45
CA VAL C 165 -35.87 23.66 -3.83
C VAL C 165 -36.58 22.58 -4.64
N GLU C 166 -37.80 22.86 -5.11
CA GLU C 166 -38.53 21.91 -5.94
C GLU C 166 -37.85 21.67 -7.28
N ASP C 167 -37.03 22.62 -7.76
CA ASP C 167 -36.29 22.38 -8.99
C ASP C 167 -35.31 21.24 -8.83
N GLY C 168 -34.63 21.17 -7.67
CA GLY C 168 -33.70 20.08 -7.44
C GLY C 168 -34.39 18.75 -7.25
N ARG C 169 -35.49 18.74 -6.49
CA ARG C 169 -36.24 17.51 -6.29
C ARG C 169 -36.82 16.99 -7.60
N LEU C 170 -37.34 17.89 -8.45
CA LEU C 170 -37.85 17.48 -9.75
C LEU C 170 -36.75 16.86 -10.60
N MET C 171 -35.61 17.52 -10.68
CA MET C 171 -34.48 17.01 -11.45
CA MET C 171 -34.54 16.96 -11.51
C MET C 171 -34.07 15.63 -10.97
N GLU C 172 -33.97 15.46 -9.64
CA GLU C 172 -33.57 14.17 -9.11
C GLU C 172 -34.62 13.11 -9.42
N GLN C 173 -35.91 13.47 -9.35
CA GLN C 173 -36.97 12.53 -9.72
C GLN C 173 -36.83 12.12 -11.18
N LEU C 174 -36.64 13.09 -12.07
CA LEU C 174 -36.49 12.81 -13.49
C LEU C 174 -35.26 11.94 -13.76
N LEU C 175 -34.10 12.34 -13.23
CA LEU C 175 -32.88 11.63 -13.58
C LEU C 175 -32.75 10.29 -12.86
N SER C 176 -33.42 10.12 -11.70
CA SER C 176 -33.45 8.82 -11.04
C SER C 176 -34.19 7.77 -11.84
N SER C 177 -35.06 8.18 -12.77
CA SER C 177 -35.77 7.20 -13.57
C SER C 177 -34.84 6.51 -14.56
N VAL C 178 -33.66 7.08 -14.84
CA VAL C 178 -32.76 6.49 -15.82
C VAL C 178 -31.42 6.09 -15.20
N GLY C 179 -31.34 5.98 -13.88
CA GLY C 179 -30.13 5.50 -13.23
C GLY C 179 -30.00 6.06 -11.83
N PHE C 180 -28.80 5.91 -11.29
CA PHE C 180 -28.44 6.55 -10.04
C PHE C 180 -28.39 8.07 -10.21
N CYS C 181 -28.91 8.79 -9.22
CA CYS C 181 -28.84 10.26 -9.24
C CYS C 181 -28.67 10.77 -7.82
N THR C 182 -27.73 11.70 -7.61
CA THR C 182 -27.61 12.34 -6.31
C THR C 182 -27.14 13.78 -6.48
N GLU C 183 -27.52 14.63 -5.55
CA GLU C 183 -27.06 16.01 -5.55
C GLU C 183 -25.63 16.09 -5.03
N VAL C 184 -24.82 16.94 -5.65
CA VAL C 184 -23.46 17.18 -5.16
C VAL C 184 -23.20 18.69 -5.15
N GLU C 185 -22.17 19.08 -4.40
CA GLU C 185 -21.59 20.41 -4.57
C GLU C 185 -20.94 20.49 -5.94
N GLU C 186 -21.02 21.66 -6.57
CA GLU C 186 -20.54 21.78 -7.94
C GLU C 186 -19.05 21.47 -8.05
N ASP C 187 -18.27 21.75 -6.99
CA ASP C 187 -16.83 21.56 -7.15
C ASP C 187 -16.44 20.08 -7.24
N LEU C 188 -17.39 19.15 -7.09
CA LEU C 188 -17.10 17.75 -7.34
C LEU C 188 -17.35 17.32 -8.79
N ILE C 189 -18.02 18.13 -9.60
CA ILE C 189 -18.56 17.61 -10.85
C ILE C 189 -17.45 17.27 -11.86
N ASP C 190 -16.37 18.07 -11.91
CA ASP C 190 -15.28 17.74 -12.85
C ASP C 190 -14.64 16.40 -12.53
N ALA C 191 -14.50 16.06 -11.24
CA ALA C 191 -14.00 14.75 -10.86
C ALA C 191 -15.00 13.64 -11.20
N VAL C 192 -16.30 13.88 -11.00
CA VAL C 192 -17.31 12.90 -11.43
C VAL C 192 -17.17 12.66 -12.93
N THR C 193 -16.94 13.73 -13.69
CA THR C 193 -16.76 13.61 -15.13
C THR C 193 -15.64 12.63 -15.47
N GLY C 194 -14.52 12.72 -14.76
CA GLY C 194 -13.43 11.80 -15.03
C GLY C 194 -13.70 10.36 -14.63
N LEU C 195 -14.60 10.15 -13.67
CA LEU C 195 -14.89 8.81 -13.15
C LEU C 195 -16.06 8.18 -13.91
N SER C 196 -17.28 8.71 -13.72
CA SER C 196 -18.43 8.06 -14.32
C SER C 196 -18.83 8.67 -15.66
N GLY C 197 -18.42 9.91 -15.95
CA GLY C 197 -18.71 10.46 -17.27
C GLY C 197 -17.94 9.72 -18.36
N SER C 198 -16.60 9.72 -18.22
CA SER C 198 -15.71 8.96 -19.08
C SER C 198 -15.73 7.47 -18.79
N GLY C 199 -16.18 7.08 -17.60
CA GLY C 199 -16.17 5.70 -17.16
C GLY C 199 -16.61 4.65 -18.16
N PRO C 200 -17.74 4.85 -18.86
CA PRO C 200 -18.14 3.82 -19.84
C PRO C 200 -17.05 3.51 -20.87
N ALA C 201 -16.31 4.52 -21.32
CA ALA C 201 -15.27 4.28 -22.32
C ALA C 201 -14.16 3.41 -21.75
N TYR C 202 -13.83 3.58 -20.47
CA TYR C 202 -12.87 2.67 -19.84
C TYR C 202 -13.42 1.26 -19.85
N ALA C 203 -14.72 1.12 -19.57
CA ALA C 203 -15.33 -0.21 -19.54
C ALA C 203 -15.37 -0.83 -20.93
N PHE C 204 -15.67 -0.04 -21.96
CA PHE C 204 -15.72 -0.59 -23.31
C PHE C 204 -14.33 -1.05 -23.75
N THR C 205 -13.30 -0.26 -23.42
CA THR C 205 -11.91 -0.66 -23.68
C THR C 205 -11.60 -1.97 -22.98
N ALA C 206 -11.96 -2.06 -21.69
CA ALA C 206 -11.67 -3.27 -20.92
C ALA C 206 -12.42 -4.48 -21.47
N LEU C 207 -13.67 -4.28 -21.87
CA LEU C 207 -14.45 -5.40 -22.41
C LEU C 207 -13.90 -5.88 -23.74
N ASP C 208 -13.48 -4.96 -24.60
CA ASP C 208 -12.82 -5.33 -25.85
C ASP C 208 -11.57 -6.16 -25.57
N ALA C 209 -10.75 -5.72 -24.62
CA ALA C 209 -9.52 -6.45 -24.28
C ALA C 209 -9.83 -7.80 -23.67
N LEU C 210 -10.79 -7.86 -22.72
CA LEU C 210 -11.14 -9.15 -22.12
C LEU C 210 -11.65 -10.12 -23.17
N ALA C 211 -12.44 -9.62 -24.13
CA ALA C 211 -12.90 -10.49 -25.21
C ALA C 211 -11.73 -11.03 -26.03
N ASP C 212 -10.75 -10.17 -26.33
CA ASP C 212 -9.54 -10.61 -27.03
C ASP C 212 -8.83 -11.70 -26.26
N GLY C 213 -8.77 -11.56 -24.93
CA GLY C 213 -8.17 -12.60 -24.11
C GLY C 213 -8.95 -13.90 -24.20
N GLY C 214 -10.29 -13.80 -24.14
CA GLY C 214 -11.12 -14.95 -24.39
C GLY C 214 -10.84 -15.62 -25.73
N VAL C 215 -10.76 -14.81 -26.80
CA VAL C 215 -10.47 -15.34 -28.13
C VAL C 215 -9.09 -16.00 -28.18
N LYS C 216 -8.09 -15.36 -27.56
CA LYS C 216 -6.76 -15.97 -27.54
C LYS C 216 -6.80 -17.37 -26.93
N MET C 217 -7.61 -17.55 -25.89
CA MET C 217 -7.70 -18.83 -25.21
C MET C 217 -8.69 -19.79 -25.83
N GLY C 218 -9.33 -19.43 -26.95
CA GLY C 218 -10.08 -20.37 -27.75
C GLY C 218 -11.57 -20.12 -27.82
N LEU C 219 -12.07 -19.01 -27.27
CA LEU C 219 -13.50 -18.74 -27.32
C LEU C 219 -13.87 -18.01 -28.60
N PRO C 220 -15.04 -18.31 -29.15
CA PRO C 220 -15.59 -17.48 -30.23
C PRO C 220 -15.80 -16.05 -29.72
N ARG C 221 -15.53 -15.08 -30.60
CA ARG C 221 -15.59 -13.69 -30.20
CA ARG C 221 -15.60 -13.67 -30.22
C ARG C 221 -16.96 -13.33 -29.61
N ARG C 222 -18.04 -13.77 -30.25
CA ARG C 222 -19.38 -13.40 -29.77
C ARG C 222 -19.61 -13.90 -28.35
N LEU C 223 -19.24 -15.14 -28.06
CA LEU C 223 -19.36 -15.67 -26.70
C LEU C 223 -18.46 -14.92 -25.73
N ALA C 224 -17.23 -14.62 -26.14
CA ALA C 224 -16.30 -13.93 -25.25
C ALA C 224 -16.83 -12.55 -24.87
N VAL C 225 -17.44 -11.84 -25.84
CA VAL C 225 -18.02 -10.54 -25.53
C VAL C 225 -19.19 -10.68 -24.57
N ARG C 226 -20.04 -11.67 -24.78
CA ARG C 226 -21.21 -11.88 -23.93
C ARG C 226 -20.79 -12.21 -22.51
N LEU C 227 -19.85 -13.14 -22.37
CA LEU C 227 -19.38 -13.55 -21.05
C LEU C 227 -18.65 -12.42 -20.33
N GLY C 228 -17.75 -11.72 -21.03
CA GLY C 228 -17.03 -10.62 -20.40
C GLY C 228 -17.95 -9.53 -19.91
N ALA C 229 -18.92 -9.13 -20.74
CA ALA C 229 -19.85 -8.08 -20.33
C ALA C 229 -20.71 -8.55 -19.17
N GLN C 230 -21.16 -9.81 -19.21
CA GLN C 230 -21.97 -10.32 -18.11
C GLN C 230 -21.17 -10.38 -16.81
N ALA C 231 -19.91 -10.79 -16.90
CA ALA C 231 -19.05 -10.81 -15.72
C ALA C 231 -18.94 -9.42 -15.09
N LEU C 232 -18.70 -8.41 -15.93
CA LEU C 232 -18.54 -7.05 -15.42
C LEU C 232 -19.83 -6.51 -14.84
N LEU C 233 -20.96 -6.77 -15.51
CA LEU C 233 -22.25 -6.33 -15.00
C LEU C 233 -22.53 -6.97 -13.66
N GLY C 234 -22.32 -8.28 -13.56
CA GLY C 234 -22.65 -8.98 -12.34
C GLY C 234 -21.77 -8.55 -11.18
N ALA C 235 -20.49 -8.31 -11.46
CA ALA C 235 -19.58 -7.88 -10.41
C ALA C 235 -19.95 -6.49 -9.91
N ALA C 236 -20.28 -5.59 -10.84
CA ALA C 236 -20.69 -4.25 -10.43
C ALA C 236 -21.97 -4.30 -9.60
N LYS C 237 -22.92 -5.16 -9.99
CA LYS C 237 -24.15 -5.26 -9.21
C LYS C 237 -23.88 -5.83 -7.82
N MET C 238 -23.02 -6.85 -7.73
CA MET C 238 -22.62 -7.39 -6.43
C MET C 238 -22.13 -6.28 -5.51
N LEU C 239 -21.24 -5.42 -6.02
CA LEU C 239 -20.67 -4.37 -5.19
C LEU C 239 -21.74 -3.37 -4.77
N LEU C 240 -22.61 -2.99 -5.69
CA LEU C 240 -23.66 -2.02 -5.36
C LEU C 240 -24.61 -2.56 -4.31
N HIS C 241 -24.83 -3.87 -4.29
CA HIS C 241 -25.77 -4.46 -3.35
C HIS C 241 -25.10 -5.01 -2.09
N SER C 242 -23.80 -4.83 -1.95
CA SER C 242 -23.04 -5.37 -0.82
C SER C 242 -22.63 -4.25 0.12
N GLU C 243 -22.54 -4.58 1.41
CA GLU C 243 -21.93 -3.69 2.37
C GLU C 243 -20.44 -3.96 2.54
N GLN C 244 -19.80 -4.57 1.54
CA GLN C 244 -18.44 -5.03 1.68
C GLN C 244 -17.50 -4.27 0.76
N HIS C 245 -16.24 -4.21 1.20
CA HIS C 245 -15.21 -3.58 0.41
C HIS C 245 -14.92 -4.38 -0.85
N PRO C 246 -14.64 -3.73 -1.98
CA PRO C 246 -14.31 -4.49 -3.20
C PRO C 246 -13.16 -5.47 -3.00
N GLY C 247 -12.21 -5.18 -2.11
CA GLY C 247 -11.15 -6.13 -1.83
C GLY C 247 -11.67 -7.41 -1.20
N GLN C 248 -12.70 -7.30 -0.34
CA GLN C 248 -13.26 -8.49 0.27
C GLN C 248 -14.01 -9.34 -0.75
N LEU C 249 -14.74 -8.70 -1.66
CA LEU C 249 -15.40 -9.47 -2.71
C LEU C 249 -14.37 -10.15 -3.61
N LYS C 250 -13.27 -9.45 -3.90
CA LYS C 250 -12.16 -10.05 -4.64
C LYS C 250 -11.61 -11.27 -3.91
N ASP C 251 -11.39 -11.14 -2.60
CA ASP C 251 -10.87 -12.25 -1.80
C ASP C 251 -11.75 -13.49 -1.88
N ASN C 252 -13.07 -13.32 -2.04
CA ASN C 252 -13.97 -14.47 -2.07
C ASN C 252 -13.88 -15.28 -3.35
N VAL C 253 -13.35 -14.70 -4.42
CA VAL C 253 -13.27 -15.40 -5.70
C VAL C 253 -12.05 -16.33 -5.73
N SER C 254 -10.92 -15.86 -5.24
CA SER C 254 -9.65 -16.56 -5.42
CA SER C 254 -9.66 -16.57 -5.44
C SER C 254 -9.51 -17.69 -4.42
N SER C 255 -9.37 -18.92 -4.91
CA SER C 255 -8.92 -20.00 -4.07
C SER C 255 -7.39 -19.92 -3.91
N PRO C 256 -6.86 -20.37 -2.78
CA PRO C 256 -5.39 -20.41 -2.62
C PRO C 256 -4.73 -21.23 -3.71
N GLY C 257 -3.68 -20.67 -4.29
CA GLY C 257 -2.94 -21.28 -5.38
C GLY C 257 -3.65 -21.32 -6.71
N GLY C 258 -4.82 -20.68 -6.82
CA GLY C 258 -5.76 -20.93 -7.91
C GLY C 258 -5.59 -20.02 -9.11
N ALA C 259 -6.53 -20.18 -10.05
CA ALA C 259 -6.46 -19.48 -11.33
C ALA C 259 -6.59 -17.97 -11.14
N THR C 260 -7.56 -17.54 -10.33
CA THR C 260 -7.82 -16.11 -10.20
C THR C 260 -6.63 -15.37 -9.56
N ILE C 261 -6.05 -15.90 -8.50
CA ILE C 261 -4.95 -15.18 -7.86
C ILE C 261 -3.74 -15.14 -8.78
N HIS C 262 -3.54 -16.16 -9.63
CA HIS C 262 -2.48 -16.06 -10.64
C HIS C 262 -2.77 -14.91 -11.61
N ALA C 263 -4.02 -14.75 -12.02
CA ALA C 263 -4.37 -13.69 -12.95
C ALA C 263 -4.28 -12.32 -12.28
N LEU C 264 -4.70 -12.21 -11.01
CA LEU C 264 -4.58 -10.94 -10.31
C LEU C 264 -3.11 -10.52 -10.19
N HIS C 265 -2.21 -11.49 -10.03
CA HIS C 265 -0.80 -11.16 -9.95
C HIS C 265 -0.32 -10.49 -11.24
N VAL C 266 -0.70 -11.05 -12.40
CA VAL C 266 -0.23 -10.44 -13.64
C VAL C 266 -0.84 -9.05 -13.84
N LEU C 267 -2.07 -8.82 -13.40
CA LEU C 267 -2.62 -7.45 -13.41
C LEU C 267 -1.76 -6.51 -12.57
N GLU C 268 -1.45 -6.93 -11.33
CA GLU C 268 -0.64 -6.09 -10.45
C GLU C 268 0.75 -5.83 -11.05
N SER C 269 1.36 -6.85 -11.69
CA SER C 269 2.71 -6.65 -12.21
C SER C 269 2.75 -5.60 -13.32
N GLY C 270 1.62 -5.38 -13.99
CA GLY C 270 1.49 -4.34 -14.99
C GLY C 270 1.07 -3.00 -14.46
N GLY C 271 0.89 -2.87 -13.14
CA GLY C 271 0.37 -1.63 -12.60
C GLY C 271 -1.06 -1.31 -13.04
N PHE C 272 -1.89 -2.33 -13.20
CA PHE C 272 -3.28 -2.18 -13.62
C PHE C 272 -4.01 -1.09 -12.83
N ARG C 273 -3.91 -1.14 -11.49
CA ARG C 273 -4.59 -0.15 -10.66
C ARG C 273 -4.14 1.26 -11.00
N SER C 274 -2.83 1.47 -11.16
CA SER C 274 -2.35 2.82 -11.43
C SER C 274 -2.86 3.36 -12.75
N LEU C 275 -3.09 2.50 -13.76
CA LEU C 275 -3.57 3.00 -15.05
C LEU C 275 -4.98 3.57 -14.93
N LEU C 276 -5.83 2.92 -14.14
CA LEU C 276 -7.18 3.43 -13.96
C LEU C 276 -7.18 4.72 -13.15
N ILE C 277 -6.29 4.82 -12.15
CA ILE C 277 -6.12 6.10 -11.46
C ILE C 277 -5.66 7.17 -12.45
N ASN C 278 -4.67 6.82 -13.30
CA ASN C 278 -4.21 7.77 -14.31
C ASN C 278 -5.35 8.25 -15.18
N ALA C 279 -6.25 7.34 -15.55
CA ALA C 279 -7.34 7.69 -16.47
C ALA C 279 -8.29 8.71 -15.84
N VAL C 280 -8.77 8.42 -14.61
CA VAL C 280 -9.67 9.36 -13.94
C VAL C 280 -9.00 10.71 -13.80
N GLU C 281 -7.73 10.70 -13.43
CA GLU C 281 -6.98 11.96 -13.28
C GLU C 281 -6.90 12.71 -14.60
N ALA C 282 -6.53 12.00 -15.68
CA ALA C 282 -6.35 12.67 -16.98
C ALA C 282 -7.65 13.27 -17.49
N SER C 283 -8.77 12.56 -17.34
CA SER C 283 -10.07 13.09 -17.77
C SER C 283 -10.46 14.29 -16.93
N CYS C 284 -10.29 14.19 -15.61
CA CYS C 284 -10.64 15.30 -14.73
C CYS C 284 -9.76 16.52 -15.03
N ILE C 285 -8.45 16.32 -15.17
CA ILE C 285 -7.55 17.44 -15.41
C ILE C 285 -7.86 18.09 -16.75
N ARG C 286 -8.09 17.28 -17.80
CA ARG C 286 -8.41 17.86 -19.10
C ARG C 286 -9.71 18.68 -19.03
N THR C 287 -10.69 18.21 -18.25
CA THR C 287 -11.94 18.94 -18.08
C THR C 287 -11.69 20.30 -17.42
N ARG C 288 -10.88 20.32 -16.36
CA ARG C 288 -10.56 21.58 -15.68
C ARG C 288 -9.78 22.52 -16.60
N GLU C 289 -8.86 21.97 -17.39
CA GLU C 289 -8.03 22.76 -18.29
C GLU C 289 -8.87 23.39 -19.40
N LEU C 290 -9.80 22.63 -19.98
CA LEU C 290 -10.65 23.17 -21.03
C LEU C 290 -11.52 24.30 -20.50
N GLN C 291 -12.05 24.16 -19.27
CA GLN C 291 -12.89 25.22 -18.75
C GLN C 291 -12.08 26.46 -18.41
N SER C 292 -10.86 26.27 -17.90
CA SER C 292 -9.98 27.41 -17.68
C SER C 292 -9.75 28.16 -18.98
N MET C 293 -9.58 27.43 -20.10
CA MET C 293 -9.43 28.08 -21.40
C MET C 293 -10.68 28.86 -21.77
N ALA C 294 -11.87 28.29 -21.52
CA ALA C 294 -13.10 29.00 -21.80
C ALA C 294 -13.26 30.22 -20.91
N ASP C 295 -12.88 30.09 -19.63
CA ASP C 295 -12.99 31.23 -18.72
C ASP C 295 -12.09 32.38 -19.15
N GLN C 296 -10.88 32.06 -19.62
CA GLN C 296 -9.94 33.11 -20.03
C GLN C 296 -10.39 33.76 -21.33
N GLU C 297 -10.94 32.98 -22.27
CA GLU C 297 -11.47 33.56 -23.49
C GLU C 297 -12.62 34.52 -23.22
N GLN C 298 -13.40 34.26 -22.16
CA GLN C 298 -14.49 35.16 -21.77
C GLN C 298 -13.98 36.31 -20.91
N ASN D 17 -42.00 -25.17 -15.22
CA ASN D 17 -41.94 -25.13 -13.77
C ASN D 17 -41.96 -26.53 -13.17
N LEU D 18 -42.48 -27.51 -13.93
CA LEU D 18 -42.52 -28.90 -13.46
C LEU D 18 -41.13 -29.45 -13.17
N TYR D 19 -40.09 -28.90 -13.77
CA TYR D 19 -38.73 -29.31 -13.46
C TYR D 19 -38.46 -29.16 -11.96
N PHE D 20 -38.91 -28.05 -11.37
CA PHE D 20 -38.56 -27.67 -10.02
C PHE D 20 -39.68 -27.93 -9.02
N GLN D 21 -40.75 -28.60 -9.45
CA GLN D 21 -41.90 -28.84 -8.58
C GLN D 21 -41.50 -29.51 -7.28
N SER D 22 -40.72 -30.59 -7.37
CA SER D 22 -40.31 -31.35 -6.18
C SER D 22 -38.82 -31.70 -6.20
N MET D 23 -38.04 -31.11 -7.10
CA MET D 23 -36.63 -31.43 -7.19
C MET D 23 -35.91 -31.02 -5.91
N SER D 24 -35.02 -31.90 -5.44
CA SER D 24 -34.14 -31.62 -4.32
C SER D 24 -32.73 -31.40 -4.84
N VAL D 25 -32.06 -30.38 -4.31
CA VAL D 25 -30.72 -29.99 -4.74
C VAL D 25 -29.76 -30.17 -3.56
N GLY D 26 -28.56 -30.65 -3.85
CA GLY D 26 -27.54 -30.78 -2.84
C GLY D 26 -26.24 -30.16 -3.29
N PHE D 27 -25.46 -29.69 -2.32
CA PHE D 27 -24.11 -29.18 -2.52
C PHE D 27 -23.14 -29.99 -1.68
N ILE D 28 -22.16 -30.62 -2.31
CA ILE D 28 -21.02 -31.15 -1.58
C ILE D 28 -20.04 -29.98 -1.44
N GLY D 29 -19.88 -29.50 -0.22
CA GLY D 29 -19.16 -28.25 -0.01
C GLY D 29 -20.15 -27.15 0.34
N ALA D 30 -19.85 -26.35 1.35
CA ALA D 30 -20.75 -25.31 1.82
C ALA D 30 -20.02 -23.98 1.93
N GLY D 31 -19.27 -23.64 0.89
CA GLY D 31 -18.44 -22.45 0.86
C GLY D 31 -19.05 -21.33 0.03
N GLN D 32 -18.18 -20.55 -0.61
CA GLN D 32 -18.61 -19.34 -1.31
C GLN D 32 -19.54 -19.67 -2.48
N LEU D 33 -19.22 -20.71 -3.26
CA LEU D 33 -20.05 -20.99 -4.43
C LEU D 33 -21.39 -21.57 -4.02
N ALA D 34 -21.38 -22.50 -3.07
CA ALA D 34 -22.63 -23.07 -2.58
C ALA D 34 -23.54 -22.00 -2.02
N PHE D 35 -22.99 -21.05 -1.25
CA PHE D 35 -23.82 -19.94 -0.76
C PHE D 35 -24.35 -19.11 -1.93
N ALA D 36 -23.49 -18.72 -2.85
CA ALA D 36 -23.91 -17.86 -3.96
C ALA D 36 -25.04 -18.50 -4.75
N LEU D 37 -24.88 -19.77 -5.11
CA LEU D 37 -25.90 -20.46 -5.89
C LEU D 37 -27.18 -20.66 -5.08
N ALA D 38 -27.05 -21.08 -3.81
CA ALA D 38 -28.24 -21.28 -3.01
C ALA D 38 -28.98 -19.97 -2.78
N LYS D 39 -28.23 -18.88 -2.58
CA LYS D 39 -28.86 -17.56 -2.44
C LYS D 39 -29.55 -17.15 -3.74
N GLY D 40 -28.90 -17.36 -4.89
CA GLY D 40 -29.53 -17.03 -6.15
C GLY D 40 -30.79 -17.85 -6.42
N PHE D 41 -30.69 -19.17 -6.22
CA PHE D 41 -31.83 -20.04 -6.50
C PHE D 41 -33.04 -19.65 -5.66
N THR D 42 -32.82 -19.35 -4.37
CA THR D 42 -33.94 -19.06 -3.49
C THR D 42 -34.50 -17.68 -3.77
N ALA D 43 -33.64 -16.70 -4.06
CA ALA D 43 -34.11 -15.37 -4.43
C ALA D 43 -34.91 -15.42 -5.73
N ALA D 44 -34.49 -16.27 -6.67
CA ALA D 44 -35.26 -16.50 -7.89
C ALA D 44 -36.55 -17.25 -7.65
N GLY D 45 -36.73 -17.83 -6.46
CA GLY D 45 -37.94 -18.57 -6.17
C GLY D 45 -38.06 -19.88 -6.91
N VAL D 46 -36.99 -20.35 -7.56
CA VAL D 46 -37.09 -21.62 -8.26
C VAL D 46 -36.97 -22.80 -7.30
N LEU D 47 -36.40 -22.60 -6.13
CA LEU D 47 -36.25 -23.64 -5.14
C LEU D 47 -36.56 -23.10 -3.75
N ALA D 48 -37.36 -23.85 -2.99
CA ALA D 48 -37.49 -23.56 -1.57
C ALA D 48 -36.20 -23.94 -0.85
N ALA D 49 -35.79 -23.10 0.11
CA ALA D 49 -34.52 -23.31 0.79
C ALA D 49 -34.47 -24.66 1.49
N HIS D 50 -35.61 -25.15 2.01
CA HIS D 50 -35.61 -26.45 2.67
C HIS D 50 -35.48 -27.60 1.68
N LYS D 51 -35.58 -27.35 0.38
CA LYS D 51 -35.29 -28.37 -0.62
C LYS D 51 -33.81 -28.42 -0.99
N ILE D 52 -32.98 -27.61 -0.34
CA ILE D 52 -31.54 -27.58 -0.57
C ILE D 52 -30.84 -28.14 0.66
N MET D 53 -29.79 -28.93 0.42
CA MET D 53 -28.95 -29.44 1.50
C MET D 53 -27.50 -29.25 1.12
N ALA D 54 -26.67 -28.88 2.09
CA ALA D 54 -25.25 -28.69 1.85
C ALA D 54 -24.47 -29.37 2.96
N SER D 55 -23.31 -29.92 2.60
CA SER D 55 -22.47 -30.64 3.54
C SER D 55 -21.05 -30.09 3.51
N SER D 56 -20.42 -30.07 4.69
CA SER D 56 -19.07 -29.59 4.85
C SER D 56 -18.51 -30.18 6.13
N PRO D 57 -17.22 -30.52 6.18
CA PRO D 57 -16.64 -30.98 7.46
C PRO D 57 -16.48 -29.86 8.48
N ASP D 58 -16.61 -28.60 8.06
CA ASP D 58 -16.43 -27.44 8.93
C ASP D 58 -17.77 -26.70 8.99
N MET D 59 -18.54 -26.96 10.05
CA MET D 59 -19.85 -26.36 10.23
C MET D 59 -19.79 -25.01 10.93
N ASP D 60 -18.63 -24.32 10.85
CA ASP D 60 -18.45 -23.05 11.57
C ASP D 60 -17.90 -21.96 10.66
N LEU D 61 -18.07 -22.10 9.34
CA LEU D 61 -17.70 -21.03 8.43
C LEU D 61 -18.85 -20.02 8.30
N ALA D 62 -18.50 -18.81 7.87
CA ALA D 62 -19.52 -17.80 7.65
C ALA D 62 -20.51 -18.23 6.58
N THR D 63 -20.05 -18.99 5.59
CA THR D 63 -20.95 -19.46 4.54
C THR D 63 -21.97 -20.46 5.10
N VAL D 64 -21.54 -21.33 6.02
CA VAL D 64 -22.47 -22.28 6.60
C VAL D 64 -23.49 -21.57 7.48
N SER D 65 -23.08 -20.50 8.17
CA SER D 65 -24.02 -19.76 9.00
C SER D 65 -25.06 -19.04 8.15
N ALA D 66 -24.61 -18.42 7.06
CA ALA D 66 -25.55 -17.75 6.16
C ALA D 66 -26.51 -18.76 5.52
N LEU D 67 -25.99 -19.93 5.12
CA LEU D 67 -26.86 -20.96 4.58
C LEU D 67 -27.88 -21.42 5.61
N ARG D 68 -27.48 -21.52 6.88
CA ARG D 68 -28.42 -21.95 7.91
C ARG D 68 -29.54 -20.93 8.10
N LYS D 69 -29.19 -19.63 8.15
CA LYS D 69 -30.20 -18.59 8.28
C LYS D 69 -31.13 -18.56 7.08
N MET D 70 -30.65 -18.98 5.91
CA MET D 70 -31.49 -19.05 4.72
C MET D 70 -32.57 -20.11 4.83
N GLY D 71 -32.39 -21.11 5.69
CA GLY D 71 -33.27 -22.26 5.72
C GLY D 71 -32.74 -23.48 5.00
N VAL D 72 -31.48 -23.45 4.56
CA VAL D 72 -30.85 -24.59 3.91
C VAL D 72 -30.52 -25.64 4.95
N LYS D 73 -30.80 -26.90 4.64
CA LYS D 73 -30.41 -28.00 5.50
C LYS D 73 -28.91 -28.21 5.45
N LEU D 74 -28.30 -28.45 6.62
CA LEU D 74 -26.87 -28.59 6.74
C LEU D 74 -26.52 -29.87 7.48
N THR D 75 -25.46 -30.55 7.02
CA THR D 75 -25.02 -31.80 7.59
C THR D 75 -23.52 -31.91 7.41
N PRO D 76 -22.82 -32.65 8.28
CA PRO D 76 -21.41 -32.94 8.02
C PRO D 76 -21.19 -34.08 7.03
N HIS D 77 -22.22 -34.87 6.74
CA HIS D 77 -22.07 -36.14 6.04
C HIS D 77 -22.40 -35.97 4.56
N ASN D 78 -21.40 -36.14 3.70
CA ASN D 78 -21.62 -36.04 2.27
C ASN D 78 -22.60 -37.10 1.78
N LYS D 79 -22.60 -38.29 2.39
CA LYS D 79 -23.53 -39.34 1.98
C LYS D 79 -24.98 -38.92 2.21
N GLU D 80 -25.23 -38.11 3.24
CA GLU D 80 -26.58 -37.62 3.49
C GLU D 80 -27.03 -36.65 2.40
N THR D 81 -26.14 -35.78 1.95
CA THR D 81 -26.47 -34.88 0.84
C THR D 81 -26.78 -35.67 -0.42
N VAL D 82 -26.03 -36.74 -0.67
CA VAL D 82 -26.27 -37.57 -1.85
C VAL D 82 -27.66 -38.20 -1.76
N GLN D 83 -28.00 -38.75 -0.59
CA GLN D 83 -29.29 -39.42 -0.46
C GLN D 83 -30.45 -38.44 -0.58
N HIS D 84 -30.25 -37.19 -0.16
CA HIS D 84 -31.28 -36.17 -0.23
C HIS D 84 -31.49 -35.63 -1.64
N SER D 85 -30.44 -35.58 -2.45
CA SER D 85 -30.45 -34.75 -3.65
C SER D 85 -30.86 -35.53 -4.90
N ASP D 86 -31.52 -34.82 -5.81
CA ASP D 86 -31.69 -35.27 -7.19
C ASP D 86 -30.64 -34.66 -8.11
N VAL D 87 -30.37 -33.37 -7.93
CA VAL D 87 -29.27 -32.67 -8.60
C VAL D 87 -28.22 -32.38 -7.55
N LEU D 88 -27.01 -32.87 -7.79
CA LEU D 88 -25.93 -32.82 -6.80
C LEU D 88 -24.81 -31.96 -7.35
N PHE D 89 -24.65 -30.76 -6.78
CA PHE D 89 -23.56 -29.86 -7.16
C PHE D 89 -22.29 -30.24 -6.40
N LEU D 90 -21.19 -30.38 -7.11
CA LEU D 90 -19.89 -30.56 -6.48
C LEU D 90 -19.26 -29.18 -6.36
N ALA D 91 -19.19 -28.67 -5.13
CA ALA D 91 -18.73 -27.30 -4.86
C ALA D 91 -17.56 -27.32 -3.88
N VAL D 92 -16.64 -28.23 -4.11
CA VAL D 92 -15.39 -28.31 -3.36
C VAL D 92 -14.24 -27.90 -4.27
N LYS D 93 -13.10 -27.61 -3.66
CA LYS D 93 -11.91 -27.27 -4.42
C LYS D 93 -11.55 -28.42 -5.37
N PRO D 94 -10.98 -28.09 -6.54
CA PRO D 94 -10.72 -29.14 -7.55
C PRO D 94 -9.94 -30.35 -7.06
N HIS D 95 -8.88 -30.14 -6.26
CA HIS D 95 -8.08 -31.25 -5.79
C HIS D 95 -8.83 -32.13 -4.79
N ILE D 96 -10.00 -31.68 -4.30
CA ILE D 96 -10.80 -32.51 -3.39
C ILE D 96 -11.83 -33.35 -4.14
N ILE D 97 -12.08 -33.06 -5.43
CA ILE D 97 -13.09 -33.80 -6.18
C ILE D 97 -12.82 -35.30 -6.19
N PRO D 98 -11.63 -35.79 -6.55
CA PRO D 98 -11.44 -37.26 -6.57
C PRO D 98 -11.64 -37.91 -5.22
N PHE D 99 -11.29 -37.24 -4.12
CA PHE D 99 -11.54 -37.78 -2.79
C PHE D 99 -13.03 -37.89 -2.53
N ILE D 100 -13.80 -36.88 -2.93
CA ILE D 100 -15.25 -36.93 -2.75
C ILE D 100 -15.85 -38.03 -3.61
N LEU D 101 -15.39 -38.16 -4.86
CA LEU D 101 -15.93 -39.19 -5.74
C LEU D 101 -15.63 -40.59 -5.19
N ASP D 102 -14.44 -40.78 -4.62
CA ASP D 102 -14.13 -42.03 -3.95
C ASP D 102 -15.09 -42.28 -2.79
N GLU D 103 -15.45 -41.21 -2.07
CA GLU D 103 -16.24 -41.36 -0.84
C GLU D 103 -17.68 -41.70 -1.14
N ILE D 104 -18.32 -40.96 -2.05
CA ILE D 104 -19.75 -41.08 -2.29
C ILE D 104 -20.06 -41.82 -3.58
N GLY D 105 -19.05 -42.30 -4.30
CA GLY D 105 -19.29 -42.95 -5.58
C GLY D 105 -20.24 -44.12 -5.47
N ALA D 106 -20.11 -44.92 -4.42
CA ALA D 106 -21.00 -46.06 -4.25
C ALA D 106 -22.44 -45.64 -3.97
N ASP D 107 -22.70 -44.38 -3.64
CA ASP D 107 -24.03 -43.89 -3.35
C ASP D 107 -24.68 -43.16 -4.51
N ILE D 108 -23.97 -42.91 -5.59
CA ILE D 108 -24.53 -42.25 -6.76
C ILE D 108 -25.36 -43.27 -7.54
N GLU D 109 -26.63 -42.93 -7.77
CA GLU D 109 -27.59 -43.83 -8.41
C GLU D 109 -27.98 -43.29 -9.78
N ASP D 110 -28.71 -44.12 -10.53
CA ASP D 110 -29.14 -43.72 -11.87
C ASP D 110 -29.98 -42.44 -11.85
N ARG D 111 -30.62 -42.16 -10.72
CA ARG D 111 -31.48 -40.98 -10.60
C ARG D 111 -30.68 -39.67 -10.52
N HIS D 112 -29.39 -39.72 -10.21
CA HIS D 112 -28.67 -38.50 -9.91
C HIS D 112 -28.20 -37.79 -11.18
N ILE D 113 -28.28 -36.47 -11.16
CA ILE D 113 -27.51 -35.63 -12.05
C ILE D 113 -26.39 -35.01 -11.22
N VAL D 114 -25.14 -35.31 -11.60
CA VAL D 114 -23.96 -34.83 -10.88
C VAL D 114 -23.44 -33.62 -11.65
N VAL D 115 -23.48 -32.45 -11.01
CA VAL D 115 -23.08 -31.20 -11.63
C VAL D 115 -21.79 -30.76 -10.97
N SER D 116 -20.67 -30.88 -11.70
CA SER D 116 -19.39 -30.45 -11.18
C SER D 116 -19.19 -28.98 -11.51
N CYS D 117 -18.93 -28.17 -10.49
CA CYS D 117 -18.60 -26.76 -10.66
C CYS D 117 -17.12 -26.51 -10.53
N ALA D 118 -16.33 -27.55 -10.27
CA ALA D 118 -14.93 -27.37 -9.95
C ALA D 118 -14.14 -26.88 -11.17
N ALA D 119 -13.33 -25.85 -10.95
CA ALA D 119 -12.49 -25.35 -12.04
C ALA D 119 -11.59 -26.46 -12.55
N GLY D 120 -11.52 -26.60 -13.88
CA GLY D 120 -10.57 -27.47 -14.53
C GLY D 120 -10.91 -28.95 -14.57
N VAL D 121 -11.75 -29.44 -13.67
CA VAL D 121 -11.95 -30.89 -13.54
C VAL D 121 -12.77 -31.40 -14.72
N THR D 122 -12.23 -32.36 -15.45
CA THR D 122 -12.87 -32.83 -16.67
C THR D 122 -14.02 -33.79 -16.40
N ILE D 123 -15.00 -33.77 -17.31
CA ILE D 123 -16.05 -34.78 -17.29
C ILE D 123 -15.45 -36.18 -17.35
N SER D 124 -14.42 -36.36 -18.19
CA SER D 124 -13.76 -37.65 -18.30
C SER D 124 -13.32 -38.19 -16.93
N SER D 125 -12.65 -37.34 -16.14
CA SER D 125 -12.13 -37.80 -14.85
C SER D 125 -13.25 -38.17 -13.89
N ILE D 126 -14.37 -37.43 -13.95
CA ILE D 126 -15.50 -37.70 -13.06
C ILE D 126 -16.19 -39.00 -13.47
N GLU D 127 -16.42 -39.19 -14.77
CA GLU D 127 -17.08 -40.41 -15.22
C GLU D 127 -16.21 -41.63 -14.96
N LYS D 128 -14.90 -41.51 -15.13
CA LYS D 128 -14.03 -42.66 -14.87
C LYS D 128 -14.17 -43.13 -13.43
N LYS D 129 -14.21 -42.19 -12.47
CA LYS D 129 -14.40 -42.54 -11.07
C LYS D 129 -15.76 -43.18 -10.85
N LEU D 130 -16.82 -42.51 -11.29
CA LEU D 130 -18.17 -42.95 -10.96
C LEU D 130 -18.56 -44.23 -11.72
N SER D 131 -18.04 -44.44 -12.93
CA SER D 131 -18.39 -45.63 -13.70
C SER D 131 -17.84 -46.91 -13.07
N ALA D 132 -16.85 -46.82 -12.20
CA ALA D 132 -16.40 -47.99 -11.48
C ALA D 132 -17.48 -48.55 -10.56
N PHE D 133 -18.46 -47.71 -10.18
CA PHE D 133 -19.54 -48.13 -9.30
C PHE D 133 -20.82 -48.48 -10.07
N ARG D 134 -21.32 -47.57 -10.88
CA ARG D 134 -22.49 -47.80 -11.70
C ARG D 134 -22.22 -47.31 -13.11
N PRO D 135 -22.76 -47.99 -14.13
CA PRO D 135 -22.22 -47.83 -15.49
C PRO D 135 -22.55 -46.52 -16.19
N ALA D 136 -23.65 -45.83 -15.87
CA ALA D 136 -24.11 -44.69 -16.67
C ALA D 136 -24.30 -43.43 -15.84
N PRO D 137 -23.25 -42.94 -15.17
CA PRO D 137 -23.41 -41.72 -14.37
C PRO D 137 -23.74 -40.51 -15.25
N ARG D 138 -24.75 -39.76 -14.85
CA ARG D 138 -25.18 -38.56 -15.56
C ARG D 138 -24.40 -37.38 -15.01
N VAL D 139 -23.44 -36.87 -15.80
CA VAL D 139 -22.52 -35.85 -15.35
C VAL D 139 -22.70 -34.61 -16.22
N ILE D 140 -22.73 -33.45 -15.58
CA ILE D 140 -22.70 -32.16 -16.26
C ILE D 140 -21.59 -31.34 -15.63
N ARG D 141 -20.75 -30.73 -16.46
CA ARG D 141 -19.71 -29.84 -15.96
C ARG D 141 -20.13 -28.40 -16.18
N CYS D 142 -19.94 -27.59 -15.15
CA CYS D 142 -20.42 -26.23 -15.11
C CYS D 142 -19.27 -25.29 -14.80
N MET D 143 -19.35 -24.05 -15.32
CA MET D 143 -18.51 -22.97 -14.81
C MET D 143 -19.41 -21.76 -14.68
N THR D 144 -19.37 -21.12 -13.52
CA THR D 144 -20.26 -20.00 -13.22
C THR D 144 -19.40 -18.94 -12.54
N ASN D 145 -20.01 -18.03 -11.79
CA ASN D 145 -19.24 -17.04 -11.05
C ASN D 145 -20.09 -16.53 -9.89
N THR D 146 -19.44 -15.79 -8.97
CA THR D 146 -20.14 -15.41 -7.75
C THR D 146 -21.34 -14.48 -7.97
N PRO D 147 -21.44 -13.68 -9.06
CA PRO D 147 -22.63 -12.83 -9.22
C PRO D 147 -23.94 -13.59 -9.38
N VAL D 148 -23.95 -14.92 -9.42
CA VAL D 148 -25.22 -15.62 -9.28
C VAL D 148 -25.92 -15.21 -7.99
N VAL D 149 -25.16 -14.72 -7.00
CA VAL D 149 -25.76 -14.33 -5.72
C VAL D 149 -26.71 -13.14 -5.90
N VAL D 150 -26.53 -12.33 -6.94
CA VAL D 150 -27.46 -11.25 -7.28
C VAL D 150 -28.18 -11.58 -8.59
N ARG D 151 -28.21 -12.85 -8.97
CA ARG D 151 -28.91 -13.33 -10.16
C ARG D 151 -28.41 -12.70 -11.45
N GLU D 152 -27.11 -12.38 -11.51
CA GLU D 152 -26.48 -11.90 -12.74
C GLU D 152 -25.21 -12.68 -13.02
N GLY D 153 -25.26 -13.99 -12.78
CA GLY D 153 -24.14 -14.85 -13.08
C GLY D 153 -23.93 -14.99 -14.57
N ALA D 154 -22.76 -15.56 -14.89
CA ALA D 154 -22.40 -15.93 -16.25
C ALA D 154 -22.02 -17.40 -16.19
N THR D 155 -22.86 -18.27 -16.77
CA THR D 155 -22.71 -19.71 -16.60
C THR D 155 -22.63 -20.40 -17.95
N VAL D 156 -21.70 -21.37 -18.07
CA VAL D 156 -21.70 -22.29 -19.19
C VAL D 156 -21.75 -23.71 -18.64
N TYR D 157 -22.22 -24.64 -19.46
CA TYR D 157 -22.23 -26.03 -19.05
C TYR D 157 -22.00 -26.92 -20.27
N ALA D 158 -21.39 -28.08 -20.03
CA ALA D 158 -21.23 -29.14 -21.02
C ALA D 158 -21.82 -30.42 -20.45
N THR D 159 -22.53 -31.17 -21.29
CA THR D 159 -23.16 -32.41 -20.86
C THR D 159 -22.23 -33.59 -21.08
N GLY D 160 -22.27 -34.55 -20.16
CA GLY D 160 -21.42 -35.71 -20.23
C GLY D 160 -21.98 -36.81 -21.10
N THR D 161 -21.28 -37.95 -21.08
CA THR D 161 -21.57 -39.07 -21.98
C THR D 161 -22.99 -39.61 -21.80
N HIS D 162 -23.45 -39.73 -20.55
CA HIS D 162 -24.73 -40.37 -20.24
C HIS D 162 -25.79 -39.37 -19.82
N ALA D 163 -25.54 -38.08 -19.94
CA ALA D 163 -26.55 -37.09 -19.61
C ALA D 163 -27.69 -37.18 -20.60
N GLN D 164 -28.91 -37.30 -20.08
CA GLN D 164 -30.09 -37.34 -20.92
C GLN D 164 -30.38 -35.93 -21.48
N VAL D 165 -31.09 -35.89 -22.60
CA VAL D 165 -31.35 -34.62 -23.28
C VAL D 165 -32.06 -33.65 -22.34
N GLU D 166 -33.02 -34.17 -21.56
CA GLU D 166 -33.70 -33.33 -20.59
C GLU D 166 -32.81 -32.92 -19.42
N ASP D 167 -31.68 -33.61 -19.21
CA ASP D 167 -30.76 -33.19 -18.15
C ASP D 167 -30.15 -31.85 -18.47
N GLY D 168 -29.71 -31.66 -19.72
CA GLY D 168 -29.17 -30.37 -20.12
C GLY D 168 -30.23 -29.28 -20.11
N ARG D 169 -31.45 -29.62 -20.57
CA ARG D 169 -32.53 -28.63 -20.55
C ARG D 169 -32.87 -28.22 -19.13
N LEU D 170 -32.92 -29.18 -18.21
CA LEU D 170 -33.14 -28.87 -16.80
C LEU D 170 -32.04 -27.96 -16.27
N MET D 171 -30.79 -28.32 -16.53
CA MET D 171 -29.65 -27.53 -16.08
CA MET D 171 -29.70 -27.50 -16.01
C MET D 171 -29.72 -26.10 -16.62
N GLU D 172 -30.08 -25.96 -17.89
CA GLU D 172 -30.14 -24.63 -18.47
C GLU D 172 -31.23 -23.79 -17.80
N GLN D 173 -32.40 -24.39 -17.57
CA GLN D 173 -33.46 -23.65 -16.88
C GLN D 173 -33.05 -23.27 -15.46
N LEU D 174 -32.41 -24.19 -14.73
CA LEU D 174 -31.97 -23.88 -13.37
C LEU D 174 -30.96 -22.75 -13.33
N LEU D 175 -29.88 -22.87 -14.11
CA LEU D 175 -28.85 -21.83 -14.04
C LEU D 175 -29.28 -20.54 -14.73
N SER D 176 -30.27 -20.59 -15.63
CA SER D 176 -30.78 -19.35 -16.21
C SER D 176 -31.53 -18.51 -15.19
N SER D 177 -31.99 -19.11 -14.10
CA SER D 177 -32.70 -18.33 -13.10
C SER D 177 -31.78 -17.40 -12.33
N VAL D 178 -30.46 -17.54 -12.47
CA VAL D 178 -29.54 -16.72 -11.69
C VAL D 178 -28.54 -16.04 -12.61
N GLY D 179 -28.84 -15.97 -13.89
CA GLY D 179 -27.99 -15.21 -14.79
C GLY D 179 -28.03 -15.79 -16.19
N PHE D 180 -27.02 -15.39 -16.97
CA PHE D 180 -26.87 -15.92 -18.31
C PHE D 180 -26.41 -17.37 -18.24
N CYS D 181 -26.93 -18.21 -19.13
CA CYS D 181 -26.51 -19.60 -19.16
C CYS D 181 -26.57 -20.10 -20.59
N THR D 182 -25.54 -20.83 -21.02
CA THR D 182 -25.58 -21.44 -22.34
C THR D 182 -24.73 -22.71 -22.36
N GLU D 183 -25.11 -23.64 -23.22
CA GLU D 183 -24.34 -24.86 -23.40
C GLU D 183 -23.10 -24.59 -24.25
N VAL D 184 -22.00 -25.24 -23.90
CA VAL D 184 -20.76 -25.16 -24.68
C VAL D 184 -20.17 -26.56 -24.80
N GLU D 185 -19.27 -26.70 -25.78
CA GLU D 185 -18.36 -27.84 -25.80
C GLU D 185 -17.42 -27.76 -24.60
N GLU D 186 -17.08 -28.93 -24.03
CA GLU D 186 -16.28 -28.92 -22.81
C GLU D 186 -14.93 -28.25 -23.04
N ASP D 187 -14.40 -28.31 -24.27
CA ASP D 187 -13.06 -27.79 -24.47
C ASP D 187 -12.99 -26.27 -24.41
N LEU D 188 -14.13 -25.58 -24.24
CA LEU D 188 -14.13 -24.14 -24.02
C LEU D 188 -14.10 -23.75 -22.54
N ILE D 189 -14.30 -24.71 -21.64
CA ILE D 189 -14.65 -24.31 -20.27
C ILE D 189 -13.47 -23.71 -19.51
N ASP D 190 -12.24 -24.18 -19.76
CA ASP D 190 -11.10 -23.57 -19.08
C ASP D 190 -10.90 -22.12 -19.52
N ALA D 191 -11.17 -21.81 -20.79
CA ALA D 191 -11.10 -20.43 -21.25
C ALA D 191 -12.20 -19.57 -20.62
N VAL D 192 -13.42 -20.11 -20.54
CA VAL D 192 -14.48 -19.41 -19.84
C VAL D 192 -14.07 -19.13 -18.40
N THR D 193 -13.41 -20.09 -17.76
CA THR D 193 -12.95 -19.88 -16.37
C THR D 193 -12.05 -18.67 -16.27
N GLY D 194 -11.14 -18.50 -17.23
CA GLY D 194 -10.24 -17.36 -17.17
C GLY D 194 -10.91 -16.03 -17.46
N LEU D 195 -12.03 -16.06 -18.17
CA LEU D 195 -12.74 -14.84 -18.57
C LEU D 195 -13.82 -14.50 -17.54
N SER D 196 -14.92 -15.27 -17.52
CA SER D 196 -16.03 -14.93 -16.64
C SER D 196 -15.96 -15.58 -15.27
N GLY D 197 -15.22 -16.68 -15.10
CA GLY D 197 -15.08 -17.23 -13.75
C GLY D 197 -14.24 -16.35 -12.85
N SER D 198 -13.04 -16.00 -13.32
CA SER D 198 -12.17 -15.06 -12.63
C SER D 198 -12.58 -13.61 -12.86
N GLY D 199 -13.34 -13.33 -13.90
CA GLY D 199 -13.76 -11.99 -14.27
C GLY D 199 -14.17 -11.05 -13.16
N PRO D 200 -15.02 -11.49 -12.23
CA PRO D 200 -15.46 -10.56 -11.18
C PRO D 200 -14.30 -10.03 -10.35
N ALA D 201 -13.25 -10.82 -10.14
CA ALA D 201 -12.08 -10.33 -9.40
C ALA D 201 -11.35 -9.24 -10.19
N TYR D 202 -11.31 -9.36 -11.52
CA TYR D 202 -10.74 -8.28 -12.32
C TYR D 202 -11.55 -7.01 -12.13
N ALA D 203 -12.87 -7.16 -12.14
CA ALA D 203 -13.76 -6.00 -11.98
C ALA D 203 -13.61 -5.38 -10.59
N PHE D 204 -13.54 -6.21 -9.54
CA PHE D 204 -13.39 -5.64 -8.20
C PHE D 204 -12.08 -4.87 -8.09
N THR D 205 -11.00 -5.41 -8.67
CA THR D 205 -9.73 -4.68 -8.69
C THR D 205 -9.88 -3.35 -9.42
N ALA D 206 -10.52 -3.38 -10.61
CA ALA D 206 -10.73 -2.16 -11.38
C ALA D 206 -11.56 -1.15 -10.61
N LEU D 207 -12.60 -1.62 -9.91
CA LEU D 207 -13.48 -0.69 -9.19
C LEU D 207 -12.76 -0.06 -8.00
N ASP D 208 -11.95 -0.85 -7.28
CA ASP D 208 -11.14 -0.28 -6.21
C ASP D 208 -10.23 0.82 -6.75
N ALA D 209 -9.60 0.56 -7.90
CA ALA D 209 -8.66 1.52 -8.47
C ALA D 209 -9.38 2.76 -9.01
N LEU D 210 -10.51 2.56 -9.71
CA LEU D 210 -11.29 3.70 -10.17
C LEU D 210 -11.72 4.58 -9.01
N ALA D 211 -12.13 3.97 -7.91
CA ALA D 211 -12.52 4.74 -6.73
C ALA D 211 -11.33 5.54 -6.17
N ASP D 212 -10.14 4.91 -6.09
CA ASP D 212 -8.93 5.64 -5.71
C ASP D 212 -8.71 6.83 -6.63
N GLY D 213 -8.95 6.65 -7.94
CA GLY D 213 -8.82 7.75 -8.86
C GLY D 213 -9.79 8.88 -8.56
N GLY D 214 -11.07 8.53 -8.33
CA GLY D 214 -12.02 9.53 -7.88
C GLY D 214 -11.60 10.23 -6.61
N VAL D 215 -11.12 9.47 -5.62
CA VAL D 215 -10.65 10.07 -4.36
C VAL D 215 -9.48 11.02 -4.62
N LYS D 216 -8.56 10.61 -5.49
CA LYS D 216 -7.41 11.48 -5.76
C LYS D 216 -7.87 12.81 -6.32
N MET D 217 -8.93 12.80 -7.13
CA MET D 217 -9.42 14.01 -7.76
C MET D 217 -10.46 14.74 -6.93
N GLY D 218 -10.71 14.31 -5.70
CA GLY D 218 -11.48 15.10 -4.76
C GLY D 218 -12.83 14.54 -4.34
N LEU D 219 -13.18 13.32 -4.79
CA LEU D 219 -14.47 12.74 -4.42
C LEU D 219 -14.37 12.00 -3.10
N PRO D 220 -15.44 12.04 -2.30
CA PRO D 220 -15.53 11.13 -1.16
C PRO D 220 -15.49 9.68 -1.62
N ARG D 221 -14.83 8.84 -0.81
CA ARG D 221 -14.68 7.44 -1.18
CA ARG D 221 -14.68 7.42 -1.15
C ARG D 221 -16.03 6.77 -1.44
N ARG D 222 -17.01 7.00 -0.55
CA ARG D 222 -18.29 6.32 -0.72
C ARG D 222 -18.94 6.68 -2.06
N LEU D 223 -18.93 7.97 -2.42
CA LEU D 223 -19.49 8.39 -3.71
C LEU D 223 -18.68 7.83 -4.87
N ALA D 224 -17.34 7.85 -4.77
CA ALA D 224 -16.52 7.35 -5.86
C ALA D 224 -16.77 5.86 -6.11
N VAL D 225 -16.94 5.07 -5.05
CA VAL D 225 -17.22 3.64 -5.22
C VAL D 225 -18.57 3.43 -5.90
N ARG D 226 -19.58 4.23 -5.50
CA ARG D 226 -20.94 4.11 -6.04
C ARG D 226 -20.96 4.48 -7.52
N LEU D 227 -20.31 5.60 -7.87
CA LEU D 227 -20.28 6.09 -9.25
C LEU D 227 -19.49 5.16 -10.17
N GLY D 228 -18.33 4.68 -9.72
CA GLY D 228 -17.55 3.77 -10.53
C GLY D 228 -18.28 2.46 -10.78
N ALA D 229 -18.91 1.91 -9.75
CA ALA D 229 -19.64 0.66 -9.92
C ALA D 229 -20.84 0.86 -10.83
N GLN D 230 -21.57 1.97 -10.67
CA GLN D 230 -22.69 2.23 -11.55
C GLN D 230 -22.24 2.42 -12.99
N ALA D 231 -21.09 3.09 -13.19
CA ALA D 231 -20.57 3.30 -14.53
C ALA D 231 -20.24 1.98 -15.21
N LEU D 232 -19.61 1.06 -14.47
CA LEU D 232 -19.28 -0.25 -15.04
C LEU D 232 -20.54 -1.06 -15.34
N LEU D 233 -21.50 -1.07 -14.41
CA LEU D 233 -22.73 -1.82 -14.64
C LEU D 233 -23.46 -1.30 -15.88
N GLY D 234 -23.57 0.04 -16.00
CA GLY D 234 -24.32 0.60 -17.12
C GLY D 234 -23.62 0.37 -18.44
N ALA D 235 -22.29 0.46 -18.46
CA ALA D 235 -21.55 0.22 -19.70
C ALA D 235 -21.69 -1.23 -20.11
N ALA D 236 -21.58 -2.14 -19.15
CA ALA D 236 -21.79 -3.55 -19.45
C ALA D 236 -23.20 -3.80 -19.99
N LYS D 237 -24.22 -3.22 -19.35
CA LYS D 237 -25.58 -3.41 -19.84
C LYS D 237 -25.76 -2.85 -21.24
N MET D 238 -25.14 -1.69 -21.52
CA MET D 238 -25.20 -1.11 -22.87
C MET D 238 -24.66 -2.08 -23.91
N LEU D 239 -23.49 -2.66 -23.64
CA LEU D 239 -22.88 -3.57 -24.60
C LEU D 239 -23.76 -4.79 -24.82
N LEU D 240 -24.34 -5.33 -23.74
CA LEU D 240 -25.19 -6.50 -23.88
C LEU D 240 -26.43 -6.21 -24.71
N HIS D 241 -26.95 -4.99 -24.67
CA HIS D 241 -28.16 -4.63 -25.38
C HIS D 241 -27.91 -3.95 -26.72
N SER D 242 -26.64 -3.81 -27.11
CA SER D 242 -26.26 -3.14 -28.35
C SER D 242 -25.82 -4.16 -29.38
N GLU D 243 -26.07 -3.85 -30.64
CA GLU D 243 -25.49 -4.58 -31.75
C GLU D 243 -24.15 -4.00 -32.19
N GLN D 244 -23.70 -2.92 -31.56
CA GLN D 244 -22.50 -2.22 -31.98
C GLN D 244 -21.25 -2.80 -31.32
N HIS D 245 -20.14 -2.63 -32.00
CA HIS D 245 -18.84 -3.02 -31.47
C HIS D 245 -18.47 -2.15 -30.26
N PRO D 246 -17.78 -2.72 -29.25
CA PRO D 246 -17.33 -1.89 -28.11
C PRO D 246 -16.53 -0.66 -28.54
N GLY D 247 -15.74 -0.79 -29.61
CA GLY D 247 -15.01 0.37 -30.11
C GLY D 247 -15.93 1.48 -30.58
N GLN D 248 -17.08 1.11 -31.18
CA GLN D 248 -18.03 2.15 -31.59
C GLN D 248 -18.66 2.83 -30.39
N LEU D 249 -19.05 2.05 -29.36
CA LEU D 249 -19.60 2.68 -28.16
C LEU D 249 -18.58 3.59 -27.51
N LYS D 250 -17.31 3.17 -27.51
CA LYS D 250 -16.23 4.01 -27.00
C LYS D 250 -16.15 5.32 -27.78
N ASP D 251 -16.21 5.22 -29.11
CA ASP D 251 -16.14 6.39 -29.97
C ASP D 251 -17.29 7.36 -29.69
N ASN D 252 -18.45 6.84 -29.28
CA ASN D 252 -19.58 7.71 -28.97
C ASN D 252 -19.38 8.53 -27.69
N VAL D 253 -18.50 8.11 -26.78
CA VAL D 253 -18.24 8.85 -25.55
C VAL D 253 -17.34 10.05 -25.82
N SER D 254 -16.32 9.87 -26.67
CA SER D 254 -15.18 10.78 -26.75
C SER D 254 -15.44 11.92 -27.72
N SER D 255 -15.52 13.14 -27.22
CA SER D 255 -15.53 14.29 -28.11
CA SER D 255 -15.52 14.28 -28.11
C SER D 255 -14.10 14.61 -28.54
N PRO D 256 -13.92 15.14 -29.75
CA PRO D 256 -12.58 15.53 -30.19
C PRO D 256 -11.91 16.50 -29.21
N GLY D 257 -10.65 16.21 -28.90
CA GLY D 257 -9.85 17.00 -27.99
C GLY D 257 -10.26 16.92 -26.53
N GLY D 258 -11.24 16.08 -26.19
CA GLY D 258 -11.91 16.14 -24.92
C GLY D 258 -11.33 15.26 -23.83
N ALA D 259 -12.08 15.18 -22.73
CA ALA D 259 -11.57 14.56 -21.51
C ALA D 259 -11.39 13.06 -21.69
N THR D 260 -12.38 12.41 -22.30
CA THR D 260 -12.33 10.95 -22.39
C THR D 260 -11.18 10.48 -23.27
N ILE D 261 -10.98 11.10 -24.43
CA ILE D 261 -9.89 10.64 -25.29
C ILE D 261 -8.53 10.88 -24.62
N HIS D 262 -8.40 11.93 -23.79
CA HIS D 262 -7.15 12.08 -23.05
C HIS D 262 -6.95 10.95 -22.06
N ALA D 263 -8.01 10.51 -21.37
CA ALA D 263 -7.90 9.40 -20.43
C ALA D 263 -7.65 8.08 -21.17
N LEU D 264 -8.27 7.89 -22.33
CA LEU D 264 -8.02 6.66 -23.08
C LEU D 264 -6.56 6.57 -23.50
N HIS D 265 -5.94 7.70 -23.85
CA HIS D 265 -4.53 7.69 -24.21
C HIS D 265 -3.67 7.17 -23.06
N VAL D 266 -3.91 7.63 -21.83
CA VAL D 266 -3.05 7.17 -20.75
C VAL D 266 -3.29 5.69 -20.46
N LEU D 267 -4.52 5.19 -20.66
CA LEU D 267 -4.72 3.74 -20.58
C LEU D 267 -3.88 3.02 -21.62
N GLU D 268 -3.93 3.48 -22.88
CA GLU D 268 -3.16 2.83 -23.94
C GLU D 268 -1.66 2.86 -23.64
N SER D 269 -1.17 3.98 -23.11
CA SER D 269 0.27 4.11 -22.85
C SER D 269 0.76 3.11 -21.81
N GLY D 270 -0.12 2.66 -20.91
CA GLY D 270 0.27 1.63 -19.98
C GLY D 270 0.00 0.20 -20.43
N GLY D 271 -0.45 0.01 -21.67
CA GLY D 271 -0.75 -1.33 -22.14
C GLY D 271 -1.96 -1.94 -21.45
N PHE D 272 -2.93 -1.10 -21.07
CA PHE D 272 -4.13 -1.53 -20.37
C PHE D 272 -4.76 -2.76 -21.00
N ARG D 273 -4.98 -2.73 -22.33
CA ARG D 273 -5.60 -3.87 -22.99
C ARG D 273 -4.78 -5.14 -22.79
N SER D 274 -3.45 -5.04 -22.94
CA SER D 274 -2.61 -6.21 -22.84
C SER D 274 -2.68 -6.85 -21.46
N LEU D 275 -2.90 -6.04 -20.42
CA LEU D 275 -2.94 -6.57 -19.07
C LEU D 275 -4.16 -7.45 -18.86
N LEU D 276 -5.29 -7.02 -19.42
CA LEU D 276 -6.51 -7.84 -19.33
C LEU D 276 -6.37 -9.13 -20.15
N ILE D 277 -5.74 -9.05 -21.32
CA ILE D 277 -5.45 -10.28 -22.06
C ILE D 277 -4.55 -11.19 -21.22
N ASN D 278 -3.51 -10.61 -20.62
CA ASN D 278 -2.60 -11.37 -19.76
C ASN D 278 -3.37 -12.10 -18.66
N ALA D 279 -4.33 -11.40 -18.05
CA ALA D 279 -5.09 -11.96 -16.94
C ALA D 279 -5.90 -13.18 -17.37
N VAL D 280 -6.69 -13.04 -18.45
CA VAL D 280 -7.50 -14.17 -18.93
C VAL D 280 -6.60 -15.36 -19.24
N GLU D 281 -5.49 -15.09 -19.94
CA GLU D 281 -4.55 -16.14 -20.28
C GLU D 281 -3.97 -16.81 -19.04
N ALA D 282 -3.56 -16.02 -18.05
CA ALA D 282 -2.94 -16.57 -16.85
C ALA D 282 -3.92 -17.44 -16.07
N SER D 283 -5.17 -17.01 -15.98
CA SER D 283 -6.16 -17.82 -15.27
C SER D 283 -6.46 -19.11 -16.02
N CYS D 284 -6.64 -19.01 -17.34
CA CYS D 284 -6.90 -20.21 -18.15
C CYS D 284 -5.73 -21.19 -18.09
N ILE D 285 -4.49 -20.68 -18.22
CA ILE D 285 -3.33 -21.56 -18.19
C ILE D 285 -3.20 -22.23 -16.83
N ARG D 286 -3.39 -21.47 -15.76
CA ARG D 286 -3.27 -22.05 -14.42
C ARG D 286 -4.31 -23.14 -14.22
N THR D 287 -5.53 -22.90 -14.72
CA THR D 287 -6.57 -23.92 -14.67
C THR D 287 -6.15 -25.18 -15.43
N ARG D 288 -5.59 -25.01 -16.62
CA ARG D 288 -5.14 -26.16 -17.41
C ARG D 288 -3.99 -26.89 -16.70
N GLU D 289 -3.03 -26.14 -16.14
CA GLU D 289 -1.87 -26.77 -15.52
CA GLU D 289 -1.86 -26.78 -15.53
C GLU D 289 -2.25 -27.52 -14.25
N LEU D 290 -3.19 -26.98 -13.48
CA LEU D 290 -3.67 -27.69 -12.29
C LEU D 290 -4.32 -29.01 -12.67
N GLN D 291 -5.20 -28.99 -13.68
CA GLN D 291 -5.81 -30.24 -14.10
C GLN D 291 -4.79 -31.21 -14.69
N SER D 292 -3.77 -30.68 -15.38
CA SER D 292 -2.73 -31.56 -15.91
C SER D 292 -2.00 -32.26 -14.77
N MET D 293 -1.75 -31.55 -13.67
CA MET D 293 -1.16 -32.18 -12.49
C MET D 293 -2.09 -33.26 -11.91
N ALA D 294 -3.37 -32.94 -11.78
CA ALA D 294 -4.33 -33.90 -11.22
C ALA D 294 -4.41 -35.14 -12.10
N ASP D 295 -4.37 -34.96 -13.42
CA ASP D 295 -4.41 -36.10 -14.34
C ASP D 295 -3.20 -37.00 -14.15
N GLN D 296 -2.03 -36.40 -13.91
CA GLN D 296 -0.81 -37.14 -13.60
C GLN D 296 -0.73 -37.47 -12.11
N GLU D 297 -1.83 -37.99 -11.57
CA GLU D 297 -1.93 -38.36 -10.16
C GLU D 297 -3.16 -39.24 -9.94
N SER E 22 53.22 24.14 16.54
CA SER E 22 52.59 25.04 17.50
C SER E 22 51.15 25.38 17.09
N MET E 23 50.71 24.82 15.97
CA MET E 23 49.44 25.22 15.37
C MET E 23 48.25 24.72 16.19
N SER E 24 47.31 25.61 16.47
CA SER E 24 46.07 25.28 17.16
C SER E 24 44.91 25.27 16.17
N VAL E 25 44.06 24.24 16.27
CA VAL E 25 42.97 24.01 15.33
C VAL E 25 41.65 23.98 16.10
N GLY E 26 40.62 24.58 15.51
CA GLY E 26 39.30 24.53 16.09
C GLY E 26 38.26 24.06 15.10
N PHE E 27 37.22 23.40 15.64
CA PHE E 27 36.05 23.02 14.86
C PHE E 27 34.82 23.69 15.46
N ILE E 28 34.14 24.52 14.68
CA ILE E 28 32.78 24.95 15.01
C ILE E 28 31.86 23.85 14.50
N GLY E 29 31.19 23.17 15.42
CA GLY E 29 30.49 21.94 15.07
C GLY E 29 31.29 20.75 15.56
N ALA E 30 30.63 19.76 16.16
CA ALA E 30 31.34 18.61 16.70
C ALA E 30 30.63 17.34 16.28
N GLY E 31 30.31 17.25 15.00
CA GLY E 31 29.56 16.16 14.42
C GLY E 31 30.43 15.18 13.65
N GLN E 32 29.82 14.56 12.63
CA GLN E 32 30.49 13.51 11.87
C GLN E 32 31.79 14.00 11.24
N LEU E 33 31.77 15.18 10.60
CA LEU E 33 32.96 15.63 9.88
C LEU E 33 34.05 16.06 10.84
N ALA E 34 33.68 16.77 11.91
CA ALA E 34 34.66 17.19 12.90
C ALA E 34 35.35 15.97 13.51
N PHE E 35 34.58 14.93 13.81
CA PHE E 35 35.18 13.70 14.33
C PHE E 35 36.13 13.08 13.31
N ALA E 36 35.69 12.97 12.05
CA ALA E 36 36.50 12.29 11.05
C ALA E 36 37.81 13.03 10.81
N LEU E 37 37.77 14.35 10.73
CA LEU E 37 38.98 15.11 10.49
C LEU E 37 39.91 15.06 11.71
N ALA E 38 39.35 15.21 12.91
CA ALA E 38 40.18 15.16 14.11
C ALA E 38 40.80 13.78 14.31
N LYS E 39 40.03 12.72 14.03
CA LYS E 39 40.62 11.38 14.13
C LYS E 39 41.74 11.21 13.10
N GLY E 40 41.52 11.66 11.87
CA GLY E 40 42.54 11.53 10.85
C GLY E 40 43.78 12.33 11.17
N PHE E 41 43.61 13.59 11.59
CA PHE E 41 44.75 14.44 11.90
C PHE E 41 45.59 13.82 13.02
N THR E 42 44.94 13.33 14.07
CA THR E 42 45.71 12.81 15.19
C THR E 42 46.32 11.45 14.88
N ALA E 43 45.65 10.63 14.09
CA ALA E 43 46.25 9.37 13.63
C ALA E 43 47.46 9.62 12.75
N ALA E 44 47.40 10.67 11.93
CA ALA E 44 48.52 11.02 11.07
C ALA E 44 49.71 11.55 11.86
N GLY E 45 49.52 11.99 13.10
CA GLY E 45 50.56 12.61 13.88
C GLY E 45 50.79 14.07 13.60
N VAL E 46 50.07 14.67 12.66
CA VAL E 46 50.32 16.07 12.33
C VAL E 46 49.78 17.01 13.40
N LEU E 47 48.83 16.54 14.21
CA LEU E 47 48.27 17.33 15.30
C LEU E 47 48.10 16.41 16.50
N ALA E 48 48.56 16.85 17.66
CA ALA E 48 48.18 16.21 18.91
C ALA E 48 46.75 16.62 19.24
N ALA E 49 45.98 15.69 19.82
CA ALA E 49 44.58 15.97 20.11
C ALA E 49 44.42 17.21 20.98
N HIS E 50 45.40 17.50 21.84
CA HIS E 50 45.27 18.63 22.75
C HIS E 50 45.40 19.98 22.04
N LYS E 51 45.84 20.01 20.80
CA LYS E 51 45.85 21.24 20.02
C LYS E 51 44.53 21.49 19.31
N ILE E 52 43.55 20.60 19.48
CA ILE E 52 42.26 20.68 18.78
C ILE E 52 41.19 21.01 19.80
N MET E 53 40.34 21.98 19.46
CA MET E 53 39.15 22.29 20.24
C MET E 53 37.94 22.21 19.34
N ALA E 54 36.82 21.75 19.88
CA ALA E 54 35.58 21.66 19.11
C ALA E 54 34.42 22.12 19.97
N SER E 55 33.42 22.74 19.33
CA SER E 55 32.27 23.27 20.05
C SER E 55 30.98 22.76 19.43
N SER E 56 29.98 22.56 20.30
CA SER E 56 28.65 22.15 19.88
C SER E 56 27.68 22.59 20.94
N PRO E 57 26.44 23.00 20.58
CA PRO E 57 25.46 23.32 21.60
C PRO E 57 24.90 22.10 22.31
N ASP E 58 25.16 20.90 21.81
CA ASP E 58 24.71 19.65 22.43
C ASP E 58 25.95 18.83 22.77
N MET E 59 26.32 18.81 24.06
CA MET E 59 27.45 18.02 24.53
C MET E 59 27.06 16.60 24.88
N ASP E 60 25.98 16.08 24.29
CA ASP E 60 25.53 14.71 24.52
C ASP E 60 25.58 13.87 23.26
N LEU E 61 26.12 14.39 22.16
CA LEU E 61 26.25 13.61 20.95
C LEU E 61 27.34 12.56 21.10
N ALA E 62 27.20 11.46 20.35
CA ALA E 62 28.21 10.42 20.39
C ALA E 62 29.54 10.92 19.81
N THR E 63 29.48 11.77 18.78
CA THR E 63 30.70 12.34 18.23
C THR E 63 31.42 13.20 19.26
N VAL E 64 30.68 13.90 20.11
CA VAL E 64 31.31 14.70 21.15
C VAL E 64 32.01 13.81 22.17
N SER E 65 31.37 12.70 22.54
CA SER E 65 31.99 11.76 23.48
C SER E 65 33.26 11.17 22.88
N ALA E 66 33.21 10.78 21.61
CA ALA E 66 34.37 10.19 20.96
C ALA E 66 35.53 11.19 20.90
N LEU E 67 35.23 12.45 20.61
CA LEU E 67 36.27 13.47 20.57
C LEU E 67 36.91 13.68 21.94
N ARG E 68 36.09 13.73 23.00
CA ARG E 68 36.65 13.86 24.34
C ARG E 68 37.57 12.69 24.66
N LYS E 69 37.16 11.47 24.31
CA LYS E 69 38.00 10.29 24.58
C LYS E 69 39.33 10.39 23.86
N MET E 70 39.36 10.99 22.68
CA MET E 70 40.60 11.12 21.91
C MET E 70 41.58 12.09 22.53
N GLY E 71 41.12 13.01 23.38
CA GLY E 71 41.95 14.08 23.90
C GLY E 71 41.59 15.45 23.39
N VAL E 72 40.54 15.59 22.58
CA VAL E 72 40.14 16.87 22.04
C VAL E 72 39.43 17.67 23.12
N LYS E 73 39.72 18.99 23.16
CA LYS E 73 39.04 19.88 24.09
C LYS E 73 37.66 20.24 23.55
N LEU E 74 36.66 20.22 24.43
CA LEU E 74 35.28 20.49 24.05
C LEU E 74 34.78 21.68 24.84
N THR E 75 33.91 22.47 24.20
CA THR E 75 33.24 23.59 24.84
C THR E 75 31.90 23.78 24.17
N PRO E 76 30.87 24.24 24.90
CA PRO E 76 29.63 24.62 24.21
C PRO E 76 29.71 25.97 23.52
N HIS E 77 30.76 26.76 23.79
CA HIS E 77 30.84 28.16 23.39
C HIS E 77 31.72 28.30 22.15
N ASN E 78 31.10 28.71 21.04
CA ASN E 78 31.83 28.92 19.80
C ASN E 78 32.89 30.01 19.95
N LYS E 79 32.68 30.98 20.86
CA LYS E 79 33.71 32.00 21.06
C LYS E 79 34.98 31.40 21.64
N GLU E 80 34.86 30.41 22.52
CA GLU E 80 36.04 29.77 23.10
C GLU E 80 36.85 29.04 22.04
N THR E 81 36.16 28.39 21.09
CA THR E 81 36.86 27.72 20.00
C THR E 81 37.65 28.72 19.17
N VAL E 82 37.05 29.88 18.88
CA VAL E 82 37.71 30.90 18.09
C VAL E 82 38.96 31.40 18.81
N GLN E 83 38.83 31.68 20.10
CA GLN E 83 39.95 32.22 20.86
C GLN E 83 41.09 31.20 20.99
N HIS E 84 40.79 29.91 20.96
CA HIS E 84 41.81 28.87 21.03
C HIS E 84 42.55 28.70 19.71
N SER E 85 41.88 28.91 18.59
CA SER E 85 42.32 28.36 17.32
C SER E 85 43.12 29.37 16.49
N ASP E 86 44.05 28.83 15.70
CA ASP E 86 44.67 29.53 14.58
C ASP E 86 43.95 29.21 13.27
N VAL E 87 43.80 27.91 12.97
CA VAL E 87 43.00 27.43 11.86
C VAL E 87 41.63 27.06 12.39
N LEU E 88 40.57 27.63 11.82
CA LEU E 88 39.22 27.44 12.31
C LEU E 88 38.39 26.75 11.24
N PHE E 89 38.02 25.49 11.48
CA PHE E 89 37.15 24.75 10.57
C PHE E 89 35.69 24.99 10.91
N LEU E 90 34.90 25.31 9.89
CA LEU E 90 33.45 25.43 10.04
C LEU E 90 32.85 24.09 9.60
N ALA E 91 32.33 23.34 10.56
CA ALA E 91 31.81 21.99 10.34
C ALA E 91 30.38 21.87 10.85
N VAL E 92 29.58 22.91 10.59
CA VAL E 92 28.16 22.88 10.85
C VAL E 92 27.41 22.72 9.55
N LYS E 93 26.11 22.42 9.62
CA LYS E 93 25.27 22.32 8.42
C LYS E 93 25.29 23.65 7.66
N PRO E 94 25.15 23.59 6.33
CA PRO E 94 25.23 24.84 5.54
C PRO E 94 24.28 25.95 5.99
N HIS E 95 23.03 25.63 6.33
CA HIS E 95 22.13 26.69 6.74
C HIS E 95 22.49 27.31 8.08
N ILE E 96 23.40 26.67 8.84
CA ILE E 96 23.84 27.24 10.11
C ILE E 96 25.03 28.19 9.94
N ILE E 97 25.77 28.08 8.83
CA ILE E 97 26.97 28.91 8.62
C ILE E 97 26.69 30.40 8.82
N PRO E 98 25.67 31.01 8.21
CA PRO E 98 25.48 32.46 8.40
C PRO E 98 25.19 32.83 9.85
N PHE E 99 24.52 31.94 10.60
CA PHE E 99 24.27 32.19 12.01
C PHE E 99 25.58 32.22 12.79
N ILE E 100 26.46 31.25 12.58
CA ILE E 100 27.67 31.25 13.38
C ILE E 100 28.67 32.29 12.90
N LEU E 101 28.60 32.72 11.62
CA LEU E 101 29.46 33.84 11.21
C LEU E 101 29.02 35.13 11.89
N ASP E 102 27.72 35.34 12.06
CA ASP E 102 27.23 36.49 12.81
C ASP E 102 27.64 36.41 14.28
N GLU E 103 27.76 35.20 14.82
CA GLU E 103 28.06 35.04 16.23
C GLU E 103 29.53 35.33 16.54
N ILE E 104 30.44 34.84 15.71
CA ILE E 104 31.87 34.91 15.98
C ILE E 104 32.58 35.93 15.12
N GLY E 105 31.87 36.62 14.24
CA GLY E 105 32.54 37.55 13.32
C GLY E 105 33.36 38.60 14.04
N ALA E 106 32.86 39.09 15.18
CA ALA E 106 33.60 40.10 15.93
C ALA E 106 34.85 39.54 16.61
N ASP E 107 35.00 38.21 16.66
CA ASP E 107 36.13 37.59 17.34
C ASP E 107 37.21 37.09 16.38
N ILE E 108 36.99 37.19 15.07
CA ILE E 108 38.04 36.84 14.13
C ILE E 108 39.16 37.85 14.24
N GLU E 109 40.40 37.37 14.16
CA GLU E 109 41.58 38.21 14.28
C GLU E 109 42.47 38.04 13.05
N ASP E 110 43.51 38.87 12.99
CA ASP E 110 44.46 38.80 11.88
C ASP E 110 45.06 37.40 11.73
N ARG E 111 45.25 36.69 12.83
CA ARG E 111 45.93 35.40 12.80
C ARG E 111 45.06 34.28 12.23
N HIS E 112 43.74 34.47 12.15
CA HIS E 112 42.84 33.37 11.85
C HIS E 112 42.79 33.02 10.36
N ILE E 113 42.80 31.73 10.08
CA ILE E 113 42.42 31.19 8.77
C ILE E 113 41.10 30.45 8.98
N VAL E 114 40.05 30.92 8.31
CA VAL E 114 38.73 30.30 8.42
C VAL E 114 38.56 29.34 7.26
N VAL E 115 38.38 28.05 7.59
CA VAL E 115 38.26 26.99 6.60
C VAL E 115 36.82 26.49 6.63
N SER E 116 36.03 26.84 5.62
CA SER E 116 34.66 26.36 5.56
C SER E 116 34.61 25.00 4.88
N CYS E 117 34.03 24.02 5.56
CA CYS E 117 33.81 22.69 5.01
C CYS E 117 32.40 22.48 4.50
N ALA E 118 31.55 23.50 4.62
CA ALA E 118 30.12 23.32 4.40
C ALA E 118 29.80 23.16 2.93
N ALA E 119 28.97 22.17 2.63
CA ALA E 119 28.55 21.95 1.25
C ALA E 119 27.87 23.19 0.69
N GLY E 120 28.25 23.57 -0.53
CA GLY E 120 27.63 24.63 -1.26
C GLY E 120 27.97 26.05 -0.89
N VAL E 121 28.37 26.31 0.36
CA VAL E 121 28.49 27.69 0.83
C VAL E 121 29.69 28.35 0.16
N THR E 122 29.45 29.49 -0.49
CA THR E 122 30.46 30.18 -1.27
C THR E 122 31.40 31.01 -0.41
N ILE E 123 32.64 31.14 -0.89
CA ILE E 123 33.62 32.05 -0.27
C ILE E 123 33.05 33.46 -0.21
N SER E 124 32.40 33.89 -1.29
CA SER E 124 31.78 35.21 -1.34
C SER E 124 30.86 35.45 -0.16
N SER E 125 29.93 34.52 0.09
CA SER E 125 28.98 34.69 1.19
C SER E 125 29.68 34.72 2.55
N ILE E 126 30.75 33.94 2.71
CA ILE E 126 31.48 33.95 3.99
C ILE E 126 32.24 35.25 4.18
N GLU E 127 32.97 35.67 3.14
CA GLU E 127 33.74 36.92 3.23
C GLU E 127 32.83 38.12 3.43
N LYS E 128 31.64 38.11 2.82
CA LYS E 128 30.72 39.23 2.99
C LYS E 128 30.30 39.38 4.46
N LYS E 129 29.97 38.26 5.10
CA LYS E 129 29.58 38.29 6.52
C LYS E 129 30.74 38.71 7.41
N LEU E 130 31.92 38.12 7.20
CA LEU E 130 33.03 38.39 8.09
C LEU E 130 33.58 39.80 7.88
N SER E 131 33.53 40.32 6.66
CA SER E 131 34.12 41.63 6.40
C SER E 131 33.31 42.76 7.02
N ALA E 132 32.07 42.50 7.43
CA ALA E 132 31.31 43.50 8.15
C ALA E 132 31.93 43.82 9.51
N PHE E 133 32.69 42.89 10.07
CA PHE E 133 33.33 43.05 11.37
C PHE E 133 34.77 43.49 11.28
N ARG E 134 35.52 42.95 10.33
CA ARG E 134 36.94 43.23 10.26
C ARG E 134 37.32 42.98 8.81
N PRO E 135 38.05 43.89 8.16
CA PRO E 135 38.39 43.68 6.75
C PRO E 135 39.35 42.52 6.60
N ALA E 136 39.44 42.04 5.38
CA ALA E 136 40.38 41.02 4.96
C ALA E 136 40.34 39.72 5.78
N PRO E 137 39.19 39.09 5.97
CA PRO E 137 39.19 37.73 6.53
C PRO E 137 39.91 36.77 5.58
N ARG E 138 40.76 35.91 6.14
CA ARG E 138 41.45 34.88 5.39
C ARG E 138 40.57 33.63 5.36
N VAL E 139 40.01 33.31 4.19
CA VAL E 139 39.01 32.28 4.04
C VAL E 139 39.50 31.27 3.01
N ILE E 140 39.31 29.99 3.32
CA ILE E 140 39.52 28.89 2.39
C ILE E 140 38.26 28.03 2.43
N ARG E 141 37.81 27.60 1.27
CA ARG E 141 36.68 26.69 1.18
C ARG E 141 37.21 25.32 0.78
N CYS E 142 36.75 24.28 1.47
CA CYS E 142 37.14 22.94 1.05
C CYS E 142 35.91 22.05 0.91
N MET E 143 36.09 20.97 0.18
CA MET E 143 35.15 19.85 0.19
C MET E 143 35.99 18.61 0.43
N THR E 144 35.55 17.78 1.37
CA THR E 144 36.33 16.60 1.74
C THR E 144 35.30 15.46 1.82
N ASN E 145 35.62 14.41 2.58
CA ASN E 145 34.66 13.32 2.75
C ASN E 145 35.06 12.53 4.00
N THR E 146 34.14 11.66 4.43
CA THR E 146 34.34 10.98 5.70
C THR E 146 35.55 10.06 5.74
N PRO E 147 36.05 9.47 4.61
CA PRO E 147 37.25 8.62 4.70
C PRO E 147 38.52 9.29 5.20
N VAL E 148 38.51 10.61 5.44
CA VAL E 148 39.64 11.20 6.17
C VAL E 148 39.80 10.51 7.52
N VAL E 149 38.75 9.87 8.03
CA VAL E 149 38.83 9.18 9.32
C VAL E 149 39.83 8.02 9.28
N VAL E 150 40.07 7.42 8.10
CA VAL E 150 41.09 6.40 7.91
C VAL E 150 42.24 6.91 7.05
N ARG E 151 42.40 8.23 6.98
CA ARG E 151 43.47 8.88 6.23
CA ARG E 151 43.47 8.89 6.23
C ARG E 151 43.44 8.54 4.74
N GLU E 152 42.25 8.30 4.20
CA GLU E 152 42.10 8.08 2.76
C GLU E 152 41.01 9.01 2.20
N GLY E 153 40.99 10.26 2.67
CA GLY E 153 40.04 11.21 2.17
C GLY E 153 40.38 11.70 0.78
N ALA E 154 39.41 12.38 0.18
CA ALA E 154 39.58 13.08 -1.09
C ALA E 154 39.15 14.52 -0.83
N THR E 155 40.09 15.46 -0.88
CA THR E 155 39.84 16.84 -0.48
C THR E 155 40.26 17.78 -1.59
N VAL E 156 39.44 18.80 -1.84
CA VAL E 156 39.82 19.91 -2.69
C VAL E 156 39.60 21.19 -1.89
N TYR E 157 40.32 22.24 -2.28
CA TYR E 157 40.17 23.51 -1.59
C TYR E 157 40.37 24.65 -2.58
N ALA E 158 39.68 25.77 -2.32
CA ALA E 158 39.87 27.02 -3.03
C ALA E 158 40.23 28.12 -2.03
N THR E 159 41.13 29.00 -2.41
CA THR E 159 41.55 30.09 -1.54
C THR E 159 40.73 31.35 -1.79
N GLY E 160 40.45 32.08 -0.72
CA GLY E 160 39.65 33.29 -0.82
C GLY E 160 40.48 34.51 -1.19
N THR E 161 39.79 35.65 -1.20
CA THR E 161 40.38 36.89 -1.68
C THR E 161 41.59 37.31 -0.86
N HIS E 162 41.55 37.08 0.44
CA HIS E 162 42.56 37.62 1.34
C HIS E 162 43.48 36.53 1.89
N ALA E 163 43.32 35.29 1.45
CA ALA E 163 44.19 34.23 1.90
C ALA E 163 45.60 34.46 1.37
N GLN E 164 46.59 34.30 2.24
CA GLN E 164 47.97 34.44 1.79
C GLN E 164 48.42 33.17 1.05
N VAL E 165 49.52 33.30 0.31
CA VAL E 165 50.04 32.16 -0.45
C VAL E 165 50.37 31.00 0.49
N GLU E 166 50.93 31.33 1.66
CA GLU E 166 51.26 30.28 2.61
C GLU E 166 50.03 29.70 3.28
N ASP E 167 48.89 30.41 3.25
CA ASP E 167 47.66 29.85 3.78
C ASP E 167 47.25 28.63 2.99
N GLY E 168 47.29 28.73 1.65
CA GLY E 168 46.98 27.58 0.83
C GLY E 168 47.95 26.43 1.03
N ARG E 169 49.24 26.73 1.13
CA ARG E 169 50.22 25.66 1.30
C ARG E 169 50.05 24.99 2.66
N LEU E 170 49.76 25.78 3.71
CA LEU E 170 49.49 25.18 5.02
C LEU E 170 48.28 24.26 4.96
N MET E 171 47.20 24.72 4.34
CA MET E 171 45.99 23.91 4.21
CA MET E 171 46.03 23.86 4.29
C MET E 171 46.28 22.59 3.49
N GLU E 172 47.04 22.68 2.39
CA GLU E 172 47.34 21.49 1.62
C GLU E 172 48.22 20.53 2.41
N GLN E 173 49.20 21.04 3.16
CA GLN E 173 50.01 20.15 3.99
C GLN E 173 49.14 19.45 5.03
N LEU E 174 48.25 20.19 5.68
CA LEU E 174 47.37 19.60 6.70
C LEU E 174 46.44 18.56 6.11
N LEU E 175 45.74 18.89 5.03
CA LEU E 175 44.74 17.97 4.52
CA LEU E 175 44.73 17.99 4.48
C LEU E 175 45.37 16.81 3.74
N SER E 176 46.58 17.00 3.21
CA SER E 176 47.26 15.87 2.58
C SER E 176 47.61 14.78 3.59
N SER E 177 47.66 15.11 4.88
CA SER E 177 48.01 14.11 5.88
C SER E 177 46.90 13.08 6.05
N VAL E 178 45.69 13.37 5.59
CA VAL E 178 44.56 12.49 5.76
C VAL E 178 43.96 12.05 4.42
N GLY E 179 44.67 12.25 3.32
CA GLY E 179 44.20 11.75 2.04
C GLY E 179 44.74 12.59 0.89
N PHE E 180 44.12 12.41 -0.28
CA PHE E 180 44.43 13.21 -1.43
C PHE E 180 43.94 14.64 -1.21
N CYS E 181 44.73 15.61 -1.66
CA CYS E 181 44.33 17.00 -1.52
C CYS E 181 44.91 17.80 -2.68
N THR E 182 44.08 18.63 -3.32
CA THR E 182 44.59 19.50 -4.36
C THR E 182 43.78 20.80 -4.37
N GLU E 183 44.42 21.86 -4.84
CA GLU E 183 43.73 23.14 -5.01
C GLU E 183 42.91 23.11 -6.30
N VAL E 184 41.71 23.71 -6.25
CA VAL E 184 40.86 23.87 -7.42
C VAL E 184 40.33 25.29 -7.45
N GLU E 185 39.82 25.70 -8.61
CA GLU E 185 38.97 26.87 -8.68
C GLU E 185 37.64 26.58 -7.98
N GLU E 186 37.09 27.60 -7.33
CA GLU E 186 35.89 27.39 -6.53
C GLU E 186 34.74 26.88 -7.37
N ASP E 187 34.69 27.24 -8.65
CA ASP E 187 33.52 26.81 -9.41
C ASP E 187 33.52 25.31 -9.70
N LEU E 188 34.56 24.57 -9.32
CA LEU E 188 34.54 23.12 -9.41
C LEU E 188 33.98 22.44 -8.15
N ILE E 189 33.80 23.16 -7.05
CA ILE E 189 33.63 22.48 -5.77
C ILE E 189 32.26 21.80 -5.67
N ASP E 190 31.19 22.40 -6.22
CA ASP E 190 29.89 21.75 -6.14
C ASP E 190 29.89 20.43 -6.91
N ALA E 191 30.60 20.37 -8.03
CA ALA E 191 30.74 19.12 -8.76
C ALA E 191 31.57 18.10 -7.97
N VAL E 192 32.64 18.54 -7.32
CA VAL E 192 33.41 17.63 -6.47
C VAL E 192 32.52 17.06 -5.37
N THR E 193 31.68 17.91 -4.78
CA THR E 193 30.74 17.46 -3.76
C THR E 193 29.90 16.28 -4.26
N GLY E 194 29.40 16.37 -5.49
CA GLY E 194 28.57 15.30 -6.02
C GLY E 194 29.34 14.05 -6.33
N LEU E 195 30.65 14.17 -6.54
CA LEU E 195 31.49 13.02 -6.91
C LEU E 195 32.12 12.41 -5.66
N SER E 196 33.10 13.09 -5.04
CA SER E 196 33.81 12.49 -3.92
C SER E 196 33.20 12.83 -2.57
N GLY E 197 32.43 13.91 -2.48
CA GLY E 197 31.79 14.22 -1.20
C GLY E 197 30.68 13.22 -0.89
N SER E 198 29.75 13.04 -1.82
CA SER E 198 28.71 12.03 -1.70
C SER E 198 29.22 10.64 -2.04
N GLY E 199 30.34 10.54 -2.75
CA GLY E 199 30.87 9.28 -3.24
C GLY E 199 30.88 8.12 -2.27
N PRO E 200 31.35 8.33 -1.03
CA PRO E 200 31.36 7.20 -0.09
C PRO E 200 30.01 6.55 0.08
N ALA E 201 28.93 7.34 0.07
CA ALA E 201 27.58 6.77 0.20
C ALA E 201 27.24 5.87 -0.98
N TYR E 202 27.66 6.25 -2.20
CA TYR E 202 27.44 5.36 -3.33
C TYR E 202 28.21 4.05 -3.12
N ALA E 203 29.43 4.15 -2.62
CA ALA E 203 30.22 2.96 -2.36
C ALA E 203 29.59 2.10 -1.27
N PHE E 204 29.08 2.70 -0.20
CA PHE E 204 28.46 1.88 0.85
C PHE E 204 27.23 1.15 0.33
N THR E 205 26.44 1.82 -0.50
CA THR E 205 25.28 1.18 -1.14
C THR E 205 25.74 0.00 -1.98
N ALA E 206 26.76 0.23 -2.81
CA ALA E 206 27.28 -0.81 -3.69
C ALA E 206 27.81 -2.00 -2.89
N LEU E 207 28.54 -1.72 -1.79
CA LEU E 207 29.11 -2.79 -1.00
C LEU E 207 28.02 -3.61 -0.31
N ASP E 208 26.99 -2.95 0.21
CA ASP E 208 25.86 -3.67 0.77
C ASP E 208 25.24 -4.61 -0.27
N ALA E 209 25.06 -4.12 -1.50
CA ALA E 209 24.42 -4.92 -2.55
C ALA E 209 25.33 -6.05 -3.00
N LEU E 210 26.63 -5.78 -3.19
CA LEU E 210 27.57 -6.84 -3.56
C LEU E 210 27.57 -7.92 -2.51
N ALA E 211 27.51 -7.53 -1.24
CA ALA E 211 27.46 -8.53 -0.18
C ALA E 211 26.18 -9.37 -0.26
N ASP E 212 25.04 -8.72 -0.53
CA ASP E 212 23.79 -9.45 -0.76
C ASP E 212 23.95 -10.43 -1.91
N GLY E 213 24.66 -10.02 -2.96
CA GLY E 213 24.93 -10.94 -4.07
C GLY E 213 25.76 -12.13 -3.64
N GLY E 214 26.83 -11.88 -2.87
CA GLY E 214 27.58 -13.00 -2.31
C GLY E 214 26.75 -13.91 -1.43
N VAL E 215 25.90 -13.33 -0.58
CA VAL E 215 25.03 -14.16 0.26
C VAL E 215 24.08 -14.99 -0.61
N LYS E 216 23.51 -14.37 -1.64
CA LYS E 216 22.59 -15.14 -2.49
C LYS E 216 23.28 -16.36 -3.09
N MET E 217 24.54 -16.22 -3.45
CA MET E 217 25.28 -17.31 -4.08
C MET E 217 25.95 -18.24 -3.06
N GLY E 218 25.69 -18.05 -1.77
CA GLY E 218 26.06 -19.03 -0.76
C GLY E 218 27.15 -18.61 0.21
N LEU E 219 27.63 -17.36 0.16
CA LEU E 219 28.65 -16.92 1.10
C LEU E 219 28.04 -16.40 2.40
N PRO E 220 28.66 -16.70 3.54
CA PRO E 220 28.27 -16.04 4.79
C PRO E 220 28.42 -14.53 4.65
N ARG E 221 27.54 -13.80 5.34
CA ARG E 221 27.47 -12.36 5.14
CA ARG E 221 27.46 -12.35 5.18
C ARG E 221 28.78 -11.67 5.51
N ARG E 222 29.39 -12.08 6.63
CA ARG E 222 30.64 -11.43 7.08
C ARG E 222 31.75 -11.58 6.03
N LEU E 223 31.89 -12.78 5.48
CA LEU E 223 32.90 -12.99 4.43
C LEU E 223 32.59 -12.20 3.17
N ALA E 224 31.31 -12.15 2.78
CA ALA E 224 30.90 -11.42 1.59
C ALA E 224 31.19 -9.93 1.74
N VAL E 225 30.93 -9.35 2.92
CA VAL E 225 31.23 -7.93 3.14
C VAL E 225 32.73 -7.69 3.03
N ARG E 226 33.54 -8.55 3.66
CA ARG E 226 34.99 -8.40 3.67
C ARG E 226 35.56 -8.49 2.25
N LEU E 227 35.12 -9.50 1.49
CA LEU E 227 35.61 -9.69 0.13
C LEU E 227 35.18 -8.56 -0.79
N GLY E 228 33.92 -8.13 -0.70
CA GLY E 228 33.44 -7.05 -1.54
C GLY E 228 34.21 -5.77 -1.30
N ALA E 229 34.39 -5.42 -0.02
CA ALA E 229 35.11 -4.19 0.32
C ALA E 229 36.57 -4.29 -0.13
N GLN E 230 37.19 -5.45 0.10
CA GLN E 230 38.59 -5.61 -0.31
C GLN E 230 38.73 -5.51 -1.82
N ALA E 231 37.77 -6.08 -2.57
CA ALA E 231 37.80 -5.98 -4.03
C ALA E 231 37.71 -4.53 -4.49
N LEU E 232 36.82 -3.74 -3.87
CA LEU E 232 36.67 -2.35 -4.30
C LEU E 232 37.90 -1.54 -3.92
N LEU E 233 38.43 -1.75 -2.73
CA LEU E 233 39.65 -1.05 -2.32
C LEU E 233 40.79 -1.35 -3.27
N GLY E 234 41.02 -2.63 -3.56
CA GLY E 234 42.13 -3.01 -4.40
C GLY E 234 41.98 -2.47 -5.82
N ALA E 235 40.74 -2.50 -6.34
CA ALA E 235 40.53 -2.00 -7.70
C ALA E 235 40.78 -0.51 -7.76
N ALA E 236 40.27 0.21 -6.76
CA ALA E 236 40.50 1.65 -6.73
C ALA E 236 41.99 1.96 -6.61
N LYS E 237 42.71 1.21 -5.77
CA LYS E 237 44.15 1.43 -5.65
C LYS E 237 44.86 1.16 -6.97
N MET E 238 44.47 0.09 -7.68
CA MET E 238 45.07 -0.19 -8.98
C MET E 238 44.91 0.99 -9.93
N LEU E 239 43.70 1.57 -9.98
CA LEU E 239 43.47 2.66 -10.89
C LEU E 239 44.29 3.89 -10.51
N LEU E 240 44.45 4.15 -9.21
CA LEU E 240 45.25 5.29 -8.77
C LEU E 240 46.73 5.10 -9.09
N HIS E 241 47.20 3.85 -9.09
CA HIS E 241 48.60 3.56 -9.36
C HIS E 241 48.88 3.25 -10.83
N SER E 242 47.88 3.36 -11.69
CA SER E 242 48.00 2.99 -13.09
C SER E 242 47.93 4.24 -13.96
N GLU E 243 48.64 4.22 -15.09
CA GLU E 243 48.38 5.20 -16.12
C GLU E 243 47.30 4.74 -17.09
N GLN E 244 46.81 3.52 -16.94
CA GLN E 244 45.88 2.93 -17.88
C GLN E 244 44.45 3.42 -17.64
N HIS E 245 43.69 3.46 -18.72
CA HIS E 245 42.28 3.78 -18.65
C HIS E 245 41.54 2.70 -17.87
N PRO E 246 40.49 3.06 -17.10
CA PRO E 246 39.74 2.02 -16.39
C PRO E 246 39.16 0.96 -17.31
N GLY E 247 38.84 1.31 -18.55
CA GLY E 247 38.38 0.31 -19.49
C GLY E 247 39.44 -0.72 -19.83
N GLN E 248 40.71 -0.30 -19.86
CA GLN E 248 41.79 -1.27 -20.09
C GLN E 248 41.96 -2.19 -18.89
N LEU E 249 41.91 -1.65 -17.67
CA LEU E 249 41.98 -2.52 -16.50
C LEU E 249 40.82 -3.50 -16.50
N LYS E 250 39.63 -3.03 -16.86
CA LYS E 250 38.49 -3.93 -16.97
C LYS E 250 38.74 -5.02 -18.01
N ASP E 251 39.32 -4.65 -19.17
CA ASP E 251 39.60 -5.65 -20.20
C ASP E 251 40.54 -6.75 -19.70
N ASN E 252 41.49 -6.41 -18.83
CA ASN E 252 42.43 -7.38 -18.29
C ASN E 252 41.77 -8.42 -17.39
N VAL E 253 40.62 -8.10 -16.79
CA VAL E 253 39.95 -9.04 -15.90
C VAL E 253 39.23 -10.13 -16.71
N SER E 254 38.58 -9.73 -17.81
CA SER E 254 37.61 -10.59 -18.49
C SER E 254 38.30 -11.50 -19.50
N SER E 255 38.21 -12.80 -19.26
CA SER E 255 38.58 -13.78 -20.27
CA SER E 255 38.58 -13.78 -20.27
C SER E 255 37.45 -13.94 -21.28
N PRO E 256 37.78 -14.23 -22.55
CA PRO E 256 36.73 -14.44 -23.55
C PRO E 256 35.78 -15.55 -23.12
N GLY E 257 34.47 -15.27 -23.26
CA GLY E 257 33.41 -16.19 -22.89
C GLY E 257 33.24 -16.40 -21.40
N GLY E 258 33.99 -15.70 -20.55
CA GLY E 258 34.13 -16.06 -19.15
C GLY E 258 33.14 -15.42 -18.20
N ALA E 259 33.40 -15.62 -16.91
CA ALA E 259 32.47 -15.22 -15.87
C ALA E 259 32.30 -13.71 -15.80
N THR E 260 33.42 -12.98 -15.87
CA THR E 260 33.36 -11.53 -15.67
C THR E 260 32.61 -10.84 -16.81
N ILE E 261 32.87 -11.21 -18.06
CA ILE E 261 32.17 -10.55 -19.17
C ILE E 261 30.67 -10.84 -19.12
N HIS E 262 30.26 -12.05 -18.67
CA HIS E 262 28.83 -12.29 -18.47
C HIS E 262 28.24 -11.35 -17.43
N ALA E 263 28.95 -11.13 -16.32
CA ALA E 263 28.50 -10.23 -15.28
C ALA E 263 28.47 -8.78 -15.75
N LEU E 264 29.50 -8.36 -16.50
CA LEU E 264 29.49 -7.00 -17.04
C LEU E 264 28.30 -6.77 -17.96
N HIS E 265 27.90 -7.78 -18.72
CA HIS E 265 26.74 -7.61 -19.59
C HIS E 265 25.48 -7.31 -18.77
N VAL E 266 25.27 -8.01 -17.65
CA VAL E 266 24.05 -7.73 -16.92
C VAL E 266 24.10 -6.35 -16.27
N LEU E 267 25.28 -5.85 -15.89
CA LEU E 267 25.37 -4.45 -15.44
C LEU E 267 24.98 -3.49 -16.56
N GLU E 268 25.56 -3.68 -17.77
CA GLU E 268 25.22 -2.83 -18.89
C GLU E 268 23.72 -2.86 -19.19
N SER E 269 23.11 -4.05 -19.09
CA SER E 269 21.70 -4.16 -19.46
C SER E 269 20.80 -3.37 -18.52
N GLY E 270 21.26 -3.14 -17.30
CA GLY E 270 20.54 -2.31 -16.33
C GLY E 270 20.87 -0.85 -16.42
N GLY E 271 21.75 -0.44 -17.34
CA GLY E 271 22.15 0.96 -17.37
C GLY E 271 22.97 1.37 -16.15
N PHE E 272 23.76 0.44 -15.61
CA PHE E 272 24.58 0.67 -14.41
C PHE E 272 25.35 1.99 -14.50
N ARG E 273 26.05 2.22 -15.62
CA ARG E 273 26.84 3.44 -15.76
C ARG E 273 25.97 4.68 -15.64
N SER E 274 24.81 4.68 -16.31
CA SER E 274 23.98 5.86 -16.27
C SER E 274 23.49 6.17 -14.86
N LEU E 275 23.32 5.15 -14.01
CA LEU E 275 22.83 5.43 -12.65
C LEU E 275 23.86 6.20 -11.85
N LEU E 276 25.14 5.87 -12.04
CA LEU E 276 26.20 6.57 -11.34
C LEU E 276 26.35 7.99 -11.88
N ILE E 277 26.21 8.17 -13.19
CA ILE E 277 26.17 9.53 -13.75
C ILE E 277 24.99 10.30 -13.15
N ASN E 278 23.83 9.66 -13.11
CA ASN E 278 22.65 10.29 -12.51
C ASN E 278 22.92 10.74 -11.08
N ALA E 279 23.61 9.91 -10.30
CA ALA E 279 23.84 10.21 -8.89
C ALA E 279 24.74 11.44 -8.72
N VAL E 280 25.88 11.47 -9.42
CA VAL E 280 26.77 12.63 -9.33
C VAL E 280 26.02 13.89 -9.71
N GLU E 281 25.26 13.82 -10.81
CA GLU E 281 24.50 14.97 -11.26
C GLU E 281 23.49 15.41 -10.21
N ALA E 282 22.75 14.45 -9.62
CA ALA E 282 21.72 14.81 -8.65
C ALA E 282 22.32 15.45 -7.41
N SER E 283 23.43 14.90 -6.92
CA SER E 283 24.06 15.51 -5.75
C SER E 283 24.57 16.92 -6.06
N CYS E 284 25.22 17.09 -7.22
CA CYS E 284 25.71 18.40 -7.61
C CYS E 284 24.57 19.40 -7.80
N ILE E 285 23.51 18.99 -8.48
CA ILE E 285 22.40 19.91 -8.72
C ILE E 285 21.73 20.30 -7.41
N ARG E 286 21.54 19.33 -6.52
CA ARG E 286 20.92 19.64 -5.24
C ARG E 286 21.78 20.62 -4.46
N THR E 287 23.11 20.44 -4.51
CA THR E 287 24.05 21.35 -3.84
C THR E 287 23.87 22.77 -4.38
N ARG E 288 23.84 22.91 -5.72
CA ARG E 288 23.65 24.23 -6.32
C ARG E 288 22.29 24.81 -5.95
N GLU E 289 21.25 23.98 -5.98
CA GLU E 289 19.89 24.44 -5.69
C GLU E 289 19.79 24.92 -4.24
N LEU E 290 20.41 24.21 -3.31
CA LEU E 290 20.37 24.62 -1.92
C LEU E 290 21.07 25.96 -1.73
N GLN E 291 22.21 26.17 -2.40
CA GLN E 291 22.92 27.43 -2.21
C GLN E 291 22.19 28.58 -2.86
N SER E 292 21.53 28.34 -3.99
CA SER E 292 20.69 29.37 -4.59
C SER E 292 19.59 29.81 -3.63
N MET E 293 19.02 28.86 -2.87
CA MET E 293 18.02 29.23 -1.87
C MET E 293 18.65 30.04 -0.75
N ALA E 294 19.85 29.63 -0.29
CA ALA E 294 20.55 30.43 0.70
C ALA E 294 20.82 31.85 0.21
N ASP E 295 21.25 31.98 -1.06
CA ASP E 295 21.56 33.30 -1.59
C ASP E 295 20.30 34.15 -1.73
N GLN E 296 19.14 33.53 -1.94
CA GLN E 296 17.90 34.28 -2.03
C GLN E 296 17.51 34.88 -0.67
N GLU E 297 17.81 34.18 0.42
CA GLU E 297 17.48 34.67 1.76
C GLU E 297 18.52 35.64 2.31
N GLN E 298 19.76 35.58 1.84
CA GLN E 298 20.83 36.45 2.35
C GLN E 298 21.80 36.84 1.24
PA NAI F . -12.90 13.33 8.02
O1A NAI F . -13.40 13.96 6.75
O2A NAI F . -13.14 11.93 8.44
O5B NAI F . -13.73 14.23 9.19
C5B NAI F . -13.79 15.56 8.81
C4B NAI F . -14.85 16.14 9.78
O4B NAI F . -14.97 17.57 9.69
C3B NAI F . -16.24 15.54 9.39
O3B NAI F . -16.90 15.24 10.60
C2B NAI F . -16.90 16.74 8.72
O2B NAI F . -18.29 16.68 8.83
C1B NAI F . -16.35 17.81 9.70
N9A NAI F . -16.61 19.17 9.27
C8A NAI F . -16.73 19.70 7.96
N7A NAI F . -16.98 21.03 7.99
C5A NAI F . -17.02 21.34 9.35
C6A NAI F . -17.25 22.56 10.03
N6A NAI F . -17.48 23.71 9.35
N1A NAI F . -17.24 22.58 11.39
C2A NAI F . -17.00 21.39 12.02
N3A NAI F . -16.76 20.16 11.51
C4A NAI F . -16.78 20.19 10.14
O3 NAI F . -11.41 13.90 8.02
PN NAI F . -10.29 13.18 8.99
O1N NAI F . -9.59 12.02 8.36
O2N NAI F . -10.82 13.19 10.38
O5D NAI F . -9.09 14.33 9.02
C5D NAI F . -9.41 15.48 9.77
C4D NAI F . -8.09 16.25 9.97
O4D NAI F . -7.12 15.42 10.64
C3D NAI F . -7.46 16.63 8.57
O3D NAI F . -6.94 17.93 8.67
C2D NAI F . -6.33 15.62 8.40
O2D NAI F . -5.24 16.19 7.74
C1D NAI F . -5.92 15.39 9.90
N1N NAI F . -5.33 14.05 10.12
C2N NAI F . -6.00 12.87 9.72
C3N NAI F . -5.47 11.63 10.01
C7N NAI F . -6.07 10.45 9.33
O7N NAI F . -5.41 9.44 9.04
N7N NAI F . -7.43 10.46 9.01
C4N NAI F . -4.10 11.49 10.61
C5N NAI F . -3.58 12.76 11.16
C6N NAI F . -4.10 13.95 10.82
C01 GJM G . 16.34 -18.22 5.22
C02 GJM G . 15.28 -18.23 6.33
C03 GJM G . 14.32 -19.40 6.13
C04 GJM G . 13.26 -19.39 7.23
C05 GJM G . 12.63 -18.00 7.33
C06 GJM G . 13.71 -16.92 7.41
O01 GJM G . 16.32 -17.30 4.36
O02 GJM G . 17.22 -19.12 5.16
O03 GJM G . 14.55 -17.03 6.29
C1 PEG H . 17.21 21.05 6.05
O1 PEG H . 18.15 22.03 6.50
C2 PEG H . 16.58 20.32 7.20
O2 PEG H . 15.37 20.98 7.57
C3 PEG H . 14.20 20.21 7.30
C4 PEG H . 13.06 21.11 6.98
O4 PEG H . 12.49 20.78 5.71
C01 GJM I . -4.41 13.00 4.04
C02 GJM I . -4.05 12.77 5.51
C03 GJM I . -3.13 13.92 5.93
C04 GJM I . -2.55 13.67 7.33
C05 GJM I . -1.93 12.27 7.39
C06 GJM I . -2.94 11.23 6.90
O01 GJM I . -4.91 14.11 3.71
O02 GJM I . -4.20 12.12 3.17
O03 GJM I . -3.37 11.54 5.61
PA NAI J . 22.48 -19.49 12.34
O1A NAI J . 23.47 -19.85 11.26
O2A NAI J . 22.45 -18.20 13.06
O5B NAI J . 22.76 -20.63 13.56
C5B NAI J . 23.09 -21.86 13.01
C4B NAI J . 23.69 -22.59 14.23
O4B NAI J . 23.91 -24.00 13.95
C3B NAI J . 25.09 -21.95 14.52
O3B NAI J . 25.18 -21.79 15.91
C2B NAI J . 26.04 -23.06 14.02
O2B NAI J . 27.27 -23.06 14.72
C1B NAI J . 25.20 -24.28 14.46
N9A NAI J . 25.71 -25.56 13.91
C8A NAI J . 26.38 -25.84 12.68
N7A NAI J . 26.68 -27.15 12.58
C5A NAI J . 26.19 -27.72 13.77
C6A NAI J . 26.20 -29.03 14.28
N6A NAI J . 26.76 -30.05 13.56
N1A NAI J . 25.64 -29.30 15.49
C2A NAI J . 25.09 -28.26 16.16
N3A NAI J . 25.02 -26.96 15.83
C4A NAI J . 25.58 -26.74 14.60
O3 NAI J . 21.13 -20.00 11.61
PN NAI J . 19.72 -19.41 12.13
O1N NAI J . 19.29 -18.15 11.47
O2N NAI J . 19.57 -19.67 13.60
O5D NAI J . 18.62 -20.57 11.50
C5D NAI J . 18.76 -21.82 12.04
C4D NAI J . 17.50 -22.61 11.59
O4D NAI J . 16.32 -21.88 11.94
C3D NAI J . 17.49 -22.73 10.00
O3D NAI J . 17.06 -24.03 9.66
C2D NAI J . 16.46 -21.67 9.57
O2D NAI J . 15.72 -22.06 8.43
C1D NAI J . 15.49 -21.67 10.79
N1N NAI J . 14.79 -20.37 10.93
C2N NAI J . 15.49 -19.15 11.01
C3N NAI J . 14.82 -17.96 11.21
C7N NAI J . 15.59 -16.70 11.08
O7N NAI J . 15.05 -15.60 10.81
N7N NAI J . 16.96 -16.71 11.30
C4N NAI J . 13.32 -17.89 11.25
C5N NAI J . 12.68 -19.24 11.24
C6N NAI J . 13.37 -20.37 11.00
PA NAI K . -22.68 15.15 -30.00
O1A NAI K . -21.66 15.92 -30.79
O2A NAI K . -23.14 13.76 -30.26
O5B NAI K . -24.07 16.08 -30.20
C5B NAI K . -23.75 17.43 -30.24
C4B NAI K . -25.05 18.03 -30.83
O4B NAI K . -25.05 19.50 -30.76
C3B NAI K . -25.12 17.65 -32.34
O3B NAI K . -26.45 17.29 -32.60
C2B NAI K . -24.79 18.99 -33.01
O2B NAI K . -25.35 19.11 -34.28
C1B NAI K . -25.54 19.92 -32.02
N9A NAI K . -25.24 21.34 -32.23
C8A NAI K . -24.05 21.94 -32.71
N7A NAI K . -24.16 23.28 -32.78
C5A NAI K . -25.46 23.55 -32.35
C6A NAI K . -26.18 24.75 -32.20
N6A NAI K . -25.62 25.96 -32.50
N1A NAI K . -27.46 24.73 -31.74
C2A NAI K . -27.98 23.51 -31.45
N3A NAI K . -27.43 22.29 -31.54
C4A NAI K . -26.14 22.35 -31.99
O3 NAI K . -22.14 15.53 -28.52
PN NAI K . -22.60 14.58 -27.29
O1N NAI K . -21.71 13.42 -27.03
O2N NAI K . -24.10 14.55 -27.29
O5D NAI K . -22.32 15.56 -25.93
C5D NAI K . -23.06 16.70 -25.91
C4D NAI K . -22.84 17.33 -24.54
O4D NAI K . -23.11 16.33 -23.54
C3D NAI K . -21.32 17.72 -24.39
O3D NAI K . -21.28 18.97 -23.72
C2D NAI K . -20.73 16.58 -23.54
O2D NAI K . -19.71 17.02 -22.64
C1D NAI K . -21.97 16.19 -22.68
N1N NAI K . -21.92 14.79 -22.20
C2N NAI K . -21.72 13.73 -23.09
C3N NAI K . -21.76 12.42 -22.67
C7N NAI K . -21.35 11.36 -23.62
O7N NAI K . -20.88 10.27 -23.28
N7N NAI K . -21.51 11.56 -24.99
C4N NAI K . -21.90 12.08 -21.23
C5N NAI K . -22.27 13.27 -20.40
C6N NAI K . -22.13 14.52 -20.84
C01 GJM L . -10.04 -19.96 -8.57
C02 GJM L . -11.49 -19.89 -9.03
C03 GJM L . -11.64 -20.80 -10.25
C04 GJM L . -13.08 -20.76 -10.78
C05 GJM L . -13.40 -19.30 -11.12
C06 GJM L . -13.12 -18.42 -9.91
O01 GJM L . -9.34 -18.92 -8.49
O02 GJM L . -9.53 -21.08 -8.26
O03 GJM L . -11.83 -18.57 -9.37
C01 GJM M . -15.83 14.02 -23.56
C02 GJM M . -17.00 13.63 -22.66
C03 GJM M . -17.08 14.62 -21.49
C04 GJM M . -18.19 14.22 -20.52
C05 GJM M . -18.08 12.73 -20.17
C06 GJM M . -17.93 11.89 -21.43
O01 GJM M . -15.88 15.12 -24.18
O02 GJM M . -14.81 13.28 -23.68
O03 GJM M . -16.82 12.33 -22.18
PA NAI N . -14.65 -22.46 -0.63
O1A NAI N . -13.34 -22.91 -0.05
O2A NAI N . -15.39 -21.22 -0.27
O5B NAI N . -15.71 -23.70 -0.08
C5B NAI N . -15.11 -24.93 -0.26
C4B NAI N . -15.96 -25.84 0.63
O4B NAI N . -15.60 -27.24 0.52
C3B NAI N . -15.72 -25.40 2.12
O3B NAI N . -16.98 -25.27 2.70
C2B NAI N . -14.98 -26.62 2.69
O2B NAI N . -15.30 -26.83 4.03
C1B NAI N . -15.67 -27.73 1.85
N9A NAI N . -14.97 -29.00 1.92
C8A NAI N . -13.59 -29.27 2.10
N7A NAI N . -13.34 -30.60 2.12
C5A NAI N . -14.61 -31.20 1.98
C6A NAI N . -15.02 -32.54 1.95
N6A NAI N . -14.12 -33.56 2.05
N1A NAI N . -16.35 -32.85 1.79
C2A NAI N . -17.21 -31.79 1.68
N3A NAI N . -16.97 -30.47 1.70
C4A NAI N . -15.62 -30.21 1.86
O3 NAI N . -14.38 -22.77 -2.19
PN NAI N . -15.36 -22.02 -3.28
O1N NAI N . -14.95 -20.65 -3.74
O2N NAI N . -16.77 -22.39 -2.92
O5D NAI N . -15.10 -22.93 -4.67
C5D NAI N . -15.57 -24.23 -4.59
C4D NAI N . -15.55 -24.76 -6.02
O4D NAI N . -16.29 -23.84 -6.85
C3D NAI N . -14.08 -24.75 -6.57
O3D NAI N . -13.87 -25.96 -7.28
C2D NAI N . -14.04 -23.54 -7.50
O2D NAI N . -13.23 -23.72 -8.63
C1D NAI N . -15.54 -23.49 -7.99
N1N NAI N . -15.94 -22.14 -8.39
C2N NAI N . -15.76 -21.05 -7.51
C3N NAI N . -16.26 -19.80 -7.83
C7N NAI N . -15.89 -18.67 -6.94
O7N NAI N . -15.74 -17.52 -7.36
N7N NAI N . -15.72 -18.91 -5.59
C4N NAI N . -16.83 -19.50 -9.17
C5N NAI N . -16.93 -20.70 -10.04
C6N NAI N . -16.52 -21.92 -9.66
C1 PGE O . -8.64 -26.04 -26.35
O1 PGE O . -7.29 -26.11 -25.87
C2 PGE O . -9.13 -24.63 -26.15
O2 PGE O . -9.60 -24.13 -27.39
C3 PGE O . -10.84 -24.66 -27.77
C4 PGE O . -11.16 -24.17 -29.18
O4 PGE O . -8.91 -25.59 -32.14
C6 PGE O . -8.84 -24.17 -32.05
C5 PGE O . -9.97 -23.68 -31.17
O3 PGE O . -10.08 -24.52 -30.04
PA NAI P . 26.57 16.67 11.74
O1A NAI P . 25.12 17.06 11.83
O2A NAI P . 27.13 15.35 12.12
O5B NAI P . 27.38 17.74 12.80
C5B NAI P . 26.74 18.96 12.82
C4B NAI P . 27.29 19.59 14.11
O4B NAI P . 27.00 21.02 14.19
C3B NAI P . 26.58 18.92 15.33
O3B NAI P . 27.58 18.71 16.30
C2B NAI P . 25.60 20.05 15.74
O2B NAI P . 25.27 20.01 17.08
C1B NAI P . 26.55 21.23 15.51
N9A NAI P . 25.86 22.51 15.61
C8A NAI P . 24.51 22.83 15.34
N7A NAI P . 24.25 24.14 15.56
C5A NAI P . 25.49 24.67 16.00
C6A NAI P . 25.88 25.96 16.41
N6A NAI P . 25.00 27.01 16.42
N1A NAI P . 27.18 26.19 16.78
C2A NAI P . 28.01 25.12 16.76
N3A NAI P . 27.78 23.84 16.41
C4A NAI P . 26.49 23.66 16.02
O3 NAI P . 26.88 17.26 10.27
PN NAI P . 28.16 16.70 9.49
O1N NAI P . 27.93 15.49 8.63
O2N NAI P . 29.34 16.87 10.39
O5D NAI P . 28.46 17.90 8.33
C5D NAI P . 28.77 19.14 8.85
C4D NAI P . 29.27 19.96 7.66
O4D NAI P . 30.26 19.20 6.97
C3D NAI P . 28.10 20.17 6.64
O3D NAI P . 28.17 21.49 6.16
C2D NAI P . 28.38 19.16 5.53
O2D NAI P . 28.03 19.66 4.27
C1D NAI P . 29.94 19.10 5.58
N1N NAI P . 30.48 17.82 5.06
C2N NAI P . 30.05 16.59 5.57
C3N NAI P . 30.62 15.42 5.14
C7N NAI P . 29.95 14.16 5.54
O7N NAI P . 29.95 13.13 4.84
N7N NAI P . 29.26 14.09 6.75
C4N NAI P . 31.56 15.41 3.99
C5N NAI P . 32.10 16.75 3.69
C6N NAI P . 31.45 17.86 4.05
C01 GJM Q . 37.13 -14.50 -16.00
C02 GJM Q . 37.88 -14.34 -14.68
C03 GJM Q . 37.58 -15.51 -13.74
C04 GJM Q . 38.38 -15.29 -12.45
C05 GJM Q . 37.99 -13.94 -11.83
C06 GJM Q . 38.20 -12.86 -12.88
O01 GJM Q . 36.22 -13.69 -16.32
O02 GJM Q . 37.41 -15.44 -16.79
O03 GJM Q . 37.48 -13.15 -14.05
C1 PEG R . 45.73 3.08 8.81
O1 PEG R . 46.16 2.00 8.00
C2 PEG R . 44.27 2.95 9.17
O2 PEG R . 43.70 4.24 9.37
C3 PEG R . 44.42 5.04 10.30
C4 PEG R . 43.83 6.42 10.36
O4 PEG R . 42.87 6.58 11.41
C1 PEG S . 27.67 -23.24 -0.23
O1 PEG S . 27.32 -22.90 -1.57
C2 PEG S . 26.75 -22.59 0.77
O2 PEG S . 25.42 -23.07 0.61
C3 PEG S . 24.95 -23.84 1.71
C4 PEG S . 23.46 -23.70 1.80
O4 PEG S . 22.78 -24.72 1.08
#